data_2DO2
# 
_entry.id   2DO2 
# 
_audit_conform.dict_name       mmcif_pdbx.dic 
_audit_conform.dict_version    5.398 
_audit_conform.dict_location   http://mmcif.pdb.org/dictionaries/ascii/mmcif_pdbx.dic 
# 
loop_
_database_2.database_id 
_database_2.database_code 
_database_2.pdbx_database_accession 
_database_2.pdbx_DOI 
PDB   2DO2         pdb_00002do2 10.2210/pdb2do2/pdb 
RCSB  RCSB025640   ?            ?                   
WWPDB D_1000025640 ?            ?                   
# 
loop_
_pdbx_audit_revision_history.ordinal 
_pdbx_audit_revision_history.data_content_type 
_pdbx_audit_revision_history.major_revision 
_pdbx_audit_revision_history.minor_revision 
_pdbx_audit_revision_history.revision_date 
1 'Structure model' 1 0 2006-05-16 
2 'Structure model' 1 1 2008-04-30 
3 'Structure model' 1 2 2011-07-13 
4 'Structure model' 1 3 2023-10-25 
5 'Structure model' 1 4 2024-11-06 
# 
_pdbx_audit_revision_details.ordinal             1 
_pdbx_audit_revision_details.revision_ordinal    1 
_pdbx_audit_revision_details.data_content_type   'Structure model' 
_pdbx_audit_revision_details.provider            repository 
_pdbx_audit_revision_details.type                'Initial release' 
_pdbx_audit_revision_details.description         ? 
_pdbx_audit_revision_details.details             ? 
# 
loop_
_pdbx_audit_revision_group.ordinal 
_pdbx_audit_revision_group.revision_ordinal 
_pdbx_audit_revision_group.data_content_type 
_pdbx_audit_revision_group.group 
1 2 'Structure model' 'Version format compliance' 
2 3 'Structure model' 'Version format compliance' 
3 4 'Structure model' 'Data collection'           
4 4 'Structure model' 'Database references'       
5 4 'Structure model' 'Derived calculations'      
6 4 'Structure model' 'Refinement description'    
7 5 'Structure model' 'Structure summary'         
# 
loop_
_pdbx_audit_revision_category.ordinal 
_pdbx_audit_revision_category.revision_ordinal 
_pdbx_audit_revision_category.data_content_type 
_pdbx_audit_revision_category.category 
1 4 'Structure model' chem_comp_atom                
2 4 'Structure model' chem_comp_bond                
3 4 'Structure model' database_2                    
4 4 'Structure model' pdbx_initial_refinement_model 
5 4 'Structure model' struct_site                   
6 5 'Structure model' pdbx_entry_details            
7 5 'Structure model' pdbx_modification_feature     
# 
loop_
_pdbx_audit_revision_item.ordinal 
_pdbx_audit_revision_item.revision_ordinal 
_pdbx_audit_revision_item.data_content_type 
_pdbx_audit_revision_item.item 
1 4 'Structure model' '_database_2.pdbx_DOI'                
2 4 'Structure model' '_database_2.pdbx_database_accession' 
3 4 'Structure model' '_struct_site.pdbx_auth_asym_id'      
4 4 'Structure model' '_struct_site.pdbx_auth_comp_id'      
5 4 'Structure model' '_struct_site.pdbx_auth_seq_id'       
# 
_pdbx_database_status.status_code                     REL 
_pdbx_database_status.entry_id                        2DO2 
_pdbx_database_status.recvd_initial_deposition_date   2006-04-27 
_pdbx_database_status.deposit_site                    PDBJ 
_pdbx_database_status.process_site                    PDBJ 
_pdbx_database_status.status_code_sf                  ? 
_pdbx_database_status.status_code_mr                  ? 
_pdbx_database_status.SG_entry                        ? 
_pdbx_database_status.pdb_format_compatible           Y 
_pdbx_database_status.status_code_cs                  ? 
_pdbx_database_status.status_code_nmr_data            ? 
_pdbx_database_status.methods_development_category    ? 
# 
_pdbx_database_related.db_name        PDB 
_pdbx_database_related.db_id          1Q6V 
_pdbx_database_related.details        
'First crystal structure of a C49 monomer PLA2 from the venom of Daboia russelli pulchella at 1.8 A resolution' 
_pdbx_database_related.content_type   unspecified 
# 
loop_
_audit_author.name 
_audit_author.pdbx_ordinal 
'Singh, N.'       1 
'Sharma, S.'      2 
'Somvanshi, R.K.' 3 
'Dey, S.'         4 
'Singh, T.P.'     5 
# 
_citation.id                        primary 
_citation.title                     
;Design of specific inhibitors of phospholipase A2: Crystal structure of the complex formed between a group II Cys 49 phospholipase A2 and a designed pentapeptide Ala-Leu-Ala-Ser-Lys at 2.6A resolution
;
_citation.journal_abbrev            'To be Published' 
_citation.journal_volume            ? 
_citation.page_first                ? 
_citation.page_last                 ? 
_citation.year                      ? 
_citation.journal_id_ASTM           ? 
_citation.country                   ? 
_citation.journal_id_ISSN           ? 
_citation.journal_id_CSD            0353 
_citation.book_publisher            ? 
_citation.pdbx_database_id_PubMed   ? 
_citation.pdbx_database_id_DOI      ? 
# 
loop_
_citation_author.citation_id 
_citation_author.name 
_citation_author.ordinal 
_citation_author.identifier_ORCID 
primary 'Singh, N.'       1 ? 
primary 'Sharma, S.'      2 ? 
primary 'Somvanshi, R.K.' 3 ? 
primary 'Dey, S.'         4 ? 
primary 'Singh, T.P.'     5 ? 
# 
loop_
_entity.id 
_entity.type 
_entity.src_method 
_entity.pdbx_description 
_entity.formula_weight 
_entity.pdbx_number_of_molecules 
_entity.pdbx_ec 
_entity.pdbx_mutation 
_entity.pdbx_fragment 
_entity.details 
1 polymer     nat 'Phospholipase A2 VRV-PL-VIIIa' 13492.652 1  3.1.1.4 ? ? ? 
2 polymer     syn Ala-Leu-Ala-Ser-Lys             489.586   1  ?       ? ? ? 
3 non-polymer syn 'SULFATE ION'                   96.063    1  ?       ? ? ? 
4 water       nat water                           18.015    99 ?       ? ? ? 
# 
_entity_name_com.entity_id   1 
_entity_name_com.name        'Phosphatidylcholine 2-acylhydrolase, DPLA2' 
# 
loop_
_entity_poly.entity_id 
_entity_poly.type 
_entity_poly.nstd_linkage 
_entity_poly.nstd_monomer 
_entity_poly.pdbx_seq_one_letter_code 
_entity_poly.pdbx_seq_one_letter_code_can 
_entity_poly.pdbx_strand_id 
_entity_poly.pdbx_target_identifier 
1 'polypeptide(L)' no no 
;SLLEFGKMILEETGKLAIPSYSSYGCYCGGCGSGTPKDATDRCCFVHCCCYGNLPDCNPKSDRYKYKRVNGAIVCEKGTS
CENRICECDKAAAICFRQNLNTYSKKYMLYPDFLCKGELKC
;
;SLLEFGKMILEETGKLAIPSYSSYGCYCGGCGSGTPKDATDRCCFVHCCCYGNLPDCNPKSDRYKYKRVNGAIVCEKGTS
CENRICECDKAAAICFRQNLNTYSKKYMLYPDFLCKGELKC
;
A ? 
2 'polypeptide(L)' no no ALASK ALASK P ? 
# 
loop_
_pdbx_entity_nonpoly.entity_id 
_pdbx_entity_nonpoly.name 
_pdbx_entity_nonpoly.comp_id 
3 'SULFATE ION' SO4 
4 water         HOH 
# 
loop_
_entity_poly_seq.entity_id 
_entity_poly_seq.num 
_entity_poly_seq.mon_id 
_entity_poly_seq.hetero 
1 1   SER n 
1 2   LEU n 
1 3   LEU n 
1 4   GLU n 
1 5   PHE n 
1 6   GLY n 
1 7   LYS n 
1 8   MET n 
1 9   ILE n 
1 10  LEU n 
1 11  GLU n 
1 12  GLU n 
1 13  THR n 
1 14  GLY n 
1 15  LYS n 
1 16  LEU n 
1 17  ALA n 
1 18  ILE n 
1 19  PRO n 
1 20  SER n 
1 21  TYR n 
1 22  SER n 
1 23  SER n 
1 24  TYR n 
1 25  GLY n 
1 26  CYS n 
1 27  TYR n 
1 28  CYS n 
1 29  GLY n 
1 30  GLY n 
1 31  CYS n 
1 32  GLY n 
1 33  SER n 
1 34  GLY n 
1 35  THR n 
1 36  PRO n 
1 37  LYS n 
1 38  ASP n 
1 39  ALA n 
1 40  THR n 
1 41  ASP n 
1 42  ARG n 
1 43  CYS n 
1 44  CYS n 
1 45  PHE n 
1 46  VAL n 
1 47  HIS n 
1 48  CYS n 
1 49  CYS n 
1 50  CYS n 
1 51  TYR n 
1 52  GLY n 
1 53  ASN n 
1 54  LEU n 
1 55  PRO n 
1 56  ASP n 
1 57  CYS n 
1 58  ASN n 
1 59  PRO n 
1 60  LYS n 
1 61  SER n 
1 62  ASP n 
1 63  ARG n 
1 64  TYR n 
1 65  LYS n 
1 66  TYR n 
1 67  LYS n 
1 68  ARG n 
1 69  VAL n 
1 70  ASN n 
1 71  GLY n 
1 72  ALA n 
1 73  ILE n 
1 74  VAL n 
1 75  CYS n 
1 76  GLU n 
1 77  LYS n 
1 78  GLY n 
1 79  THR n 
1 80  SER n 
1 81  CYS n 
1 82  GLU n 
1 83  ASN n 
1 84  ARG n 
1 85  ILE n 
1 86  CYS n 
1 87  GLU n 
1 88  CYS n 
1 89  ASP n 
1 90  LYS n 
1 91  ALA n 
1 92  ALA n 
1 93  ALA n 
1 94  ILE n 
1 95  CYS n 
1 96  PHE n 
1 97  ARG n 
1 98  GLN n 
1 99  ASN n 
1 100 LEU n 
1 101 ASN n 
1 102 THR n 
1 103 TYR n 
1 104 SER n 
1 105 LYS n 
1 106 LYS n 
1 107 TYR n 
1 108 MET n 
1 109 LEU n 
1 110 TYR n 
1 111 PRO n 
1 112 ASP n 
1 113 PHE n 
1 114 LEU n 
1 115 CYS n 
1 116 LYS n 
1 117 GLY n 
1 118 GLU n 
1 119 LEU n 
1 120 LYS n 
1 121 CYS n 
2 1   ALA n 
2 2   LEU n 
2 3   ALA n 
2 4   SER n 
2 5   LYS n 
# 
_entity_src_nat.entity_id                  1 
_entity_src_nat.pdbx_src_id                1 
_entity_src_nat.pdbx_alt_source_flag       sample 
_entity_src_nat.pdbx_beg_seq_num           ? 
_entity_src_nat.pdbx_end_seq_num           ? 
_entity_src_nat.common_name                ? 
_entity_src_nat.pdbx_organism_scientific   'Daboia russellii pulchella' 
_entity_src_nat.pdbx_ncbi_taxonomy_id      97228 
_entity_src_nat.genus                      Daboia 
_entity_src_nat.species                    'Daboia russellii' 
_entity_src_nat.strain                     pulchella 
_entity_src_nat.tissue                     ? 
_entity_src_nat.tissue_fraction            ? 
_entity_src_nat.pdbx_secretion             ? 
_entity_src_nat.pdbx_fragment              ? 
_entity_src_nat.pdbx_variant               ? 
_entity_src_nat.pdbx_cell_line             ? 
_entity_src_nat.pdbx_atcc                  ? 
_entity_src_nat.pdbx_cellular_location     ? 
_entity_src_nat.pdbx_organ                 ? 
_entity_src_nat.pdbx_organelle             ? 
_entity_src_nat.pdbx_cell                  ? 
_entity_src_nat.pdbx_plasmid_name          ? 
_entity_src_nat.pdbx_plasmid_details       ? 
_entity_src_nat.details                    ? 
# 
_pdbx_entity_src_syn.entity_id              2 
_pdbx_entity_src_syn.pdbx_src_id            1 
_pdbx_entity_src_syn.pdbx_alt_source_flag   sample 
_pdbx_entity_src_syn.pdbx_beg_seq_num       ? 
_pdbx_entity_src_syn.pdbx_end_seq_num       ? 
_pdbx_entity_src_syn.organism_scientific    ? 
_pdbx_entity_src_syn.organism_common_name   ? 
_pdbx_entity_src_syn.ncbi_taxonomy_id       ? 
_pdbx_entity_src_syn.details                'The peptide was chemically synthesized.' 
# 
loop_
_chem_comp.id 
_chem_comp.type 
_chem_comp.mon_nstd_flag 
_chem_comp.name 
_chem_comp.pdbx_synonyms 
_chem_comp.formula 
_chem_comp.formula_weight 
ALA 'L-peptide linking' y ALANINE         ? 'C3 H7 N O2'     89.093  
ARG 'L-peptide linking' y ARGININE        ? 'C6 H15 N4 O2 1' 175.209 
ASN 'L-peptide linking' y ASPARAGINE      ? 'C4 H8 N2 O3'    132.118 
ASP 'L-peptide linking' y 'ASPARTIC ACID' ? 'C4 H7 N O4'     133.103 
CYS 'L-peptide linking' y CYSTEINE        ? 'C3 H7 N O2 S'   121.158 
GLN 'L-peptide linking' y GLUTAMINE       ? 'C5 H10 N2 O3'   146.144 
GLU 'L-peptide linking' y 'GLUTAMIC ACID' ? 'C5 H9 N O4'     147.129 
GLY 'peptide linking'   y GLYCINE         ? 'C2 H5 N O2'     75.067  
HIS 'L-peptide linking' y HISTIDINE       ? 'C6 H10 N3 O2 1' 156.162 
HOH non-polymer         . WATER           ? 'H2 O'           18.015  
ILE 'L-peptide linking' y ISOLEUCINE      ? 'C6 H13 N O2'    131.173 
LEU 'L-peptide linking' y LEUCINE         ? 'C6 H13 N O2'    131.173 
LYS 'L-peptide linking' y LYSINE          ? 'C6 H15 N2 O2 1' 147.195 
MET 'L-peptide linking' y METHIONINE      ? 'C5 H11 N O2 S'  149.211 
PHE 'L-peptide linking' y PHENYLALANINE   ? 'C9 H11 N O2'    165.189 
PRO 'L-peptide linking' y PROLINE         ? 'C5 H9 N O2'     115.130 
SER 'L-peptide linking' y SERINE          ? 'C3 H7 N O3'     105.093 
SO4 non-polymer         . 'SULFATE ION'   ? 'O4 S -2'        96.063  
THR 'L-peptide linking' y THREONINE       ? 'C4 H9 N O3'     119.119 
TRP 'L-peptide linking' y TRYPTOPHAN      ? 'C11 H12 N2 O2'  204.225 
TYR 'L-peptide linking' y TYROSINE        ? 'C9 H11 N O3'    181.189 
VAL 'L-peptide linking' y VALINE          ? 'C5 H11 N O2'    117.146 
# 
loop_
_pdbx_poly_seq_scheme.asym_id 
_pdbx_poly_seq_scheme.entity_id 
_pdbx_poly_seq_scheme.seq_id 
_pdbx_poly_seq_scheme.mon_id 
_pdbx_poly_seq_scheme.ndb_seq_num 
_pdbx_poly_seq_scheme.pdb_seq_num 
_pdbx_poly_seq_scheme.auth_seq_num 
_pdbx_poly_seq_scheme.pdb_mon_id 
_pdbx_poly_seq_scheme.auth_mon_id 
_pdbx_poly_seq_scheme.pdb_strand_id 
_pdbx_poly_seq_scheme.pdb_ins_code 
_pdbx_poly_seq_scheme.hetero 
A 1 1   SER 1   1   1   SER SER A . n 
A 1 2   LEU 2   2   2   LEU LEU A . n 
A 1 3   LEU 3   3   3   LEU LEU A . n 
A 1 4   GLU 4   4   4   GLU GLU A . n 
A 1 5   PHE 5   5   5   PHE PHE A . n 
A 1 6   GLY 6   6   6   GLY GLY A . n 
A 1 7   LYS 7   7   7   LYS LYS A . n 
A 1 8   MET 8   8   8   MET MET A . n 
A 1 9   ILE 9   9   9   ILE ILE A . n 
A 1 10  LEU 10  10  10  LEU LEU A . n 
A 1 11  GLU 11  11  11  GLU GLU A . n 
A 1 12  GLU 12  12  12  GLU GLU A . n 
A 1 13  THR 13  13  13  THR THR A . n 
A 1 14  GLY 14  14  14  GLY GLY A . n 
A 1 15  LYS 15  16  16  LYS LYS A . n 
A 1 16  LEU 16  17  17  LEU LEU A . n 
A 1 17  ALA 17  18  18  ALA ALA A . n 
A 1 18  ILE 18  19  19  ILE ILE A . n 
A 1 19  PRO 19  20  20  PRO PRO A . n 
A 1 20  SER 20  21  21  SER SER A . n 
A 1 21  TYR 21  22  22  TYR TYR A . n 
A 1 22  SER 22  23  23  SER SER A . n 
A 1 23  SER 23  24  24  SER SER A . n 
A 1 24  TYR 24  25  25  TYR TYR A . n 
A 1 25  GLY 25  26  26  GLY GLY A . n 
A 1 26  CYS 26  27  27  CYS CYS A . n 
A 1 27  TYR 27  28  28  TYR TYR A . n 
A 1 28  CYS 28  29  29  CYS CYS A . n 
A 1 29  GLY 29  30  30  GLY GLY A . n 
A 1 30  GLY 30  31  31  GLY GLY A . n 
A 1 31  CYS 31  32  32  CYS CYS A . n 
A 1 32  GLY 32  33  33  GLY GLY A . n 
A 1 33  SER 33  34  34  SER SER A . n 
A 1 34  GLY 34  35  35  GLY GLY A . n 
A 1 35  THR 35  36  36  THR THR A . n 
A 1 36  PRO 36  37  37  PRO PRO A . n 
A 1 37  LYS 37  38  38  LYS LYS A . n 
A 1 38  ASP 38  39  39  ASP ASP A . n 
A 1 39  ALA 39  40  40  ALA ALA A . n 
A 1 40  THR 40  41  41  THR THR A . n 
A 1 41  ASP 41  42  42  ASP ASP A . n 
A 1 42  ARG 42  43  43  ARG ARG A . n 
A 1 43  CYS 43  44  44  CYS CYS A . n 
A 1 44  CYS 44  45  45  CYS CYS A . n 
A 1 45  PHE 45  46  46  PHE PHE A . n 
A 1 46  VAL 46  47  47  VAL VAL A . n 
A 1 47  HIS 47  48  48  HIS HIS A . n 
A 1 48  CYS 48  49  49  CYS CYS A . n 
A 1 49  CYS 49  50  50  CYS CYS A . n 
A 1 50  CYS 50  51  51  CYS CYS A . n 
A 1 51  TYR 51  52  52  TYR TYR A . n 
A 1 52  GLY 52  53  53  GLY GLY A . n 
A 1 53  ASN 53  54  54  ASN ASN A . n 
A 1 54  LEU 54  55  55  LEU LEU A . n 
A 1 55  PRO 55  56  56  PRO PRO A . n 
A 1 56  ASP 56  59  59  ASP ASP A . n 
A 1 57  CYS 57  61  61  CYS CYS A . n 
A 1 58  ASN 58  67  67  ASN ASN A . n 
A 1 59  PRO 59  68  68  PRO PRO A . n 
A 1 60  LYS 60  69  69  LYS LYS A . n 
A 1 61  SER 61  70  70  SER SER A . n 
A 1 62  ASP 62  71  71  ASP ASP A . n 
A 1 63  ARG 63  72  72  ARG ARG A . n 
A 1 64  TYR 64  73  73  TYR TYR A . n 
A 1 65  LYS 65  74  74  LYS LYS A . n 
A 1 66  TYR 66  75  75  TYR TYR A . n 
A 1 67  LYS 67  76  76  LYS LYS A . n 
A 1 68  ARG 68  77  77  ARG ARG A . n 
A 1 69  VAL 69  78  78  VAL VAL A . n 
A 1 70  ASN 70  79  79  ASN ASN A . n 
A 1 71  GLY 71  80  80  GLY GLY A . n 
A 1 72  ALA 72  81  81  ALA ALA A . n 
A 1 73  ILE 73  82  82  ILE ILE A . n 
A 1 74  VAL 74  83  83  VAL VAL A . n 
A 1 75  CYS 75  84  84  CYS CYS A . n 
A 1 76  GLU 76  85  85  GLU GLU A . n 
A 1 77  LYS 77  86  86  LYS LYS A . n 
A 1 78  GLY 78  88  88  GLY GLY A . n 
A 1 79  THR 79  89  89  THR THR A . n 
A 1 80  SER 80  90  90  SER SER A . n 
A 1 81  CYS 81  91  91  CYS CYS A . n 
A 1 82  GLU 82  92  92  GLU GLU A . n 
A 1 83  ASN 83  93  93  ASN ASN A . n 
A 1 84  ARG 84  94  94  ARG ARG A . n 
A 1 85  ILE 85  95  95  ILE ILE A . n 
A 1 86  CYS 86  96  96  CYS CYS A . n 
A 1 87  GLU 87  97  97  GLU GLU A . n 
A 1 88  CYS 88  98  98  CYS CYS A . n 
A 1 89  ASP 89  99  99  ASP ASP A . n 
A 1 90  LYS 90  100 100 LYS LYS A . n 
A 1 91  ALA 91  101 101 ALA ALA A . n 
A 1 92  ALA 92  102 102 ALA ALA A . n 
A 1 93  ALA 93  103 103 ALA ALA A . n 
A 1 94  ILE 94  104 104 ILE ILE A . n 
A 1 95  CYS 95  105 105 CYS CYS A . n 
A 1 96  PHE 96  106 106 PHE PHE A . n 
A 1 97  ARG 97  107 107 ARG ARG A . n 
A 1 98  GLN 98  108 108 GLN GLN A . n 
A 1 99  ASN 99  109 109 ASN ASN A . n 
A 1 100 LEU 100 110 110 LEU LEU A . n 
A 1 101 ASN 101 111 111 ASN ASN A . n 
A 1 102 THR 102 112 112 THR THR A . n 
A 1 103 TYR 103 113 113 TYR TYR A . n 
A 1 104 SER 104 114 114 SER SER A . n 
A 1 105 LYS 105 115 115 LYS LYS A . n 
A 1 106 LYS 106 116 116 LYS LYS A . n 
A 1 107 TYR 107 117 117 TYR TYR A . n 
A 1 108 MET 108 118 118 MET MET A . n 
A 1 109 LEU 109 119 119 LEU LEU A . n 
A 1 110 TYR 110 120 120 TYR TYR A . n 
A 1 111 PRO 111 121 121 PRO PRO A . n 
A 1 112 ASP 112 122 122 ASP ASP A . n 
A 1 113 PHE 113 124 124 PHE PHE A . n 
A 1 114 LEU 114 125 125 LEU LEU A . n 
A 1 115 CYS 115 126 126 CYS CYS A . n 
A 1 116 LYS 116 127 127 LYS LYS A . n 
A 1 117 GLY 117 128 128 GLY GLY A . n 
A 1 118 GLU 118 129 129 GLU GLU A . n 
A 1 119 LEU 119 130 130 LEU LEU A . n 
A 1 120 LYS 120 131 131 LYS LYS A . n 
A 1 121 CYS 121 133 133 CYS CYS A . n 
B 2 1   ALA 1   1   1   ALA ALA P . n 
B 2 2   LEU 2   2   2   LEU LEU P . n 
B 2 3   ALA 3   3   3   ALA ALA P . n 
B 2 4   SER 4   4   4   SER SER P . n 
B 2 5   LYS 5   5   5   LYS LYS P . n 
# 
loop_
_pdbx_nonpoly_scheme.asym_id 
_pdbx_nonpoly_scheme.entity_id 
_pdbx_nonpoly_scheme.mon_id 
_pdbx_nonpoly_scheme.ndb_seq_num 
_pdbx_nonpoly_scheme.pdb_seq_num 
_pdbx_nonpoly_scheme.auth_seq_num 
_pdbx_nonpoly_scheme.pdb_mon_id 
_pdbx_nonpoly_scheme.auth_mon_id 
_pdbx_nonpoly_scheme.pdb_strand_id 
_pdbx_nonpoly_scheme.pdb_ins_code 
C 3 SO4 1  201 201 SO4 SO4 A . 
D 4 HOH 1  202 1   HOH HOH A . 
D 4 HOH 2  203 2   HOH HOH A . 
D 4 HOH 3  204 3   HOH HOH A . 
D 4 HOH 4  205 4   HOH HOH A . 
D 4 HOH 5  206 5   HOH HOH A . 
D 4 HOH 6  207 6   HOH HOH A . 
D 4 HOH 7  208 7   HOH HOH A . 
D 4 HOH 8  209 8   HOH HOH A . 
D 4 HOH 9  210 9   HOH HOH A . 
D 4 HOH 10 211 10  HOH HOH A . 
D 4 HOH 11 212 11  HOH HOH A . 
D 4 HOH 12 213 12  HOH HOH A . 
D 4 HOH 13 214 13  HOH HOH A . 
D 4 HOH 14 215 14  HOH HOH A . 
D 4 HOH 15 216 15  HOH HOH A . 
D 4 HOH 16 217 16  HOH HOH A . 
D 4 HOH 17 218 17  HOH HOH A . 
D 4 HOH 18 219 18  HOH HOH A . 
D 4 HOH 19 220 19  HOH HOH A . 
D 4 HOH 20 221 20  HOH HOH A . 
D 4 HOH 21 222 21  HOH HOH A . 
D 4 HOH 22 223 22  HOH HOH A . 
D 4 HOH 23 224 23  HOH HOH A . 
D 4 HOH 24 225 24  HOH HOH A . 
D 4 HOH 25 226 25  HOH HOH A . 
D 4 HOH 26 227 26  HOH HOH A . 
D 4 HOH 27 228 27  HOH HOH A . 
D 4 HOH 28 229 28  HOH HOH A . 
D 4 HOH 29 230 29  HOH HOH A . 
D 4 HOH 30 231 30  HOH HOH A . 
D 4 HOH 31 232 31  HOH HOH A . 
D 4 HOH 32 233 32  HOH HOH A . 
D 4 HOH 33 234 33  HOH HOH A . 
D 4 HOH 34 235 34  HOH HOH A . 
D 4 HOH 35 236 35  HOH HOH A . 
D 4 HOH 36 237 36  HOH HOH A . 
D 4 HOH 37 238 37  HOH HOH A . 
D 4 HOH 38 239 38  HOH HOH A . 
D 4 HOH 39 240 39  HOH HOH A . 
D 4 HOH 40 241 40  HOH HOH A . 
D 4 HOH 41 242 41  HOH HOH A . 
D 4 HOH 42 243 42  HOH HOH A . 
D 4 HOH 43 244 43  HOH HOH A . 
D 4 HOH 44 245 44  HOH HOH A . 
D 4 HOH 45 246 45  HOH HOH A . 
D 4 HOH 46 247 46  HOH HOH A . 
D 4 HOH 47 248 47  HOH HOH A . 
D 4 HOH 48 249 48  HOH HOH A . 
D 4 HOH 49 250 49  HOH HOH A . 
D 4 HOH 50 251 50  HOH HOH A . 
D 4 HOH 51 252 51  HOH HOH A . 
D 4 HOH 52 253 52  HOH HOH A . 
D 4 HOH 53 254 53  HOH HOH A . 
D 4 HOH 54 255 54  HOH HOH A . 
D 4 HOH 55 256 55  HOH HOH A . 
D 4 HOH 56 257 56  HOH HOH A . 
D 4 HOH 57 258 57  HOH HOH A . 
D 4 HOH 58 259 58  HOH HOH A . 
D 4 HOH 59 260 60  HOH HOH A . 
D 4 HOH 60 261 61  HOH HOH A . 
D 4 HOH 61 262 62  HOH HOH A . 
D 4 HOH 62 263 63  HOH HOH A . 
D 4 HOH 63 264 64  HOH HOH A . 
D 4 HOH 64 265 66  HOH HOH A . 
D 4 HOH 65 266 67  HOH HOH A . 
D 4 HOH 66 267 68  HOH HOH A . 
D 4 HOH 67 268 69  HOH HOH A . 
D 4 HOH 68 269 70  HOH HOH A . 
D 4 HOH 69 270 71  HOH HOH A . 
D 4 HOH 70 271 72  HOH HOH A . 
D 4 HOH 71 272 73  HOH HOH A . 
D 4 HOH 72 273 74  HOH HOH A . 
D 4 HOH 73 274 75  HOH HOH A . 
D 4 HOH 74 275 76  HOH HOH A . 
D 4 HOH 75 276 77  HOH HOH A . 
D 4 HOH 76 277 78  HOH HOH A . 
D 4 HOH 77 278 79  HOH HOH A . 
D 4 HOH 78 279 80  HOH HOH A . 
D 4 HOH 79 280 81  HOH HOH A . 
D 4 HOH 80 281 82  HOH HOH A . 
D 4 HOH 81 282 83  HOH HOH A . 
D 4 HOH 82 283 84  HOH HOH A . 
D 4 HOH 83 284 85  HOH HOH A . 
D 4 HOH 84 285 86  HOH HOH A . 
D 4 HOH 85 286 87  HOH HOH A . 
D 4 HOH 86 287 88  HOH HOH A . 
D 4 HOH 87 288 89  HOH HOH A . 
D 4 HOH 88 289 90  HOH HOH A . 
D 4 HOH 89 290 91  HOH HOH A . 
D 4 HOH 90 291 92  HOH HOH A . 
D 4 HOH 91 292 93  HOH HOH A . 
D 4 HOH 92 293 94  HOH HOH A . 
D 4 HOH 93 294 95  HOH HOH A . 
D 4 HOH 94 295 96  HOH HOH A . 
D 4 HOH 95 296 97  HOH HOH A . 
D 4 HOH 96 297 98  HOH HOH A . 
D 4 HOH 97 298 99  HOH HOH A . 
E 4 HOH 1  59  59  HOH HOH P . 
E 4 HOH 2  65  65  HOH HOH P . 
# 
loop_
_software.name 
_software.classification 
_software.version 
_software.citation_id 
_software.pdbx_ordinal 
CNS       refinement       0.9 ? 1 
DENZO     'data reduction' .   ? 2 
SCALEPACK 'data scaling'   .   ? 3 
AMoRE     phasing          .   ? 4 
# 
_cell.entry_id           2DO2 
_cell.length_a           53.120 
_cell.length_b           53.120 
_cell.length_c           48.460 
_cell.angle_alpha        90.00 
_cell.angle_beta         90.00 
_cell.angle_gamma        90.00 
_cell.Z_PDB              4 
_cell.pdbx_unique_axis   ? 
_cell.length_a_esd       ? 
_cell.length_b_esd       ? 
_cell.length_c_esd       ? 
_cell.angle_alpha_esd    ? 
_cell.angle_beta_esd     ? 
_cell.angle_gamma_esd    ? 
# 
_symmetry.entry_id                         2DO2 
_symmetry.space_group_name_H-M             'P 43' 
_symmetry.pdbx_full_space_group_name_H-M   ? 
_symmetry.cell_setting                     ? 
_symmetry.Int_Tables_number                78 
_symmetry.space_group_name_Hall            ? 
# 
_exptl.entry_id          2DO2 
_exptl.method            'X-RAY DIFFRACTION' 
_exptl.crystals_number   1 
# 
_exptl_crystal.id                    1 
_exptl_crystal.density_meas          ? 
_exptl_crystal.density_Matthews      2.44 
_exptl_crystal.density_percent_sol   49.67 
_exptl_crystal.description           ? 
_exptl_crystal.F_000                 ? 
_exptl_crystal.preparation           ? 
# 
_exptl_crystal_grow.crystal_id      1 
_exptl_crystal_grow.method          'VAPOR DIFFUSION, HANGING DROP' 
_exptl_crystal_grow.temp            298 
_exptl_crystal_grow.temp_details    ? 
_exptl_crystal_grow.pH              6.8 
_exptl_crystal_grow.pdbx_details    '0.2M ammonium sulphate, PEG 4000, pH 6.8, VAPOR DIFFUSION, HANGING DROP, temperature 298K' 
_exptl_crystal_grow.pdbx_pH_range   . 
# 
_diffrn.id                     1 
_diffrn.ambient_temp           291 
_diffrn.ambient_temp_details   ? 
_diffrn.crystal_id             1 
# 
_diffrn_detector.diffrn_id              1 
_diffrn_detector.detector               'IMAGE PLATE' 
_diffrn_detector.type                   MARRESEARCH 
_diffrn_detector.pdbx_collection_date   2006-03-22 
_diffrn_detector.details                ? 
# 
_diffrn_radiation.diffrn_id                        1 
_diffrn_radiation.wavelength_id                    1 
_diffrn_radiation.pdbx_monochromatic_or_laue_m_l   M 
_diffrn_radiation.monochromator                    graphite 
_diffrn_radiation.pdbx_diffrn_protocol             'SINGLE WAVELENGTH' 
_diffrn_radiation.pdbx_scattering_type             x-ray 
# 
_diffrn_radiation_wavelength.id           1 
_diffrn_radiation_wavelength.wavelength   1.5418 
_diffrn_radiation_wavelength.wt           1.0 
# 
_diffrn_source.diffrn_id                   1 
_diffrn_source.source                      'ROTATING ANODE' 
_diffrn_source.type                        'RIGAKU RU300' 
_diffrn_source.pdbx_synchrotron_site       ? 
_diffrn_source.pdbx_synchrotron_beamline   ? 
_diffrn_source.pdbx_wavelength             1.5418 
_diffrn_source.pdbx_wavelength_list        ? 
# 
_reflns.entry_id                     2DO2 
_reflns.observed_criterion_sigma_I   0 
_reflns.observed_criterion_sigma_F   0 
_reflns.d_resolution_low             20 
_reflns.d_resolution_high            2.6 
_reflns.number_obs                   4117 
_reflns.number_all                   4117 
_reflns.percent_possible_obs         96.6 
_reflns.pdbx_Rmerge_I_obs            ? 
_reflns.pdbx_Rsym_value              ? 
_reflns.pdbx_netI_over_sigmaI        ? 
_reflns.B_iso_Wilson_estimate        37.3 
_reflns.pdbx_redundancy              ? 
_reflns.R_free_details               ? 
_reflns.limit_h_max                  ? 
_reflns.limit_h_min                  ? 
_reflns.limit_k_max                  ? 
_reflns.limit_k_min                  ? 
_reflns.limit_l_max                  ? 
_reflns.limit_l_min                  ? 
_reflns.observed_criterion_F_max     ? 
_reflns.observed_criterion_F_min     ? 
_reflns.pdbx_chi_squared             ? 
_reflns.pdbx_scaling_rejects         ? 
_reflns.pdbx_diffrn_id               1 
_reflns.pdbx_ordinal                 1 
# 
_reflns_shell.d_res_high             2.60 
_reflns_shell.d_res_low              2.64 
_reflns_shell.percent_possible_all   100 
_reflns_shell.Rmerge_I_obs           ? 
_reflns_shell.pdbx_Rsym_value        ? 
_reflns_shell.meanI_over_sigI_obs    ? 
_reflns_shell.pdbx_redundancy        ? 
_reflns_shell.percent_possible_obs   ? 
_reflns_shell.number_unique_all      ? 
_reflns_shell.number_measured_all    ? 
_reflns_shell.number_measured_obs    ? 
_reflns_shell.number_unique_obs      ? 
_reflns_shell.pdbx_chi_squared       ? 
_reflns_shell.pdbx_diffrn_id         ? 
_reflns_shell.pdbx_ordinal           1 
# 
_refine.entry_id                                 2DO2 
_refine.ls_number_reflns_obs                     4108 
_refine.ls_number_reflns_all                     4117 
_refine.pdbx_ls_sigma_I                          ? 
_refine.pdbx_ls_sigma_F                          0.0 
_refine.pdbx_data_cutoff_high_absF               70939.59 
_refine.pdbx_data_cutoff_low_absF                0.000000 
_refine.pdbx_data_cutoff_high_rms_absF           ? 
_refine.ls_d_res_low                             18.78 
_refine.ls_d_res_high                            2.60 
_refine.ls_percent_reflns_obs                    96.9 
_refine.ls_R_factor_obs                          0.159 
_refine.ls_R_factor_all                          ? 
_refine.ls_R_factor_R_work                       0.159 
_refine.ls_R_factor_R_free                       0.192 
_refine.ls_R_factor_R_free_error                 0.011 
_refine.ls_R_factor_R_free_error_details         ? 
_refine.ls_percent_reflns_R_free                 7.3 
_refine.ls_number_reflns_R_free                  301 
_refine.ls_number_parameters                     ? 
_refine.ls_number_restraints                     ? 
_refine.occupancy_min                            ? 
_refine.occupancy_max                            ? 
_refine.correlation_coeff_Fo_to_Fc               ? 
_refine.correlation_coeff_Fo_to_Fc_free          ? 
_refine.B_iso_mean                               29.6 
_refine.aniso_B[1][1]                            1.91 
_refine.aniso_B[2][2]                            1.91 
_refine.aniso_B[3][3]                            -3.81 
_refine.aniso_B[1][2]                            0.00 
_refine.aniso_B[1][3]                            0.00 
_refine.aniso_B[2][3]                            0.00 
_refine.solvent_model_details                    'FLAT MODEL' 
_refine.solvent_model_param_ksol                 0.292769 
_refine.solvent_model_param_bsol                 39.056 
_refine.pdbx_solvent_vdw_probe_radii             ? 
_refine.pdbx_solvent_ion_probe_radii             ? 
_refine.pdbx_solvent_shrinkage_radii             ? 
_refine.pdbx_ls_cross_valid_method               THROUGHOUT 
_refine.details                                  ? 
_refine.pdbx_starting_model                      1Q6V 
_refine.pdbx_method_to_determine_struct          'MOLECULAR REPLACEMENT' 
_refine.pdbx_isotropic_thermal_model             RESTRAINED 
_refine.pdbx_stereochemistry_target_values       'Engh & Huber' 
_refine.pdbx_stereochem_target_val_spec_case     ? 
_refine.pdbx_R_Free_selection_details            RANDOM 
_refine.pdbx_overall_ESU_R                       ? 
_refine.pdbx_overall_ESU_R_Free                  ? 
_refine.overall_SU_ML                            ? 
_refine.overall_SU_B                             ? 
_refine.ls_redundancy_reflns_obs                 ? 
_refine.B_iso_min                                ? 
_refine.B_iso_max                                ? 
_refine.overall_SU_R_Cruickshank_DPI             ? 
_refine.overall_SU_R_free                        ? 
_refine.ls_wR_factor_R_free                      ? 
_refine.ls_wR_factor_R_work                      ? 
_refine.overall_FOM_free_R_set                   ? 
_refine.overall_FOM_work_R_set                   ? 
_refine.pdbx_refine_id                           'X-RAY DIFFRACTION' 
_refine.pdbx_diffrn_id                           1 
_refine.pdbx_TLS_residual_ADP_flag               ? 
_refine.pdbx_overall_phase_error                 ? 
_refine.pdbx_overall_SU_R_free_Cruickshank_DPI   ? 
_refine.pdbx_overall_SU_R_Blow_DPI               ? 
_refine.pdbx_overall_SU_R_free_Blow_DPI          ? 
# 
_refine_analyze.entry_id                        2DO2 
_refine_analyze.Luzzati_coordinate_error_obs    0.22 
_refine_analyze.Luzzati_sigma_a_obs             0.24 
_refine_analyze.Luzzati_d_res_low_obs           5.00 
_refine_analyze.Luzzati_coordinate_error_free   0.26 
_refine_analyze.Luzzati_sigma_a_free            0.34 
_refine_analyze.Luzzati_d_res_low_free          ? 
_refine_analyze.number_disordered_residues      ? 
_refine_analyze.occupancy_sum_hydrogen          ? 
_refine_analyze.occupancy_sum_non_hydrogen      ? 
_refine_analyze.pdbx_Luzzati_d_res_high_obs     ? 
_refine_analyze.pdbx_refine_id                  'X-RAY DIFFRACTION' 
# 
_refine_hist.pdbx_refine_id                   'X-RAY DIFFRACTION' 
_refine_hist.cycle_id                         LAST 
_refine_hist.pdbx_number_atoms_protein        964 
_refine_hist.pdbx_number_atoms_nucleic_acid   0 
_refine_hist.pdbx_number_atoms_ligand         5 
_refine_hist.number_atoms_solvent             99 
_refine_hist.number_atoms_total               1068 
_refine_hist.d_res_high                       2.60 
_refine_hist.d_res_low                        18.78 
# 
loop_
_refine_ls_restr.type 
_refine_ls_restr.dev_ideal 
_refine_ls_restr.dev_ideal_target 
_refine_ls_restr.weight 
_refine_ls_restr.number 
_refine_ls_restr.pdbx_refine_id 
_refine_ls_restr.pdbx_restraint_function 
c_bond_d           0.008 ?    ? ? 'X-RAY DIFFRACTION' ? 
c_angle_deg        1.5   ?    ? ? 'X-RAY DIFFRACTION' ? 
c_dihedral_angle_d 22.9  ?    ? ? 'X-RAY DIFFRACTION' ? 
c_improper_angle_d 0.74  ?    ? ? 'X-RAY DIFFRACTION' ? 
c_mcbond_it        1.77  1.50 ? ? 'X-RAY DIFFRACTION' ? 
c_mcangle_it       2.93  2.00 ? ? 'X-RAY DIFFRACTION' ? 
c_scbond_it        2.77  2.00 ? ? 'X-RAY DIFFRACTION' ? 
c_scangle_it       4.16  2.50 ? ? 'X-RAY DIFFRACTION' ? 
# 
_refine_ls_shell.pdbx_total_number_of_bins_used   6 
_refine_ls_shell.d_res_high                       2.60 
_refine_ls_shell.d_res_low                        2.76 
_refine_ls_shell.number_reflns_R_work             656 
_refine_ls_shell.R_factor_R_work                  0.206 
_refine_ls_shell.percent_reflns_obs               99.0 
_refine_ls_shell.R_factor_R_free                  0.288 
_refine_ls_shell.R_factor_R_free_error            0.038 
_refine_ls_shell.percent_reflns_R_free            8.0 
_refine_ls_shell.number_reflns_R_free             57 
_refine_ls_shell.number_reflns_all                ? 
_refine_ls_shell.R_factor_all                     ? 
_refine_ls_shell.number_reflns_obs                ? 
_refine_ls_shell.redundancy_reflns_obs            ? 
_refine_ls_shell.pdbx_refine_id                   'X-RAY DIFFRACTION' 
# 
loop_
_pdbx_xplor_file.serial_no 
_pdbx_xplor_file.param_file 
_pdbx_xplor_file.topol_file 
_pdbx_xplor_file.pdbx_refine_id 
1 protein_rep.param protein.top 'X-RAY DIFFRACTION' 
2 water_rep.param   water.top   'X-RAY DIFFRACTION' 
3 sul.param         sul.top     'X-RAY DIFFRACTION' 
4 ion.param         ion.top     'X-RAY DIFFRACTION' 
# 
_struct.entry_id                  2DO2 
_struct.title                     
;Design of specific inhibitors of phospholipase A2: Crystal structure of the complex formed between a group II Cys 49 phospholipase A2 and a designed pentapeptide Ala-Leu-Ala-Ser-Lys at 2.6A resolution
;
_struct.pdbx_model_details        ? 
_struct.pdbx_CASP_flag            ? 
_struct.pdbx_model_type_details   ? 
# 
_struct_keywords.entry_id        2DO2 
_struct_keywords.pdbx_keywords   HYDROLASE 
_struct_keywords.text            'Cys 49 phospholipase A2, synthetic pentapeptide, complex, HYDROLASE' 
# 
loop_
_struct_asym.id 
_struct_asym.pdbx_blank_PDB_chainid_flag 
_struct_asym.pdbx_modified 
_struct_asym.entity_id 
_struct_asym.details 
A N N 1 ? 
B N N 2 ? 
C N N 3 ? 
D N N 4 ? 
E N N 4 ? 
# 
loop_
_struct_ref.id 
_struct_ref.db_name 
_struct_ref.db_code 
_struct_ref.pdbx_db_accession 
_struct_ref.entity_id 
_struct_ref.pdbx_align_begin 
_struct_ref.pdbx_db_isoform 
_struct_ref.pdbx_seq_one_letter_code 
1 UNP PA28_DABRP P59071 1 1 ? ? 
2 PDB 2DO2       2DO2   2 ? ? ? 
# 
loop_
_struct_ref_seq.align_id 
_struct_ref_seq.ref_id 
_struct_ref_seq.pdbx_PDB_id_code 
_struct_ref_seq.pdbx_strand_id 
_struct_ref_seq.seq_align_beg 
_struct_ref_seq.pdbx_seq_align_beg_ins_code 
_struct_ref_seq.seq_align_end 
_struct_ref_seq.pdbx_seq_align_end_ins_code 
_struct_ref_seq.pdbx_db_accession 
_struct_ref_seq.db_align_beg 
_struct_ref_seq.pdbx_db_align_beg_ins_code 
_struct_ref_seq.db_align_end 
_struct_ref_seq.pdbx_db_align_end_ins_code 
_struct_ref_seq.pdbx_auth_seq_align_beg 
_struct_ref_seq.pdbx_auth_seq_align_end 
1 1 2DO2 A 1 ? 121 ? P59071 1 ? 121 ? 1 133 
2 2 2DO2 P 1 ? 5   ? 2DO2   1 ? 5   ? 1 5   
# 
loop_
_struct_ref_seq_dif.align_id 
_struct_ref_seq_dif.pdbx_pdb_id_code 
_struct_ref_seq_dif.mon_id 
_struct_ref_seq_dif.pdbx_pdb_strand_id 
_struct_ref_seq_dif.seq_num 
_struct_ref_seq_dif.pdbx_pdb_ins_code 
_struct_ref_seq_dif.pdbx_seq_db_name 
_struct_ref_seq_dif.pdbx_seq_db_accession_code 
_struct_ref_seq_dif.db_mon_id 
_struct_ref_seq_dif.pdbx_seq_db_seq_num 
_struct_ref_seq_dif.details 
_struct_ref_seq_dif.pdbx_auth_seq_num 
_struct_ref_seq_dif.pdbx_ordinal 
1 2DO2 GLY A 29 ? UNP P59071 TRP 30 'SEE REMARK 999' 30 1 
1 2DO2 CYS A 31 ? UNP P59071 GLY 31 'SEE REMARK 999' 32 2 
1 2DO2 SER A 33 ? UNP P59071 LYS 33 'SEE REMARK 999' 34 3 
1 2DO2 CYS A 48 ? UNP P59071 ASP 48 'SEE REMARK 999' 49 4 
# 
_pdbx_struct_assembly.id                   1 
_pdbx_struct_assembly.details              author_and_software_defined_assembly 
_pdbx_struct_assembly.method_details       PISA 
_pdbx_struct_assembly.oligomeric_details   dimeric 
_pdbx_struct_assembly.oligomeric_count     2 
# 
loop_
_pdbx_struct_assembly_prop.biol_id 
_pdbx_struct_assembly_prop.type 
_pdbx_struct_assembly_prop.value 
_pdbx_struct_assembly_prop.details 
1 'ABSA (A^2)' 880  ? 
1 MORE         -14  ? 
1 'SSA (A^2)'  7300 ? 
# 
_pdbx_struct_assembly_gen.assembly_id       1 
_pdbx_struct_assembly_gen.oper_expression   1 
_pdbx_struct_assembly_gen.asym_id_list      A,B,C,D,E 
# 
_pdbx_struct_oper_list.id                   1 
_pdbx_struct_oper_list.type                 'identity operation' 
_pdbx_struct_oper_list.name                 1_555 
_pdbx_struct_oper_list.symmetry_operation   x,y,z 
_pdbx_struct_oper_list.matrix[1][1]         1.0000000000 
_pdbx_struct_oper_list.matrix[1][2]         0.0000000000 
_pdbx_struct_oper_list.matrix[1][3]         0.0000000000 
_pdbx_struct_oper_list.vector[1]            0.0000000000 
_pdbx_struct_oper_list.matrix[2][1]         0.0000000000 
_pdbx_struct_oper_list.matrix[2][2]         1.0000000000 
_pdbx_struct_oper_list.matrix[2][3]         0.0000000000 
_pdbx_struct_oper_list.vector[2]            0.0000000000 
_pdbx_struct_oper_list.matrix[3][1]         0.0000000000 
_pdbx_struct_oper_list.matrix[3][2]         0.0000000000 
_pdbx_struct_oper_list.matrix[3][3]         1.0000000000 
_pdbx_struct_oper_list.vector[3]            0.0000000000 
# 
loop_
_struct_conf.conf_type_id 
_struct_conf.id 
_struct_conf.pdbx_PDB_helix_id 
_struct_conf.beg_label_comp_id 
_struct_conf.beg_label_asym_id 
_struct_conf.beg_label_seq_id 
_struct_conf.pdbx_beg_PDB_ins_code 
_struct_conf.end_label_comp_id 
_struct_conf.end_label_asym_id 
_struct_conf.end_label_seq_id 
_struct_conf.pdbx_end_PDB_ins_code 
_struct_conf.beg_auth_comp_id 
_struct_conf.beg_auth_asym_id 
_struct_conf.beg_auth_seq_id 
_struct_conf.end_auth_comp_id 
_struct_conf.end_auth_asym_id 
_struct_conf.end_auth_seq_id 
_struct_conf.pdbx_PDB_helix_class 
_struct_conf.details 
_struct_conf.pdbx_PDB_helix_length 
HELX_P HELX_P1 1 SER A 1   ? GLY A 14  ? SER A 1   GLY A 14  1 ? 14 
HELX_P HELX_P2 2 LEU A 16  ? TYR A 21  ? LEU A 17  TYR A 22  1 ? 6  
HELX_P HELX_P3 3 ASP A 38  ? GLY A 52  ? ASP A 39  GLY A 53  1 ? 15 
HELX_P HELX_P4 4 THR A 79  ? ASN A 99  ? THR A 89  ASN A 109 1 ? 21 
HELX_P HELX_P5 5 LEU A 100 ? TYR A 103 ? LEU A 110 TYR A 113 5 ? 4  
HELX_P HELX_P6 6 SER A 104 ? MET A 108 ? SER A 114 MET A 118 5 ? 5  
HELX_P HELX_P7 7 PRO A 111 ? CYS A 115 ? PRO A 121 CYS A 126 5 ? 5  
# 
_struct_conf_type.id          HELX_P 
_struct_conf_type.criteria    ? 
_struct_conf_type.reference   ? 
# 
loop_
_struct_conn.id 
_struct_conn.conn_type_id 
_struct_conn.pdbx_leaving_atom_flag 
_struct_conn.pdbx_PDB_id 
_struct_conn.ptnr1_label_asym_id 
_struct_conn.ptnr1_label_comp_id 
_struct_conn.ptnr1_label_seq_id 
_struct_conn.ptnr1_label_atom_id 
_struct_conn.pdbx_ptnr1_label_alt_id 
_struct_conn.pdbx_ptnr1_PDB_ins_code 
_struct_conn.pdbx_ptnr1_standard_comp_id 
_struct_conn.ptnr1_symmetry 
_struct_conn.ptnr2_label_asym_id 
_struct_conn.ptnr2_label_comp_id 
_struct_conn.ptnr2_label_seq_id 
_struct_conn.ptnr2_label_atom_id 
_struct_conn.pdbx_ptnr2_label_alt_id 
_struct_conn.pdbx_ptnr2_PDB_ins_code 
_struct_conn.ptnr1_auth_asym_id 
_struct_conn.ptnr1_auth_comp_id 
_struct_conn.ptnr1_auth_seq_id 
_struct_conn.ptnr2_auth_asym_id 
_struct_conn.ptnr2_auth_comp_id 
_struct_conn.ptnr2_auth_seq_id 
_struct_conn.ptnr2_symmetry 
_struct_conn.pdbx_ptnr3_label_atom_id 
_struct_conn.pdbx_ptnr3_label_seq_id 
_struct_conn.pdbx_ptnr3_label_comp_id 
_struct_conn.pdbx_ptnr3_label_asym_id 
_struct_conn.pdbx_ptnr3_label_alt_id 
_struct_conn.pdbx_ptnr3_PDB_ins_code 
_struct_conn.details 
_struct_conn.pdbx_dist_value 
_struct_conn.pdbx_value_order 
_struct_conn.pdbx_role 
disulf1 disulf ? ? A CYS 26 SG ? ? ? 1_555 A CYS 115 SG ? ? A CYS 27 A CYS 126 1_555 ? ? ? ? ? ? ? 2.024 ? ? 
disulf2 disulf ? ? A CYS 28 SG ? ? ? 1_555 A CYS 44  SG ? ? A CYS 29 A CYS 45  1_555 ? ? ? ? ? ? ? 1.907 ? ? 
disulf3 disulf ? ? A CYS 31 SG ? ? ? 1_555 A CYS 48  SG ? ? A CYS 32 A CYS 49  1_555 ? ? ? ? ? ? ? 2.046 ? ? 
disulf4 disulf ? ? A CYS 43 SG ? ? ? 1_555 A CYS 95  SG ? ? A CYS 44 A CYS 105 1_555 ? ? ? ? ? ? ? 2.029 ? ? 
disulf5 disulf ? ? A CYS 49 SG ? ? ? 1_555 A CYS 121 SG ? ? A CYS 50 A CYS 133 1_555 ? ? ? ? ? ? ? 2.031 ? ? 
disulf6 disulf ? ? A CYS 50 SG ? ? ? 1_555 A CYS 88  SG ? ? A CYS 51 A CYS 98  1_555 ? ? ? ? ? ? ? 2.025 ? ? 
disulf7 disulf ? ? A CYS 57 SG ? ? ? 1_555 A CYS 81  SG ? ? A CYS 61 A CYS 91  1_555 ? ? ? ? ? ? ? 2.030 ? ? 
disulf8 disulf ? ? A CYS 75 SG ? ? ? 1_555 A CYS 86  SG ? ? A CYS 84 A CYS 96  1_555 ? ? ? ? ? ? ? 2.029 ? ? 
# 
_struct_conn_type.id          disulf 
_struct_conn_type.criteria    ? 
_struct_conn_type.reference   ? 
# 
loop_
_pdbx_modification_feature.ordinal 
_pdbx_modification_feature.label_comp_id 
_pdbx_modification_feature.label_asym_id 
_pdbx_modification_feature.label_seq_id 
_pdbx_modification_feature.label_alt_id 
_pdbx_modification_feature.modified_residue_label_comp_id 
_pdbx_modification_feature.modified_residue_label_asym_id 
_pdbx_modification_feature.modified_residue_label_seq_id 
_pdbx_modification_feature.modified_residue_label_alt_id 
_pdbx_modification_feature.auth_comp_id 
_pdbx_modification_feature.auth_asym_id 
_pdbx_modification_feature.auth_seq_id 
_pdbx_modification_feature.PDB_ins_code 
_pdbx_modification_feature.symmetry 
_pdbx_modification_feature.modified_residue_auth_comp_id 
_pdbx_modification_feature.modified_residue_auth_asym_id 
_pdbx_modification_feature.modified_residue_auth_seq_id 
_pdbx_modification_feature.modified_residue_PDB_ins_code 
_pdbx_modification_feature.modified_residue_symmetry 
_pdbx_modification_feature.comp_id_linking_atom 
_pdbx_modification_feature.modified_residue_id_linking_atom 
_pdbx_modification_feature.modified_residue_id 
_pdbx_modification_feature.ref_pcm_id 
_pdbx_modification_feature.ref_comp_id 
_pdbx_modification_feature.type 
_pdbx_modification_feature.category 
1 CYS A 26 ? CYS A 115 ? CYS A 27 ? 1_555 CYS A 126 ? 1_555 SG SG . . . None 'Disulfide bridge' 
2 CYS A 28 ? CYS A 44  ? CYS A 29 ? 1_555 CYS A 45  ? 1_555 SG SG . . . None 'Disulfide bridge' 
3 CYS A 31 ? CYS A 48  ? CYS A 32 ? 1_555 CYS A 49  ? 1_555 SG SG . . . None 'Disulfide bridge' 
4 CYS A 43 ? CYS A 95  ? CYS A 44 ? 1_555 CYS A 105 ? 1_555 SG SG . . . None 'Disulfide bridge' 
5 CYS A 49 ? CYS A 121 ? CYS A 50 ? 1_555 CYS A 133 ? 1_555 SG SG . . . None 'Disulfide bridge' 
6 CYS A 50 ? CYS A 88  ? CYS A 51 ? 1_555 CYS A 98  ? 1_555 SG SG . . . None 'Disulfide bridge' 
7 CYS A 57 ? CYS A 81  ? CYS A 61 ? 1_555 CYS A 91  ? 1_555 SG SG . . . None 'Disulfide bridge' 
8 CYS A 75 ? CYS A 86  ? CYS A 84 ? 1_555 CYS A 96  ? 1_555 SG SG . . . None 'Disulfide bridge' 
# 
_struct_mon_prot_cis.pdbx_id                1 
_struct_mon_prot_cis.label_comp_id          ILE 
_struct_mon_prot_cis.label_seq_id           18 
_struct_mon_prot_cis.label_asym_id          A 
_struct_mon_prot_cis.label_alt_id           . 
_struct_mon_prot_cis.pdbx_PDB_ins_code      ? 
_struct_mon_prot_cis.auth_comp_id           ILE 
_struct_mon_prot_cis.auth_seq_id            19 
_struct_mon_prot_cis.auth_asym_id           A 
_struct_mon_prot_cis.pdbx_label_comp_id_2   PRO 
_struct_mon_prot_cis.pdbx_label_seq_id_2    19 
_struct_mon_prot_cis.pdbx_label_asym_id_2   A 
_struct_mon_prot_cis.pdbx_PDB_ins_code_2    ? 
_struct_mon_prot_cis.pdbx_auth_comp_id_2    PRO 
_struct_mon_prot_cis.pdbx_auth_seq_id_2     20 
_struct_mon_prot_cis.pdbx_auth_asym_id_2    A 
_struct_mon_prot_cis.pdbx_PDB_model_num     1 
_struct_mon_prot_cis.pdbx_omega_angle       -0.08 
# 
_struct_sheet.id               A 
_struct_sheet.type             ? 
_struct_sheet.number_strands   2 
_struct_sheet.details          ? 
# 
_struct_sheet_order.sheet_id     A 
_struct_sheet_order.range_id_1   1 
_struct_sheet_order.range_id_2   2 
_struct_sheet_order.offset       ? 
_struct_sheet_order.sense        anti-parallel 
# 
loop_
_struct_sheet_range.sheet_id 
_struct_sheet_range.id 
_struct_sheet_range.beg_label_comp_id 
_struct_sheet_range.beg_label_asym_id 
_struct_sheet_range.beg_label_seq_id 
_struct_sheet_range.pdbx_beg_PDB_ins_code 
_struct_sheet_range.end_label_comp_id 
_struct_sheet_range.end_label_asym_id 
_struct_sheet_range.end_label_seq_id 
_struct_sheet_range.pdbx_end_PDB_ins_code 
_struct_sheet_range.beg_auth_comp_id 
_struct_sheet_range.beg_auth_asym_id 
_struct_sheet_range.beg_auth_seq_id 
_struct_sheet_range.end_auth_comp_id 
_struct_sheet_range.end_auth_asym_id 
_struct_sheet_range.end_auth_seq_id 
A 1 TYR A 66 ? VAL A 69 ? TYR A 75 VAL A 78 
A 2 ALA A 72 ? CYS A 75 ? ALA A 81 CYS A 84 
# 
_pdbx_struct_sheet_hbond.sheet_id                A 
_pdbx_struct_sheet_hbond.range_id_1              1 
_pdbx_struct_sheet_hbond.range_id_2              2 
_pdbx_struct_sheet_hbond.range_1_label_atom_id   N 
_pdbx_struct_sheet_hbond.range_1_label_comp_id   LYS 
_pdbx_struct_sheet_hbond.range_1_label_asym_id   A 
_pdbx_struct_sheet_hbond.range_1_label_seq_id    67 
_pdbx_struct_sheet_hbond.range_1_PDB_ins_code    ? 
_pdbx_struct_sheet_hbond.range_1_auth_atom_id    N 
_pdbx_struct_sheet_hbond.range_1_auth_comp_id    LYS 
_pdbx_struct_sheet_hbond.range_1_auth_asym_id    A 
_pdbx_struct_sheet_hbond.range_1_auth_seq_id     76 
_pdbx_struct_sheet_hbond.range_2_label_atom_id   O 
_pdbx_struct_sheet_hbond.range_2_label_comp_id   VAL 
_pdbx_struct_sheet_hbond.range_2_label_asym_id   A 
_pdbx_struct_sheet_hbond.range_2_label_seq_id    74 
_pdbx_struct_sheet_hbond.range_2_PDB_ins_code    ? 
_pdbx_struct_sheet_hbond.range_2_auth_atom_id    O 
_pdbx_struct_sheet_hbond.range_2_auth_comp_id    VAL 
_pdbx_struct_sheet_hbond.range_2_auth_asym_id    A 
_pdbx_struct_sheet_hbond.range_2_auth_seq_id     83 
# 
_struct_site.id                   AC1 
_struct_site.pdbx_evidence_code   Software 
_struct_site.pdbx_auth_asym_id    A 
_struct_site.pdbx_auth_comp_id    SO4 
_struct_site.pdbx_auth_seq_id     201 
_struct_site.pdbx_auth_ins_code   ? 
_struct_site.pdbx_num_residues    4 
_struct_site.details              'BINDING SITE FOR RESIDUE SO4 A 201' 
# 
loop_
_struct_site_gen.id 
_struct_site_gen.site_id 
_struct_site_gen.pdbx_num_res 
_struct_site_gen.label_comp_id 
_struct_site_gen.label_asym_id 
_struct_site_gen.label_seq_id 
_struct_site_gen.pdbx_auth_ins_code 
_struct_site_gen.auth_comp_id 
_struct_site_gen.auth_asym_id 
_struct_site_gen.auth_seq_id 
_struct_site_gen.label_atom_id 
_struct_site_gen.label_alt_id 
_struct_site_gen.symmetry 
_struct_site_gen.details 
1 AC1 4 LYS A 15 ? LYS A 16  . ? 1_555 ? 
2 AC1 4 LYS A 67 ? LYS A 76  . ? 3_654 ? 
3 AC1 4 HOH D .  ? HOH A 213 . ? 1_555 ? 
4 AC1 4 HOH D .  ? HOH A 287 . ? 1_555 ? 
# 
_pdbx_entry_details.entry_id                   2DO2 
_pdbx_entry_details.compound_details           ? 
_pdbx_entry_details.source_details             ? 
_pdbx_entry_details.nonpolymer_details         ? 
_pdbx_entry_details.sequence_details           ? 
_pdbx_entry_details.has_ligand_of_interest     ? 
_pdbx_entry_details.has_protein_modification   Y 
# 
_pdbx_validate_rmsd_angle.id                         1 
_pdbx_validate_rmsd_angle.PDB_model_num              1 
_pdbx_validate_rmsd_angle.auth_atom_id_1             CA 
_pdbx_validate_rmsd_angle.auth_asym_id_1             A 
_pdbx_validate_rmsd_angle.auth_comp_id_1             CYS 
_pdbx_validate_rmsd_angle.auth_seq_id_1              32 
_pdbx_validate_rmsd_angle.PDB_ins_code_1             ? 
_pdbx_validate_rmsd_angle.label_alt_id_1             ? 
_pdbx_validate_rmsd_angle.auth_atom_id_2             CB 
_pdbx_validate_rmsd_angle.auth_asym_id_2             A 
_pdbx_validate_rmsd_angle.auth_comp_id_2             CYS 
_pdbx_validate_rmsd_angle.auth_seq_id_2              32 
_pdbx_validate_rmsd_angle.PDB_ins_code_2             ? 
_pdbx_validate_rmsd_angle.label_alt_id_2             ? 
_pdbx_validate_rmsd_angle.auth_atom_id_3             SG 
_pdbx_validate_rmsd_angle.auth_asym_id_3             A 
_pdbx_validate_rmsd_angle.auth_comp_id_3             CYS 
_pdbx_validate_rmsd_angle.auth_seq_id_3              32 
_pdbx_validate_rmsd_angle.PDB_ins_code_3             ? 
_pdbx_validate_rmsd_angle.label_alt_id_3             ? 
_pdbx_validate_rmsd_angle.angle_value                121.31 
_pdbx_validate_rmsd_angle.angle_target_value         114.20 
_pdbx_validate_rmsd_angle.angle_deviation            7.11 
_pdbx_validate_rmsd_angle.angle_standard_deviation   1.10 
_pdbx_validate_rmsd_angle.linker_flag                N 
# 
loop_
_pdbx_validate_torsion.id 
_pdbx_validate_torsion.PDB_model_num 
_pdbx_validate_torsion.auth_comp_id 
_pdbx_validate_torsion.auth_asym_id 
_pdbx_validate_torsion.auth_seq_id 
_pdbx_validate_torsion.PDB_ins_code 
_pdbx_validate_torsion.label_alt_id 
_pdbx_validate_torsion.phi 
_pdbx_validate_torsion.psi 
1 1 SER A 24  ? ? -141.68 52.01  
2 1 GLU A 129 ? ? -160.94 13.91  
3 1 LEU P 2   ? ? -13.71  -43.09 
# 
loop_
_chem_comp_atom.comp_id 
_chem_comp_atom.atom_id 
_chem_comp_atom.type_symbol 
_chem_comp_atom.pdbx_aromatic_flag 
_chem_comp_atom.pdbx_stereo_config 
_chem_comp_atom.pdbx_ordinal 
ALA N    N N N 1   
ALA CA   C N S 2   
ALA C    C N N 3   
ALA O    O N N 4   
ALA CB   C N N 5   
ALA OXT  O N N 6   
ALA H    H N N 7   
ALA H2   H N N 8   
ALA HA   H N N 9   
ALA HB1  H N N 10  
ALA HB2  H N N 11  
ALA HB3  H N N 12  
ALA HXT  H N N 13  
ARG N    N N N 14  
ARG CA   C N S 15  
ARG C    C N N 16  
ARG O    O N N 17  
ARG CB   C N N 18  
ARG CG   C N N 19  
ARG CD   C N N 20  
ARG NE   N N N 21  
ARG CZ   C N N 22  
ARG NH1  N N N 23  
ARG NH2  N N N 24  
ARG OXT  O N N 25  
ARG H    H N N 26  
ARG H2   H N N 27  
ARG HA   H N N 28  
ARG HB2  H N N 29  
ARG HB3  H N N 30  
ARG HG2  H N N 31  
ARG HG3  H N N 32  
ARG HD2  H N N 33  
ARG HD3  H N N 34  
ARG HE   H N N 35  
ARG HH11 H N N 36  
ARG HH12 H N N 37  
ARG HH21 H N N 38  
ARG HH22 H N N 39  
ARG HXT  H N N 40  
ASN N    N N N 41  
ASN CA   C N S 42  
ASN C    C N N 43  
ASN O    O N N 44  
ASN CB   C N N 45  
ASN CG   C N N 46  
ASN OD1  O N N 47  
ASN ND2  N N N 48  
ASN OXT  O N N 49  
ASN H    H N N 50  
ASN H2   H N N 51  
ASN HA   H N N 52  
ASN HB2  H N N 53  
ASN HB3  H N N 54  
ASN HD21 H N N 55  
ASN HD22 H N N 56  
ASN HXT  H N N 57  
ASP N    N N N 58  
ASP CA   C N S 59  
ASP C    C N N 60  
ASP O    O N N 61  
ASP CB   C N N 62  
ASP CG   C N N 63  
ASP OD1  O N N 64  
ASP OD2  O N N 65  
ASP OXT  O N N 66  
ASP H    H N N 67  
ASP H2   H N N 68  
ASP HA   H N N 69  
ASP HB2  H N N 70  
ASP HB3  H N N 71  
ASP HD2  H N N 72  
ASP HXT  H N N 73  
CYS N    N N N 74  
CYS CA   C N R 75  
CYS C    C N N 76  
CYS O    O N N 77  
CYS CB   C N N 78  
CYS SG   S N N 79  
CYS OXT  O N N 80  
CYS H    H N N 81  
CYS H2   H N N 82  
CYS HA   H N N 83  
CYS HB2  H N N 84  
CYS HB3  H N N 85  
CYS HG   H N N 86  
CYS HXT  H N N 87  
GLN N    N N N 88  
GLN CA   C N S 89  
GLN C    C N N 90  
GLN O    O N N 91  
GLN CB   C N N 92  
GLN CG   C N N 93  
GLN CD   C N N 94  
GLN OE1  O N N 95  
GLN NE2  N N N 96  
GLN OXT  O N N 97  
GLN H    H N N 98  
GLN H2   H N N 99  
GLN HA   H N N 100 
GLN HB2  H N N 101 
GLN HB3  H N N 102 
GLN HG2  H N N 103 
GLN HG3  H N N 104 
GLN HE21 H N N 105 
GLN HE22 H N N 106 
GLN HXT  H N N 107 
GLU N    N N N 108 
GLU CA   C N S 109 
GLU C    C N N 110 
GLU O    O N N 111 
GLU CB   C N N 112 
GLU CG   C N N 113 
GLU CD   C N N 114 
GLU OE1  O N N 115 
GLU OE2  O N N 116 
GLU OXT  O N N 117 
GLU H    H N N 118 
GLU H2   H N N 119 
GLU HA   H N N 120 
GLU HB2  H N N 121 
GLU HB3  H N N 122 
GLU HG2  H N N 123 
GLU HG3  H N N 124 
GLU HE2  H N N 125 
GLU HXT  H N N 126 
GLY N    N N N 127 
GLY CA   C N N 128 
GLY C    C N N 129 
GLY O    O N N 130 
GLY OXT  O N N 131 
GLY H    H N N 132 
GLY H2   H N N 133 
GLY HA2  H N N 134 
GLY HA3  H N N 135 
GLY HXT  H N N 136 
HIS N    N N N 137 
HIS CA   C N S 138 
HIS C    C N N 139 
HIS O    O N N 140 
HIS CB   C N N 141 
HIS CG   C Y N 142 
HIS ND1  N Y N 143 
HIS CD2  C Y N 144 
HIS CE1  C Y N 145 
HIS NE2  N Y N 146 
HIS OXT  O N N 147 
HIS H    H N N 148 
HIS H2   H N N 149 
HIS HA   H N N 150 
HIS HB2  H N N 151 
HIS HB3  H N N 152 
HIS HD1  H N N 153 
HIS HD2  H N N 154 
HIS HE1  H N N 155 
HIS HE2  H N N 156 
HIS HXT  H N N 157 
HOH O    O N N 158 
HOH H1   H N N 159 
HOH H2   H N N 160 
ILE N    N N N 161 
ILE CA   C N S 162 
ILE C    C N N 163 
ILE O    O N N 164 
ILE CB   C N S 165 
ILE CG1  C N N 166 
ILE CG2  C N N 167 
ILE CD1  C N N 168 
ILE OXT  O N N 169 
ILE H    H N N 170 
ILE H2   H N N 171 
ILE HA   H N N 172 
ILE HB   H N N 173 
ILE HG12 H N N 174 
ILE HG13 H N N 175 
ILE HG21 H N N 176 
ILE HG22 H N N 177 
ILE HG23 H N N 178 
ILE HD11 H N N 179 
ILE HD12 H N N 180 
ILE HD13 H N N 181 
ILE HXT  H N N 182 
LEU N    N N N 183 
LEU CA   C N S 184 
LEU C    C N N 185 
LEU O    O N N 186 
LEU CB   C N N 187 
LEU CG   C N N 188 
LEU CD1  C N N 189 
LEU CD2  C N N 190 
LEU OXT  O N N 191 
LEU H    H N N 192 
LEU H2   H N N 193 
LEU HA   H N N 194 
LEU HB2  H N N 195 
LEU HB3  H N N 196 
LEU HG   H N N 197 
LEU HD11 H N N 198 
LEU HD12 H N N 199 
LEU HD13 H N N 200 
LEU HD21 H N N 201 
LEU HD22 H N N 202 
LEU HD23 H N N 203 
LEU HXT  H N N 204 
LYS N    N N N 205 
LYS CA   C N S 206 
LYS C    C N N 207 
LYS O    O N N 208 
LYS CB   C N N 209 
LYS CG   C N N 210 
LYS CD   C N N 211 
LYS CE   C N N 212 
LYS NZ   N N N 213 
LYS OXT  O N N 214 
LYS H    H N N 215 
LYS H2   H N N 216 
LYS HA   H N N 217 
LYS HB2  H N N 218 
LYS HB3  H N N 219 
LYS HG2  H N N 220 
LYS HG3  H N N 221 
LYS HD2  H N N 222 
LYS HD3  H N N 223 
LYS HE2  H N N 224 
LYS HE3  H N N 225 
LYS HZ1  H N N 226 
LYS HZ2  H N N 227 
LYS HZ3  H N N 228 
LYS HXT  H N N 229 
MET N    N N N 230 
MET CA   C N S 231 
MET C    C N N 232 
MET O    O N N 233 
MET CB   C N N 234 
MET CG   C N N 235 
MET SD   S N N 236 
MET CE   C N N 237 
MET OXT  O N N 238 
MET H    H N N 239 
MET H2   H N N 240 
MET HA   H N N 241 
MET HB2  H N N 242 
MET HB3  H N N 243 
MET HG2  H N N 244 
MET HG3  H N N 245 
MET HE1  H N N 246 
MET HE2  H N N 247 
MET HE3  H N N 248 
MET HXT  H N N 249 
PHE N    N N N 250 
PHE CA   C N S 251 
PHE C    C N N 252 
PHE O    O N N 253 
PHE CB   C N N 254 
PHE CG   C Y N 255 
PHE CD1  C Y N 256 
PHE CD2  C Y N 257 
PHE CE1  C Y N 258 
PHE CE2  C Y N 259 
PHE CZ   C Y N 260 
PHE OXT  O N N 261 
PHE H    H N N 262 
PHE H2   H N N 263 
PHE HA   H N N 264 
PHE HB2  H N N 265 
PHE HB3  H N N 266 
PHE HD1  H N N 267 
PHE HD2  H N N 268 
PHE HE1  H N N 269 
PHE HE2  H N N 270 
PHE HZ   H N N 271 
PHE HXT  H N N 272 
PRO N    N N N 273 
PRO CA   C N S 274 
PRO C    C N N 275 
PRO O    O N N 276 
PRO CB   C N N 277 
PRO CG   C N N 278 
PRO CD   C N N 279 
PRO OXT  O N N 280 
PRO H    H N N 281 
PRO HA   H N N 282 
PRO HB2  H N N 283 
PRO HB3  H N N 284 
PRO HG2  H N N 285 
PRO HG3  H N N 286 
PRO HD2  H N N 287 
PRO HD3  H N N 288 
PRO HXT  H N N 289 
SER N    N N N 290 
SER CA   C N S 291 
SER C    C N N 292 
SER O    O N N 293 
SER CB   C N N 294 
SER OG   O N N 295 
SER OXT  O N N 296 
SER H    H N N 297 
SER H2   H N N 298 
SER HA   H N N 299 
SER HB2  H N N 300 
SER HB3  H N N 301 
SER HG   H N N 302 
SER HXT  H N N 303 
SO4 S    S N N 304 
SO4 O1   O N N 305 
SO4 O2   O N N 306 
SO4 O3   O N N 307 
SO4 O4   O N N 308 
THR N    N N N 309 
THR CA   C N S 310 
THR C    C N N 311 
THR O    O N N 312 
THR CB   C N R 313 
THR OG1  O N N 314 
THR CG2  C N N 315 
THR OXT  O N N 316 
THR H    H N N 317 
THR H2   H N N 318 
THR HA   H N N 319 
THR HB   H N N 320 
THR HG1  H N N 321 
THR HG21 H N N 322 
THR HG22 H N N 323 
THR HG23 H N N 324 
THR HXT  H N N 325 
TRP N    N N N 326 
TRP CA   C N S 327 
TRP C    C N N 328 
TRP O    O N N 329 
TRP CB   C N N 330 
TRP CG   C Y N 331 
TRP CD1  C Y N 332 
TRP CD2  C Y N 333 
TRP NE1  N Y N 334 
TRP CE2  C Y N 335 
TRP CE3  C Y N 336 
TRP CZ2  C Y N 337 
TRP CZ3  C Y N 338 
TRP CH2  C Y N 339 
TRP OXT  O N N 340 
TRP H    H N N 341 
TRP H2   H N N 342 
TRP HA   H N N 343 
TRP HB2  H N N 344 
TRP HB3  H N N 345 
TRP HD1  H N N 346 
TRP HE1  H N N 347 
TRP HE3  H N N 348 
TRP HZ2  H N N 349 
TRP HZ3  H N N 350 
TRP HH2  H N N 351 
TRP HXT  H N N 352 
TYR N    N N N 353 
TYR CA   C N S 354 
TYR C    C N N 355 
TYR O    O N N 356 
TYR CB   C N N 357 
TYR CG   C Y N 358 
TYR CD1  C Y N 359 
TYR CD2  C Y N 360 
TYR CE1  C Y N 361 
TYR CE2  C Y N 362 
TYR CZ   C Y N 363 
TYR OH   O N N 364 
TYR OXT  O N N 365 
TYR H    H N N 366 
TYR H2   H N N 367 
TYR HA   H N N 368 
TYR HB2  H N N 369 
TYR HB3  H N N 370 
TYR HD1  H N N 371 
TYR HD2  H N N 372 
TYR HE1  H N N 373 
TYR HE2  H N N 374 
TYR HH   H N N 375 
TYR HXT  H N N 376 
VAL N    N N N 377 
VAL CA   C N S 378 
VAL C    C N N 379 
VAL O    O N N 380 
VAL CB   C N N 381 
VAL CG1  C N N 382 
VAL CG2  C N N 383 
VAL OXT  O N N 384 
VAL H    H N N 385 
VAL H2   H N N 386 
VAL HA   H N N 387 
VAL HB   H N N 388 
VAL HG11 H N N 389 
VAL HG12 H N N 390 
VAL HG13 H N N 391 
VAL HG21 H N N 392 
VAL HG22 H N N 393 
VAL HG23 H N N 394 
VAL HXT  H N N 395 
# 
loop_
_chem_comp_bond.comp_id 
_chem_comp_bond.atom_id_1 
_chem_comp_bond.atom_id_2 
_chem_comp_bond.value_order 
_chem_comp_bond.pdbx_aromatic_flag 
_chem_comp_bond.pdbx_stereo_config 
_chem_comp_bond.pdbx_ordinal 
ALA N   CA   sing N N 1   
ALA N   H    sing N N 2   
ALA N   H2   sing N N 3   
ALA CA  C    sing N N 4   
ALA CA  CB   sing N N 5   
ALA CA  HA   sing N N 6   
ALA C   O    doub N N 7   
ALA C   OXT  sing N N 8   
ALA CB  HB1  sing N N 9   
ALA CB  HB2  sing N N 10  
ALA CB  HB3  sing N N 11  
ALA OXT HXT  sing N N 12  
ARG N   CA   sing N N 13  
ARG N   H    sing N N 14  
ARG N   H2   sing N N 15  
ARG CA  C    sing N N 16  
ARG CA  CB   sing N N 17  
ARG CA  HA   sing N N 18  
ARG C   O    doub N N 19  
ARG C   OXT  sing N N 20  
ARG CB  CG   sing N N 21  
ARG CB  HB2  sing N N 22  
ARG CB  HB3  sing N N 23  
ARG CG  CD   sing N N 24  
ARG CG  HG2  sing N N 25  
ARG CG  HG3  sing N N 26  
ARG CD  NE   sing N N 27  
ARG CD  HD2  sing N N 28  
ARG CD  HD3  sing N N 29  
ARG NE  CZ   sing N N 30  
ARG NE  HE   sing N N 31  
ARG CZ  NH1  sing N N 32  
ARG CZ  NH2  doub N N 33  
ARG NH1 HH11 sing N N 34  
ARG NH1 HH12 sing N N 35  
ARG NH2 HH21 sing N N 36  
ARG NH2 HH22 sing N N 37  
ARG OXT HXT  sing N N 38  
ASN N   CA   sing N N 39  
ASN N   H    sing N N 40  
ASN N   H2   sing N N 41  
ASN CA  C    sing N N 42  
ASN CA  CB   sing N N 43  
ASN CA  HA   sing N N 44  
ASN C   O    doub N N 45  
ASN C   OXT  sing N N 46  
ASN CB  CG   sing N N 47  
ASN CB  HB2  sing N N 48  
ASN CB  HB3  sing N N 49  
ASN CG  OD1  doub N N 50  
ASN CG  ND2  sing N N 51  
ASN ND2 HD21 sing N N 52  
ASN ND2 HD22 sing N N 53  
ASN OXT HXT  sing N N 54  
ASP N   CA   sing N N 55  
ASP N   H    sing N N 56  
ASP N   H2   sing N N 57  
ASP CA  C    sing N N 58  
ASP CA  CB   sing N N 59  
ASP CA  HA   sing N N 60  
ASP C   O    doub N N 61  
ASP C   OXT  sing N N 62  
ASP CB  CG   sing N N 63  
ASP CB  HB2  sing N N 64  
ASP CB  HB3  sing N N 65  
ASP CG  OD1  doub N N 66  
ASP CG  OD2  sing N N 67  
ASP OD2 HD2  sing N N 68  
ASP OXT HXT  sing N N 69  
CYS N   CA   sing N N 70  
CYS N   H    sing N N 71  
CYS N   H2   sing N N 72  
CYS CA  C    sing N N 73  
CYS CA  CB   sing N N 74  
CYS CA  HA   sing N N 75  
CYS C   O    doub N N 76  
CYS C   OXT  sing N N 77  
CYS CB  SG   sing N N 78  
CYS CB  HB2  sing N N 79  
CYS CB  HB3  sing N N 80  
CYS SG  HG   sing N N 81  
CYS OXT HXT  sing N N 82  
GLN N   CA   sing N N 83  
GLN N   H    sing N N 84  
GLN N   H2   sing N N 85  
GLN CA  C    sing N N 86  
GLN CA  CB   sing N N 87  
GLN CA  HA   sing N N 88  
GLN C   O    doub N N 89  
GLN C   OXT  sing N N 90  
GLN CB  CG   sing N N 91  
GLN CB  HB2  sing N N 92  
GLN CB  HB3  sing N N 93  
GLN CG  CD   sing N N 94  
GLN CG  HG2  sing N N 95  
GLN CG  HG3  sing N N 96  
GLN CD  OE1  doub N N 97  
GLN CD  NE2  sing N N 98  
GLN NE2 HE21 sing N N 99  
GLN NE2 HE22 sing N N 100 
GLN OXT HXT  sing N N 101 
GLU N   CA   sing N N 102 
GLU N   H    sing N N 103 
GLU N   H2   sing N N 104 
GLU CA  C    sing N N 105 
GLU CA  CB   sing N N 106 
GLU CA  HA   sing N N 107 
GLU C   O    doub N N 108 
GLU C   OXT  sing N N 109 
GLU CB  CG   sing N N 110 
GLU CB  HB2  sing N N 111 
GLU CB  HB3  sing N N 112 
GLU CG  CD   sing N N 113 
GLU CG  HG2  sing N N 114 
GLU CG  HG3  sing N N 115 
GLU CD  OE1  doub N N 116 
GLU CD  OE2  sing N N 117 
GLU OE2 HE2  sing N N 118 
GLU OXT HXT  sing N N 119 
GLY N   CA   sing N N 120 
GLY N   H    sing N N 121 
GLY N   H2   sing N N 122 
GLY CA  C    sing N N 123 
GLY CA  HA2  sing N N 124 
GLY CA  HA3  sing N N 125 
GLY C   O    doub N N 126 
GLY C   OXT  sing N N 127 
GLY OXT HXT  sing N N 128 
HIS N   CA   sing N N 129 
HIS N   H    sing N N 130 
HIS N   H2   sing N N 131 
HIS CA  C    sing N N 132 
HIS CA  CB   sing N N 133 
HIS CA  HA   sing N N 134 
HIS C   O    doub N N 135 
HIS C   OXT  sing N N 136 
HIS CB  CG   sing N N 137 
HIS CB  HB2  sing N N 138 
HIS CB  HB3  sing N N 139 
HIS CG  ND1  sing Y N 140 
HIS CG  CD2  doub Y N 141 
HIS ND1 CE1  doub Y N 142 
HIS ND1 HD1  sing N N 143 
HIS CD2 NE2  sing Y N 144 
HIS CD2 HD2  sing N N 145 
HIS CE1 NE2  sing Y N 146 
HIS CE1 HE1  sing N N 147 
HIS NE2 HE2  sing N N 148 
HIS OXT HXT  sing N N 149 
HOH O   H1   sing N N 150 
HOH O   H2   sing N N 151 
ILE N   CA   sing N N 152 
ILE N   H    sing N N 153 
ILE N   H2   sing N N 154 
ILE CA  C    sing N N 155 
ILE CA  CB   sing N N 156 
ILE CA  HA   sing N N 157 
ILE C   O    doub N N 158 
ILE C   OXT  sing N N 159 
ILE CB  CG1  sing N N 160 
ILE CB  CG2  sing N N 161 
ILE CB  HB   sing N N 162 
ILE CG1 CD1  sing N N 163 
ILE CG1 HG12 sing N N 164 
ILE CG1 HG13 sing N N 165 
ILE CG2 HG21 sing N N 166 
ILE CG2 HG22 sing N N 167 
ILE CG2 HG23 sing N N 168 
ILE CD1 HD11 sing N N 169 
ILE CD1 HD12 sing N N 170 
ILE CD1 HD13 sing N N 171 
ILE OXT HXT  sing N N 172 
LEU N   CA   sing N N 173 
LEU N   H    sing N N 174 
LEU N   H2   sing N N 175 
LEU CA  C    sing N N 176 
LEU CA  CB   sing N N 177 
LEU CA  HA   sing N N 178 
LEU C   O    doub N N 179 
LEU C   OXT  sing N N 180 
LEU CB  CG   sing N N 181 
LEU CB  HB2  sing N N 182 
LEU CB  HB3  sing N N 183 
LEU CG  CD1  sing N N 184 
LEU CG  CD2  sing N N 185 
LEU CG  HG   sing N N 186 
LEU CD1 HD11 sing N N 187 
LEU CD1 HD12 sing N N 188 
LEU CD1 HD13 sing N N 189 
LEU CD2 HD21 sing N N 190 
LEU CD2 HD22 sing N N 191 
LEU CD2 HD23 sing N N 192 
LEU OXT HXT  sing N N 193 
LYS N   CA   sing N N 194 
LYS N   H    sing N N 195 
LYS N   H2   sing N N 196 
LYS CA  C    sing N N 197 
LYS CA  CB   sing N N 198 
LYS CA  HA   sing N N 199 
LYS C   O    doub N N 200 
LYS C   OXT  sing N N 201 
LYS CB  CG   sing N N 202 
LYS CB  HB2  sing N N 203 
LYS CB  HB3  sing N N 204 
LYS CG  CD   sing N N 205 
LYS CG  HG2  sing N N 206 
LYS CG  HG3  sing N N 207 
LYS CD  CE   sing N N 208 
LYS CD  HD2  sing N N 209 
LYS CD  HD3  sing N N 210 
LYS CE  NZ   sing N N 211 
LYS CE  HE2  sing N N 212 
LYS CE  HE3  sing N N 213 
LYS NZ  HZ1  sing N N 214 
LYS NZ  HZ2  sing N N 215 
LYS NZ  HZ3  sing N N 216 
LYS OXT HXT  sing N N 217 
MET N   CA   sing N N 218 
MET N   H    sing N N 219 
MET N   H2   sing N N 220 
MET CA  C    sing N N 221 
MET CA  CB   sing N N 222 
MET CA  HA   sing N N 223 
MET C   O    doub N N 224 
MET C   OXT  sing N N 225 
MET CB  CG   sing N N 226 
MET CB  HB2  sing N N 227 
MET CB  HB3  sing N N 228 
MET CG  SD   sing N N 229 
MET CG  HG2  sing N N 230 
MET CG  HG3  sing N N 231 
MET SD  CE   sing N N 232 
MET CE  HE1  sing N N 233 
MET CE  HE2  sing N N 234 
MET CE  HE3  sing N N 235 
MET OXT HXT  sing N N 236 
PHE N   CA   sing N N 237 
PHE N   H    sing N N 238 
PHE N   H2   sing N N 239 
PHE CA  C    sing N N 240 
PHE CA  CB   sing N N 241 
PHE CA  HA   sing N N 242 
PHE C   O    doub N N 243 
PHE C   OXT  sing N N 244 
PHE CB  CG   sing N N 245 
PHE CB  HB2  sing N N 246 
PHE CB  HB3  sing N N 247 
PHE CG  CD1  doub Y N 248 
PHE CG  CD2  sing Y N 249 
PHE CD1 CE1  sing Y N 250 
PHE CD1 HD1  sing N N 251 
PHE CD2 CE2  doub Y N 252 
PHE CD2 HD2  sing N N 253 
PHE CE1 CZ   doub Y N 254 
PHE CE1 HE1  sing N N 255 
PHE CE2 CZ   sing Y N 256 
PHE CE2 HE2  sing N N 257 
PHE CZ  HZ   sing N N 258 
PHE OXT HXT  sing N N 259 
PRO N   CA   sing N N 260 
PRO N   CD   sing N N 261 
PRO N   H    sing N N 262 
PRO CA  C    sing N N 263 
PRO CA  CB   sing N N 264 
PRO CA  HA   sing N N 265 
PRO C   O    doub N N 266 
PRO C   OXT  sing N N 267 
PRO CB  CG   sing N N 268 
PRO CB  HB2  sing N N 269 
PRO CB  HB3  sing N N 270 
PRO CG  CD   sing N N 271 
PRO CG  HG2  sing N N 272 
PRO CG  HG3  sing N N 273 
PRO CD  HD2  sing N N 274 
PRO CD  HD3  sing N N 275 
PRO OXT HXT  sing N N 276 
SER N   CA   sing N N 277 
SER N   H    sing N N 278 
SER N   H2   sing N N 279 
SER CA  C    sing N N 280 
SER CA  CB   sing N N 281 
SER CA  HA   sing N N 282 
SER C   O    doub N N 283 
SER C   OXT  sing N N 284 
SER CB  OG   sing N N 285 
SER CB  HB2  sing N N 286 
SER CB  HB3  sing N N 287 
SER OG  HG   sing N N 288 
SER OXT HXT  sing N N 289 
SO4 S   O1   doub N N 290 
SO4 S   O2   doub N N 291 
SO4 S   O3   sing N N 292 
SO4 S   O4   sing N N 293 
THR N   CA   sing N N 294 
THR N   H    sing N N 295 
THR N   H2   sing N N 296 
THR CA  C    sing N N 297 
THR CA  CB   sing N N 298 
THR CA  HA   sing N N 299 
THR C   O    doub N N 300 
THR C   OXT  sing N N 301 
THR CB  OG1  sing N N 302 
THR CB  CG2  sing N N 303 
THR CB  HB   sing N N 304 
THR OG1 HG1  sing N N 305 
THR CG2 HG21 sing N N 306 
THR CG2 HG22 sing N N 307 
THR CG2 HG23 sing N N 308 
THR OXT HXT  sing N N 309 
TRP N   CA   sing N N 310 
TRP N   H    sing N N 311 
TRP N   H2   sing N N 312 
TRP CA  C    sing N N 313 
TRP CA  CB   sing N N 314 
TRP CA  HA   sing N N 315 
TRP C   O    doub N N 316 
TRP C   OXT  sing N N 317 
TRP CB  CG   sing N N 318 
TRP CB  HB2  sing N N 319 
TRP CB  HB3  sing N N 320 
TRP CG  CD1  doub Y N 321 
TRP CG  CD2  sing Y N 322 
TRP CD1 NE1  sing Y N 323 
TRP CD1 HD1  sing N N 324 
TRP CD2 CE2  doub Y N 325 
TRP CD2 CE3  sing Y N 326 
TRP NE1 CE2  sing Y N 327 
TRP NE1 HE1  sing N N 328 
TRP CE2 CZ2  sing Y N 329 
TRP CE3 CZ3  doub Y N 330 
TRP CE3 HE3  sing N N 331 
TRP CZ2 CH2  doub Y N 332 
TRP CZ2 HZ2  sing N N 333 
TRP CZ3 CH2  sing Y N 334 
TRP CZ3 HZ3  sing N N 335 
TRP CH2 HH2  sing N N 336 
TRP OXT HXT  sing N N 337 
TYR N   CA   sing N N 338 
TYR N   H    sing N N 339 
TYR N   H2   sing N N 340 
TYR CA  C    sing N N 341 
TYR CA  CB   sing N N 342 
TYR CA  HA   sing N N 343 
TYR C   O    doub N N 344 
TYR C   OXT  sing N N 345 
TYR CB  CG   sing N N 346 
TYR CB  HB2  sing N N 347 
TYR CB  HB3  sing N N 348 
TYR CG  CD1  doub Y N 349 
TYR CG  CD2  sing Y N 350 
TYR CD1 CE1  sing Y N 351 
TYR CD1 HD1  sing N N 352 
TYR CD2 CE2  doub Y N 353 
TYR CD2 HD2  sing N N 354 
TYR CE1 CZ   doub Y N 355 
TYR CE1 HE1  sing N N 356 
TYR CE2 CZ   sing Y N 357 
TYR CE2 HE2  sing N N 358 
TYR CZ  OH   sing N N 359 
TYR OH  HH   sing N N 360 
TYR OXT HXT  sing N N 361 
VAL N   CA   sing N N 362 
VAL N   H    sing N N 363 
VAL N   H2   sing N N 364 
VAL CA  C    sing N N 365 
VAL CA  CB   sing N N 366 
VAL CA  HA   sing N N 367 
VAL C   O    doub N N 368 
VAL C   OXT  sing N N 369 
VAL CB  CG1  sing N N 370 
VAL CB  CG2  sing N N 371 
VAL CB  HB   sing N N 372 
VAL CG1 HG11 sing N N 373 
VAL CG1 HG12 sing N N 374 
VAL CG1 HG13 sing N N 375 
VAL CG2 HG21 sing N N 376 
VAL CG2 HG22 sing N N 377 
VAL CG2 HG23 sing N N 378 
VAL OXT HXT  sing N N 379 
# 
_pdbx_initial_refinement_model.id               1 
_pdbx_initial_refinement_model.entity_id_list   ? 
_pdbx_initial_refinement_model.type             'experimental model' 
_pdbx_initial_refinement_model.source_name      PDB 
_pdbx_initial_refinement_model.accession_code   1Q6V 
_pdbx_initial_refinement_model.details          ? 
# 
_atom_sites.entry_id                    2DO2 
_atom_sites.fract_transf_matrix[1][1]   -0.01733986 
_atom_sites.fract_transf_matrix[1][2]   -0.00644839 
_atom_sites.fract_transf_matrix[1][3]   -0.00348255 
_atom_sites.fract_transf_matrix[2][1]   -0.00713748 
_atom_sites.fract_transf_matrix[2][2]   0.01282878 
_atom_sites.fract_transf_matrix[2][3]   0.01178387 
_atom_sites.fract_transf_matrix[3][1]   -0.00182322 
_atom_sites.fract_transf_matrix[3][2]   0.01334584 
_atom_sites.fract_transf_matrix[3][3]   -0.01563358 
_atom_sites.fract_transf_vector[1]      0.341083 
_atom_sites.fract_transf_vector[2]      0.037144 
_atom_sites.fract_transf_vector[3]      -0.037993 
# 
loop_
_atom_type.symbol 
C 
N 
O 
S 
# 
loop_
_atom_site.group_PDB 
_atom_site.id 
_atom_site.type_symbol 
_atom_site.label_atom_id 
_atom_site.label_alt_id 
_atom_site.label_comp_id 
_atom_site.label_asym_id 
_atom_site.label_entity_id 
_atom_site.label_seq_id 
_atom_site.pdbx_PDB_ins_code 
_atom_site.Cartn_x 
_atom_site.Cartn_y 
_atom_site.Cartn_z 
_atom_site.occupancy 
_atom_site.B_iso_or_equiv 
_atom_site.pdbx_formal_charge 
_atom_site.auth_seq_id 
_atom_site.auth_comp_id 
_atom_site.auth_asym_id 
_atom_site.auth_atom_id 
_atom_site.pdbx_PDB_model_num 
ATOM   1    N N   . SER A 1 1   ? 1.957   5.912   9.268   1.00 17.88  ? 1   SER A N   1 
ATOM   2    C CA  . SER A 1 1   ? 1.224   4.824   9.971   1.00 20.97  ? 1   SER A CA  1 
ATOM   3    C C   . SER A 1 1   ? 0.007   4.388   9.156   1.00 23.63  ? 1   SER A C   1 
ATOM   4    O O   . SER A 1 1   ? -0.445  5.108   8.264   1.00 24.70  ? 1   SER A O   1 
ATOM   5    C CB  . SER A 1 1   ? 0.759   5.305   11.342  1.00 18.80  ? 1   SER A CB  1 
ATOM   6    O OG  . SER A 1 1   ? -0.199  6.339   11.208  1.00 20.50  ? 1   SER A OG  1 
ATOM   7    N N   . LEU A 1 2   ? -0.528  3.214   9.479   1.00 25.35  ? 2   LEU A N   1 
ATOM   8    C CA  . LEU A 1 2   ? -1.686  2.683   8.778   1.00 27.43  ? 2   LEU A CA  1 
ATOM   9    C C   . LEU A 1 2   ? -2.842  3.676   8.711   1.00 27.06  ? 2   LEU A C   1 
ATOM   10   O O   . LEU A 1 2   ? -3.659  3.630   7.788   1.00 28.95  ? 2   LEU A O   1 
ATOM   11   C CB  . LEU A 1 2   ? -2.135  1.385   9.446   1.00 30.22  ? 2   LEU A CB  1 
ATOM   12   C CG  . LEU A 1 2   ? -1.045  0.314   9.392   1.00 34.18  ? 2   LEU A CG  1 
ATOM   13   C CD1 . LEU A 1 2   ? -1.462  -0.910  10.190  1.00 38.22  ? 2   LEU A CD1 1 
ATOM   14   C CD2 . LEU A 1 2   ? -0.783  -0.053  7.945   1.00 36.45  ? 2   LEU A CD2 1 
ATOM   15   N N   . LEU A 1 3   ? -2.906  4.579   9.682   1.00 25.68  ? 3   LEU A N   1 
ATOM   16   C CA  . LEU A 1 3   ? -3.962  5.587   9.710   1.00 26.17  ? 3   LEU A CA  1 
ATOM   17   C C   . LEU A 1 3   ? -3.866  6.512   8.509   1.00 25.73  ? 3   LEU A C   1 
ATOM   18   O O   . LEU A 1 3   ? -4.859  6.769   7.823   1.00 27.33  ? 3   LEU A O   1 
ATOM   19   C CB  . LEU A 1 3   ? -3.868  6.420   10.987  1.00 26.68  ? 3   LEU A CB  1 
ATOM   20   C CG  . LEU A 1 3   ? -5.040  6.285   11.960  1.00 30.26  ? 3   LEU A CG  1 
ATOM   21   C CD1 . LEU A 1 3   ? -5.158  4.839   12.429  1.00 29.56  ? 3   LEU A CD1 1 
ATOM   22   C CD2 . LEU A 1 3   ? -4.822  7.221   13.138  1.00 29.82  ? 3   LEU A CD2 1 
ATOM   23   N N   . GLU A 1 4   ? -2.669  7.030   8.258   1.00 24.32  ? 4   GLU A N   1 
ATOM   24   C CA  . GLU A 1 4   ? -2.475  7.921   7.120   1.00 23.15  ? 4   GLU A CA  1 
ATOM   25   C C   . GLU A 1 4   ? -2.671  7.183   5.788   1.00 23.79  ? 4   GLU A C   1 
ATOM   26   O O   . GLU A 1 4   ? -3.374  7.661   4.892   1.00 23.88  ? 4   GLU A O   1 
ATOM   27   C CB  . GLU A 1 4   ? -1.081  8.562   7.166   1.00 22.33  ? 4   GLU A CB  1 
ATOM   28   C CG  . GLU A 1 4   ? -0.935  9.685   8.183   1.00 24.75  ? 4   GLU A CG  1 
ATOM   29   C CD  . GLU A 1 4   ? -0.687  9.167   9.587   1.00 28.87  ? 4   GLU A CD  1 
ATOM   30   O OE1 . GLU A 1 4   ? -1.159  9.800   10.557  1.00 27.63  ? 4   GLU A OE1 1 
ATOM   31   O OE2 . GLU A 1 4   ? -0.012  8.129   9.726   1.00 28.03  ? 4   GLU A OE2 1 
ATOM   32   N N   . PHE A 1 5   ? -2.057  6.014   5.664   1.00 22.72  ? 5   PHE A N   1 
ATOM   33   C CA  . PHE A 1 5   ? -2.150  5.224   4.444   1.00 21.13  ? 5   PHE A CA  1 
ATOM   34   C C   . PHE A 1 5   ? -3.589  4.840   4.062   1.00 23.09  ? 5   PHE A C   1 
ATOM   35   O O   . PHE A 1 5   ? -3.967  4.910   2.889   1.00 23.86  ? 5   PHE A O   1 
ATOM   36   C CB  . PHE A 1 5   ? -1.272  3.972   4.594   1.00 18.85  ? 5   PHE A CB  1 
ATOM   37   C CG  . PHE A 1 5   ? -1.112  3.174   3.328   1.00 16.67  ? 5   PHE A CG  1 
ATOM   38   C CD1 . PHE A 1 5   ? -0.891  3.811   2.110   1.00 16.24  ? 5   PHE A CD1 1 
ATOM   39   C CD2 . PHE A 1 5   ? -1.148  1.785   3.358   1.00 15.70  ? 5   PHE A CD2 1 
ATOM   40   C CE1 . PHE A 1 5   ? -0.702  3.081   0.941   1.00 15.92  ? 5   PHE A CE1 1 
ATOM   41   C CE2 . PHE A 1 5   ? -0.959  1.038   2.193   1.00 18.54  ? 5   PHE A CE2 1 
ATOM   42   C CZ  . PHE A 1 5   ? -0.738  1.690   0.978   1.00 17.84  ? 5   PHE A CZ  1 
ATOM   43   N N   . GLY A 1 6   ? -4.393  4.453   5.051   1.00 22.97  ? 6   GLY A N   1 
ATOM   44   C CA  . GLY A 1 6   ? -5.769  4.052   4.782   1.00 24.12  ? 6   GLY A CA  1 
ATOM   45   C C   . GLY A 1 6   ? -6.650  5.212   4.340   1.00 24.42  ? 6   GLY A C   1 
ATOM   46   O O   . GLY A 1 6   ? -7.583  5.052   3.555   1.00 25.35  ? 6   GLY A O   1 
ATOM   47   N N   . LYS A 1 7   ? -6.327  6.397   4.839   1.00 24.71  ? 7   LYS A N   1 
ATOM   48   C CA  . LYS A 1 7   ? -7.046  7.618   4.513   1.00 25.52  ? 7   LYS A CA  1 
ATOM   49   C C   . LYS A 1 7   ? -6.634  8.036   3.106   1.00 26.59  ? 7   LYS A C   1 
ATOM   50   O O   . LYS A 1 7   ? -7.454  8.479   2.309   1.00 27.32  ? 7   LYS A O   1 
ATOM   51   C CB  . LYS A 1 7   ? -6.664  8.698   5.516   1.00 26.77  ? 7   LYS A CB  1 
ATOM   52   C CG  . LYS A 1 7   ? -7.386  10.013  5.336   1.00 32.58  ? 7   LYS A CG  1 
ATOM   53   C CD  . LYS A 1 7   ? -7.041  10.904  6.504   1.00 36.09  ? 7   LYS A CD  1 
ATOM   54   C CE  . LYS A 1 7   ? -7.461  12.328  6.288   1.00 40.34  ? 7   LYS A CE  1 
ATOM   55   N NZ  . LYS A 1 7   ? -6.375  13.206  6.801   1.00 43.02  ? 7   LYS A NZ  1 
ATOM   56   N N   . MET A 1 8   ? -5.345  7.903   2.813   1.00 25.72  ? 8   MET A N   1 
ATOM   57   C CA  . MET A 1 8   ? -4.794  8.252   1.495   1.00 24.09  ? 8   MET A CA  1 
ATOM   58   C C   . MET A 1 8   ? -5.461  7.392   0.417   1.00 22.61  ? 8   MET A C   1 
ATOM   59   O O   . MET A 1 8   ? -5.829  7.887   -0.639  1.00 21.94  ? 8   MET A O   1 
ATOM   60   C CB  . MET A 1 8   ? -3.280  8.010   1.520   1.00 22.62  ? 8   MET A CB  1 
ATOM   61   C CG  . MET A 1 8   ? -2.463  8.730   0.490   1.00 20.44  ? 8   MET A CG  1 
ATOM   62   S SD  . MET A 1 8   ? -0.724  8.497   0.891   1.00 20.03  ? 8   MET A SD  1 
ATOM   63   C CE  . MET A 1 8   ? -0.352  9.997   1.715   1.00 15.72  ? 8   MET A CE  1 
ATOM   64   N N   . ILE A 1 9   ? -5.623  6.103   0.706   1.00 22.37  ? 9   ILE A N   1 
ATOM   65   C CA  . ILE A 1 9   ? -6.253  5.159   -0.218  1.00 20.39  ? 9   ILE A CA  1 
ATOM   66   C C   . ILE A 1 9   ? -7.729  5.504   -0.447  1.00 22.18  ? 9   ILE A C   1 
ATOM   67   O O   . ILE A 1 9   ? -8.206  5.511   -1.585  1.00 20.42  ? 9   ILE A O   1 
ATOM   68   C CB  . ILE A 1 9   ? -6.155  3.704   0.324   1.00 18.40  ? 9   ILE A CB  1 
ATOM   69   C CG1 . ILE A 1 9   ? -4.686  3.288   0.434   1.00 19.29  ? 9   ILE A CG1 1 
ATOM   70   C CG2 . ILE A 1 9   ? -6.926  2.747   -0.571  1.00 12.87  ? 9   ILE A CG2 1 
ATOM   71   C CD1 . ILE A 1 9   ? -4.456  1.889   1.010   1.00 18.81  ? 9   ILE A CD1 1 
ATOM   72   N N   . LEU A 1 10  ? -8.445  5.812   0.631   1.00 24.55  ? 10  LEU A N   1 
ATOM   73   C CA  . LEU A 1 10  ? -9.865  6.154   0.519   1.00 23.96  ? 10  LEU A CA  1 
ATOM   74   C C   . LEU A 1 10  ? -10.084 7.386   -0.365  1.00 23.20  ? 10  LEU A C   1 
ATOM   75   O O   . LEU A 1 10  ? -10.955 7.391   -1.241  1.00 23.24  ? 10  LEU A O   1 
ATOM   76   C CB  . LEU A 1 10  ? -10.469 6.399   1.908   1.00 24.35  ? 10  LEU A CB  1 
ATOM   77   C CG  . LEU A 1 10  ? -11.976 6.705   1.946   1.00 26.61  ? 10  LEU A CG  1 
ATOM   78   C CD1 . LEU A 1 10  ? -12.774 5.537   1.339   1.00 26.37  ? 10  LEU A CD1 1 
ATOM   79   C CD2 . LEU A 1 10  ? -12.399 6.932   3.380   1.00 25.83  ? 10  LEU A CD2 1 
ATOM   80   N N   . GLU A 1 11  ? -9.286  8.422   -0.132  1.00 22.06  ? 11  GLU A N   1 
ATOM   81   C CA  . GLU A 1 11  ? -9.382  9.658   -0.903  1.00 21.88  ? 11  GLU A CA  1 
ATOM   82   C C   . GLU A 1 11  ? -9.113  9.390   -2.383  1.00 22.65  ? 11  GLU A C   1 
ATOM   83   O O   . GLU A 1 11  ? -9.821  9.892   -3.256  1.00 21.04  ? 11  GLU A O   1 
ATOM   84   C CB  . GLU A 1 11  ? -8.361  10.686  -0.407  1.00 22.31  ? 11  GLU A CB  1 
ATOM   85   C CG  . GLU A 1 11  ? -8.514  11.134  1.040   1.00 24.02  ? 11  GLU A CG  1 
ATOM   86   C CD  . GLU A 1 11  ? -7.432  12.132  1.446   1.00 27.50  ? 11  GLU A CD  1 
ATOM   87   O OE1 . GLU A 1 11  ? -6.352  12.131  0.809   1.00 27.00  ? 11  GLU A OE1 1 
ATOM   88   O OE2 . GLU A 1 11  ? -7.654  12.903  2.402   1.00 27.43  ? 11  GLU A OE2 1 
ATOM   89   N N   . GLU A 1 12  ? -8.083  8.597   -2.655  1.00 21.99  ? 12  GLU A N   1 
ATOM   90   C CA  . GLU A 1 12  ? -7.704  8.272   -4.026  1.00 23.46  ? 12  GLU A CA  1 
ATOM   91   C C   . GLU A 1 12  ? -8.652  7.334   -4.769  1.00 24.02  ? 12  GLU A C   1 
ATOM   92   O O   . GLU A 1 12  ? -9.156  7.673   -5.835  1.00 25.16  ? 12  GLU A O   1 
ATOM   93   C CB  . GLU A 1 12  ? -6.298  7.657   -4.056  1.00 21.20  ? 12  GLU A CB  1 
ATOM   94   C CG  . GLU A 1 12  ? -5.165  8.632   -3.770  1.00 21.58  ? 12  GLU A CG  1 
ATOM   95   C CD  . GLU A 1 12  ? -4.957  9.643   -4.881  1.00 18.19  ? 12  GLU A CD  1 
ATOM   96   O OE1 . GLU A 1 12  ? -4.814  9.227   -6.046  1.00 19.28  ? 12  GLU A OE1 1 
ATOM   97   O OE2 . GLU A 1 12  ? -4.922  10.853  -4.587  1.00 19.21  ? 12  GLU A OE2 1 
ATOM   98   N N   . THR A 1 13  ? -8.896  6.159   -4.197  1.00 24.25  ? 13  THR A N   1 
ATOM   99   C CA  . THR A 1 13  ? -9.724  5.151   -4.843  1.00 24.17  ? 13  THR A CA  1 
ATOM   100  C C   . THR A 1 13  ? -11.196 5.097   -4.475  1.00 25.14  ? 13  THR A C   1 
ATOM   101  O O   . THR A 1 13  ? -12.005 4.595   -5.247  1.00 25.36  ? 13  THR A O   1 
ATOM   102  C CB  . THR A 1 13  ? -9.152  3.762   -4.577  1.00 23.94  ? 13  THR A CB  1 
ATOM   103  O OG1 . THR A 1 13  ? -9.377  3.421   -3.205  1.00 23.97  ? 13  THR A OG1 1 
ATOM   104  C CG2 . THR A 1 13  ? -7.661  3.744   -4.847  1.00 22.70  ? 13  THR A CG2 1 
ATOM   105  N N   . GLY A 1 14  ? -11.548 5.585   -3.295  1.00 27.35  ? 14  GLY A N   1 
ATOM   106  C CA  . GLY A 1 14  ? -12.939 5.531   -2.891  1.00 27.65  ? 14  GLY A CA  1 
ATOM   107  C C   . GLY A 1 14  ? -13.226 4.225   -2.181  1.00 30.78  ? 14  GLY A C   1 
ATOM   108  O O   . GLY A 1 14  ? -14.303 4.042   -1.611  1.00 34.05  ? 14  GLY A O   1 
ATOM   109  N N   . LYS A 1 15  ? -12.265 3.306   -2.223  1.00 31.62  ? 16  LYS A N   1 
ATOM   110  C CA  . LYS A 1 15  ? -12.414 2.023   -1.546  1.00 31.81  ? 16  LYS A CA  1 
ATOM   111  C C   . LYS A 1 15  ? -11.735 2.122   -0.188  1.00 32.65  ? 16  LYS A C   1 
ATOM   112  O O   . LYS A 1 15  ? -10.825 2.927   -0.004  1.00 36.65  ? 16  LYS A O   1 
ATOM   113  C CB  . LYS A 1 15  ? -11.762 0.902   -2.355  1.00 31.31  ? 16  LYS A CB  1 
ATOM   114  C CG  . LYS A 1 15  ? -12.478 0.546   -3.640  1.00 32.46  ? 16  LYS A CG  1 
ATOM   115  C CD  . LYS A 1 15  ? -11.670 -0.466  -4.440  1.00 33.96  ? 16  LYS A CD  1 
ATOM   116  C CE  . LYS A 1 15  ? -12.477 -1.025  -5.599  1.00 35.55  ? 16  LYS A CE  1 
ATOM   117  N NZ  . LYS A 1 15  ? -13.639 -1.812  -5.107  1.00 38.42  ? 16  LYS A NZ  1 
ATOM   118  N N   . LEU A 1 16  ? -12.183 1.311   0.762   1.00 31.62  ? 17  LEU A N   1 
ATOM   119  C CA  . LEU A 1 16  ? -11.595 1.311   2.096   1.00 30.63  ? 17  LEU A CA  1 
ATOM   120  C C   . LEU A 1 16  ? -10.382 0.378   2.117   1.00 29.32  ? 17  LEU A C   1 
ATOM   121  O O   . LEU A 1 16  ? -10.421 -0.696  1.520   1.00 27.12  ? 17  LEU A O   1 
ATOM   122  C CB  . LEU A 1 16  ? -12.633 0.834   3.114   1.00 33.84  ? 17  LEU A CB  1 
ATOM   123  C CG  . LEU A 1 16  ? -13.873 1.718   3.277   1.00 36.69  ? 17  LEU A CG  1 
ATOM   124  C CD1 . LEU A 1 16  ? -15.059 0.878   3.740   1.00 37.99  ? 17  LEU A CD1 1 
ATOM   125  C CD2 . LEU A 1 16  ? -13.576 2.831   4.261   1.00 36.87  ? 17  LEU A CD2 1 
ATOM   126  N N   . ALA A 1 17  ? -9.310  0.786   2.793   1.00 28.65  ? 18  ALA A N   1 
ATOM   127  C CA  . ALA A 1 17  ? -8.107  -0.044  2.887   1.00 28.64  ? 18  ALA A CA  1 
ATOM   128  C C   . ALA A 1 17  ? -8.528  -1.461  3.278   1.00 30.01  ? 18  ALA A C   1 
ATOM   129  O O   . ALA A 1 17  ? -8.192  -2.434  2.605   1.00 31.59  ? 18  ALA A O   1 
ATOM   130  C CB  . ALA A 1 17  ? -7.151  0.530   3.921   1.00 27.26  ? 18  ALA A CB  1 
ATOM   131  N N   . ILE A 1 18  ? -9.258  -1.565  4.382   1.00 30.70  ? 19  ILE A N   1 
ATOM   132  C CA  . ILE A 1 18  ? -9.782  -2.841  4.852   1.00 32.77  ? 19  ILE A CA  1 
ATOM   133  C C   . ILE A 1 18  ? -11.250 -2.740  4.455   1.00 34.01  ? 19  ILE A C   1 
ATOM   134  O O   . ILE A 1 18  ? -11.903 -1.738  4.749   1.00 35.01  ? 19  ILE A O   1 
ATOM   135  C CB  . ILE A 1 18  ? -9.677  -2.963  6.395   1.00 35.09  ? 19  ILE A CB  1 
ATOM   136  C CG1 . ILE A 1 18  ? -8.212  -2.892  6.827   1.00 34.27  ? 19  ILE A CG1 1 
ATOM   137  C CG2 . ILE A 1 18  ? -10.295 -4.274  6.867   1.00 32.54  ? 19  ILE A CG2 1 
ATOM   138  C CD1 . ILE A 1 18  ? -8.028  -2.843  8.321   1.00 37.11  ? 19  ILE A CD1 1 
ATOM   139  N N   . PRO A 1 19  ? -11.808 -3.776  3.806   1.00 34.62  ? 20  PRO A N   1 
ATOM   140  C CA  . PRO A 1 19  ? -11.237 -5.053  3.384   1.00 34.99  ? 20  PRO A CA  1 
ATOM   141  C C   . PRO A 1 19  ? -10.800 -5.091  1.921   1.00 36.17  ? 20  PRO A C   1 
ATOM   142  O O   . PRO A 1 19  ? -10.422 -6.149  1.420   1.00 38.44  ? 20  PRO A O   1 
ATOM   143  C CB  . PRO A 1 19  ? -12.393 -5.998  3.615   1.00 35.33  ? 20  PRO A CB  1 
ATOM   144  C CG  . PRO A 1 19  ? -13.527 -5.181  3.026   1.00 33.96  ? 20  PRO A CG  1 
ATOM   145  C CD  . PRO A 1 19  ? -13.257 -3.759  3.531   1.00 34.10  ? 20  PRO A CD  1 
ATOM   146  N N   . SER A 1 20  ? -10.862 -3.956  1.234   1.00 34.50  ? 21  SER A N   1 
ATOM   147  C CA  . SER A 1 20  ? -10.490 -3.914  -0.176  1.00 35.03  ? 21  SER A CA  1 
ATOM   148  C C   . SER A 1 20  ? -9.031  -4.196  -0.503  1.00 32.72  ? 21  SER A C   1 
ATOM   149  O O   . SER A 1 20  ? -8.733  -4.912  -1.455  1.00 33.07  ? 21  SER A O   1 
ATOM   150  C CB  . SER A 1 20  ? -10.883 -2.565  -0.785  1.00 37.77  ? 21  SER A CB  1 
ATOM   151  O OG  . SER A 1 20  ? -12.292 -2.400  -0.786  1.00 41.49  ? 21  SER A OG  1 
ATOM   152  N N   . TYR A 1 21  ? -8.118  -3.645  0.283   1.00 33.78  ? 22  TYR A N   1 
ATOM   153  C CA  . TYR A 1 21  ? -6.689  -3.831  0.020   1.00 34.25  ? 22  TYR A CA  1 
ATOM   154  C C   . TYR A 1 21  ? -5.947  -4.513  1.159   1.00 34.43  ? 22  TYR A C   1 
ATOM   155  O O   . TYR A 1 21  ? -4.712  -4.592  1.151   1.00 34.37  ? 22  TYR A O   1 
ATOM   156  C CB  . TYR A 1 21  ? -6.052  -2.469  -0.251  1.00 33.23  ? 22  TYR A CB  1 
ATOM   157  C CG  . TYR A 1 21  ? -6.538  -1.809  -1.526  1.00 30.86  ? 22  TYR A CG  1 
ATOM   158  C CD1 . TYR A 1 21  ? -6.120  -2.276  -2.779  1.00 27.55  ? 22  TYR A CD1 1 
ATOM   159  C CD2 . TYR A 1 21  ? -7.396  -0.703  -1.486  1.00 29.68  ? 22  TYR A CD2 1 
ATOM   160  C CE1 . TYR A 1 21  ? -6.532  -1.653  -3.954  1.00 26.07  ? 22  TYR A CE1 1 
ATOM   161  C CE2 . TYR A 1 21  ? -7.817  -0.073  -2.666  1.00 29.05  ? 22  TYR A CE2 1 
ATOM   162  C CZ  . TYR A 1 21  ? -7.376  -0.555  -3.893  1.00 28.17  ? 22  TYR A CZ  1 
ATOM   163  O OH  . TYR A 1 21  ? -7.746  0.074   -5.058  1.00 24.28  ? 22  TYR A OH  1 
ATOM   164  N N   . SER A 1 22  ? -6.700  -5.015  2.131   1.00 34.58  ? 23  SER A N   1 
ATOM   165  C CA  . SER A 1 22  ? -6.086  -5.662  3.285   1.00 33.70  ? 23  SER A CA  1 
ATOM   166  C C   . SER A 1 22  ? -5.737  -7.121  3.014   1.00 31.99  ? 23  SER A C   1 
ATOM   167  O O   . SER A 1 22  ? -4.800  -7.656  3.592   1.00 31.66  ? 23  SER A O   1 
ATOM   168  C CB  . SER A 1 22  ? -7.015  -5.572  4.505   1.00 34.45  ? 23  SER A CB  1 
ATOM   169  O OG  . SER A 1 22  ? -8.301  -6.120  4.242   1.00 37.18  ? 23  SER A OG  1 
ATOM   170  N N   . SER A 1 23  ? -6.485  -7.768  2.131   1.00 30.10  ? 24  SER A N   1 
ATOM   171  C CA  . SER A 1 23  ? -6.225  -9.166  1.842   1.00 29.42  ? 24  SER A CA  1 
ATOM   172  C C   . SER A 1 23  ? -6.420  -9.436  0.366   1.00 28.37  ? 24  SER A C   1 
ATOM   173  O O   . SER A 1 23  ? -7.157  -10.348 -0.014  1.00 28.39  ? 24  SER A O   1 
ATOM   174  C CB  . SER A 1 23  ? -7.184  -10.045 2.637   1.00 31.95  ? 24  SER A CB  1 
ATOM   175  O OG  . SER A 1 23  ? -8.514  -9.808  2.208   1.00 32.74  ? 24  SER A OG  1 
ATOM   176  N N   . TYR A 1 24  ? -5.767  -8.638  -0.467  1.00 26.42  ? 25  TYR A N   1 
ATOM   177  C CA  . TYR A 1 24  ? -5.892  -8.790  -1.909  1.00 24.08  ? 25  TYR A CA  1 
ATOM   178  C C   . TYR A 1 24  ? -4.624  -9.379  -2.520  1.00 22.73  ? 25  TYR A C   1 
ATOM   179  O O   . TYR A 1 24  ? -3.510  -9.010  -2.156  1.00 22.72  ? 25  TYR A O   1 
ATOM   180  C CB  . TYR A 1 24  ? -6.219  -7.427  -2.536  1.00 23.88  ? 25  TYR A CB  1 
ATOM   181  C CG  . TYR A 1 24  ? -6.465  -7.434  -4.033  1.00 24.50  ? 25  TYR A CG  1 
ATOM   182  C CD1 . TYR A 1 24  ? -5.416  -7.624  -4.933  1.00 23.31  ? 25  TYR A CD1 1 
ATOM   183  C CD2 . TYR A 1 24  ? -7.739  -7.187  -4.549  1.00 24.51  ? 25  TYR A CD2 1 
ATOM   184  C CE1 . TYR A 1 24  ? -5.629  -7.561  -6.312  1.00 24.29  ? 25  TYR A CE1 1 
ATOM   185  C CE2 . TYR A 1 24  ? -7.964  -7.124  -5.925  1.00 23.18  ? 25  TYR A CE2 1 
ATOM   186  C CZ  . TYR A 1 24  ? -6.904  -7.307  -6.801  1.00 24.11  ? 25  TYR A CZ  1 
ATOM   187  O OH  . TYR A 1 24  ? -7.114  -7.215  -8.159  1.00 23.25  ? 25  TYR A OH  1 
ATOM   188  N N   . GLY A 1 25  ? -4.803  -10.317 -3.440  1.00 21.79  ? 26  GLY A N   1 
ATOM   189  C CA  . GLY A 1 25  ? -3.666  -10.936 -4.099  1.00 21.98  ? 26  GLY A CA  1 
ATOM   190  C C   . GLY A 1 25  ? -2.667  -11.617 -3.179  1.00 22.88  ? 26  GLY A C   1 
ATOM   191  O O   . GLY A 1 25  ? -3.035  -12.123 -2.119  1.00 23.11  ? 26  GLY A O   1 
ATOM   192  N N   . CYS A 1 26  ? -1.400  -11.634 -3.591  1.00 21.79  ? 27  CYS A N   1 
ATOM   193  C CA  . CYS A 1 26  ? -0.352  -12.261 -2.803  1.00 20.49  ? 27  CYS A CA  1 
ATOM   194  C C   . CYS A 1 26  ? 0.468   -11.255 -1.998  1.00 22.08  ? 27  CYS A C   1 
ATOM   195  O O   . CYS A 1 26  ? 1.130   -11.632 -1.028  1.00 22.67  ? 27  CYS A O   1 
ATOM   196  C CB  . CYS A 1 26  ? 0.582   -13.079 -3.709  1.00 22.15  ? 27  CYS A CB  1 
ATOM   197  S SG  . CYS A 1 26  ? -0.178  -14.569 -4.448  1.00 22.88  ? 27  CYS A SG  1 
ATOM   198  N N   . TYR A 1 27  ? 0.416   -9.977  -2.376  1.00 23.37  ? 28  TYR A N   1 
ATOM   199  C CA  . TYR A 1 27  ? 1.200   -8.955  -1.673  1.00 21.47  ? 28  TYR A CA  1 
ATOM   200  C C   . TYR A 1 27  ? 0.471   -7.799  -0.976  1.00 24.11  ? 28  TYR A C   1 
ATOM   201  O O   . TYR A 1 27  ? 1.112   -6.942  -0.368  1.00 24.63  ? 28  TYR A O   1 
ATOM   202  C CB  . TYR A 1 27  ? 2.267   -8.385  -2.618  1.00 15.92  ? 28  TYR A CB  1 
ATOM   203  C CG  . TYR A 1 27  ? 3.366   -9.363  -2.898  1.00 14.92  ? 28  TYR A CG  1 
ATOM   204  C CD1 . TYR A 1 27  ? 3.286   -10.243 -3.977  1.00 13.60  ? 28  TYR A CD1 1 
ATOM   205  C CD2 . TYR A 1 27  ? 4.470   -9.447  -2.051  1.00 13.74  ? 28  TYR A CD2 1 
ATOM   206  C CE1 . TYR A 1 27  ? 4.295   -11.192 -4.206  1.00 16.90  ? 28  TYR A CE1 1 
ATOM   207  C CE2 . TYR A 1 27  ? 5.472   -10.384 -2.265  1.00 16.62  ? 28  TYR A CE2 1 
ATOM   208  C CZ  . TYR A 1 27  ? 5.378   -11.253 -3.344  1.00 16.40  ? 28  TYR A CZ  1 
ATOM   209  O OH  . TYR A 1 27  ? 6.365   -12.187 -3.549  1.00 20.98  ? 28  TYR A OH  1 
ATOM   210  N N   . CYS A 1 28  ? -0.859  -7.780  -1.043  1.00 25.49  ? 29  CYS A N   1 
ATOM   211  C CA  . CYS A 1 28  ? -1.651  -6.725  -0.402  1.00 28.65  ? 29  CYS A CA  1 
ATOM   212  C C   . CYS A 1 28  ? -2.167  -7.218  0.968   1.00 32.21  ? 29  CYS A C   1 
ATOM   213  O O   . CYS A 1 28  ? -3.144  -7.959  1.044   1.00 34.31  ? 29  CYS A O   1 
ATOM   214  C CB  . CYS A 1 28  ? -2.836  -6.317  -1.297  1.00 26.51  ? 29  CYS A CB  1 
ATOM   215  S SG  . CYS A 1 28  ? -2.367  -5.478  -2.840  1.00 20.87  ? 29  CYS A SG  1 
ATOM   216  N N   . GLY A 1 29  ? -1.478  -6.771  2.046   1.00 36.10  ? 30  GLY A N   1 
ATOM   217  C CA  . GLY A 1 29  ? -1.778  -7.152  3.423   1.00 42.40  ? 30  GLY A CA  1 
ATOM   218  C C   . GLY A 1 29  ? -0.651  -8.068  3.911   1.00 47.10  ? 30  GLY A C   1 
ATOM   219  O O   . GLY A 1 29  ? 0.492   -7.636  4.082   1.00 48.79  ? 30  GLY A O   1 
ATOM   220  N N   . GLY A 1 30  ? -0.976  -9.341  4.122   1.00 50.48  ? 31  GLY A N   1 
ATOM   221  C CA  . GLY A 1 30  ? -0.002  -10.285 4.550   1.00 53.64  ? 31  GLY A CA  1 
ATOM   222  C C   . GLY A 1 30  ? 0.888   -10.545 3.345   1.00 55.49  ? 31  GLY A C   1 
ATOM   223  O O   . GLY A 1 30  ? 1.069   -11.691 2.923   1.00 57.50  ? 31  GLY A O   1 
ATOM   224  N N   . CYS A 1 31  ? 1.460   -9.472  2.791   1.00 56.16  ? 32  CYS A N   1 
ATOM   225  C CA  . CYS A 1 31  ? 2.335   -9.587  1.646   1.00 53.80  ? 32  CYS A CA  1 
ATOM   226  C C   . CYS A 1 31  ? 3.414   -10.447 2.245   1.00 51.99  ? 32  CYS A C   1 
ATOM   227  O O   . CYS A 1 31  ? 3.763   -10.308 3.432   1.00 54.04  ? 32  CYS A O   1 
ATOM   228  C CB  . CYS A 1 31  ? 2.921   -8.215  1.126   1.00 53.34  ? 32  CYS A CB  1 
ATOM   229  S SG  . CYS A 1 31  ? 3.906   -7.116  2.226   1.00 55.28  ? 32  CYS A SG  1 
ATOM   230  N N   . GLY A 1 32  ? 3.904   -11.375 1.439   1.00 50.12  ? 33  GLY A N   1 
ATOM   231  C CA  . GLY A 1 32  ? 4.951   -12.252 1.903   1.00 48.61  ? 33  GLY A CA  1 
ATOM   232  C C   . GLY A 1 32  ? 5.707   -12.869 0.760   1.00 47.35  ? 33  GLY A C   1 
ATOM   233  O O   . GLY A 1 32  ? 6.908   -12.639 0.645   1.00 50.30  ? 33  GLY A O   1 
ATOM   234  N N   . SER A 1 33  ? 5.034   -13.676 -0.063  1.00 44.42  ? 34  SER A N   1 
ATOM   235  C CA  . SER A 1 33  ? 5.699   -14.314 -1.214  1.00 41.75  ? 34  SER A CA  1 
ATOM   236  C C   . SER A 1 33  ? 4.771   -14.583 -2.382  1.00 38.42  ? 34  SER A C   1 
ATOM   237  O O   . SER A 1 33  ? 3.585   -14.258 -2.354  1.00 36.77  ? 34  SER A O   1 
ATOM   238  C CB  . SER A 1 33  ? 6.350   -15.627 -0.803  1.00 43.17  ? 34  SER A CB  1 
ATOM   239  O OG  . SER A 1 33  ? 5.399   -16.638 -0.578  1.00 46.53  ? 34  SER A OG  1 
ATOM   240  N N   . GLY A 1 34  ? 5.355   -15.159 -3.419  1.00 34.98  ? 35  GLY A N   1 
ATOM   241  C CA  . GLY A 1 34  ? 4.607   -15.476 -4.607  1.00 33.58  ? 35  GLY A CA  1 
ATOM   242  C C   . GLY A 1 34  ? 4.866   -14.486 -5.718  1.00 34.18  ? 35  GLY A C   1 
ATOM   243  O O   . GLY A 1 34  ? 5.664   -13.566 -5.582  1.00 34.95  ? 35  GLY A O   1 
ATOM   244  N N   . THR A 1 35  ? 4.174   -14.698 -6.825  1.00 33.58  ? 36  THR A N   1 
ATOM   245  C CA  . THR A 1 35  ? 4.264   -13.853 -7.991  1.00 30.99  ? 36  THR A CA  1 
ATOM   246  C C   . THR A 1 35  ? 3.033   -12.962 -7.942  1.00 30.37  ? 36  THR A C   1 
ATOM   247  O O   . THR A 1 35  ? 1.917   -13.453 -7.795  1.00 31.68  ? 36  THR A O   1 
ATOM   248  C CB  . THR A 1 35  ? 4.237   -14.714 -9.259  1.00 30.06  ? 36  THR A CB  1 
ATOM   249  O OG1 . THR A 1 35  ? 5.554   -15.203 -9.529  1.00 35.02  ? 36  THR A OG1 1 
ATOM   250  C CG2 . THR A 1 35  ? 3.725   -13.925 -10.440 1.00 31.36  ? 36  THR A CG2 1 
ATOM   251  N N   . PRO A 1 36  ? 3.222   -11.639 -8.043  1.00 29.55  ? 37  PRO A N   1 
ATOM   252  C CA  . PRO A 1 36  ? 2.091   -10.711 -8.005  1.00 27.53  ? 37  PRO A CA  1 
ATOM   253  C C   . PRO A 1 36  ? 1.063   -11.130 -9.044  1.00 27.02  ? 37  PRO A C   1 
ATOM   254  O O   . PRO A 1 36  ? 1.414   -11.410 -10.191 1.00 27.51  ? 37  PRO A O   1 
ATOM   255  C CB  . PRO A 1 36  ? 2.739   -9.369  -8.328  1.00 29.68  ? 37  PRO A CB  1 
ATOM   256  C CG  . PRO A 1 36  ? 4.122   -9.523  -7.773  1.00 26.93  ? 37  PRO A CG  1 
ATOM   257  C CD  . PRO A 1 36  ? 4.492   -10.915 -8.221  1.00 30.06  ? 37  PRO A CD  1 
ATOM   258  N N   . LYS A 1 37  ? -0.205  -11.168 -8.639  1.00 25.82  ? 38  LYS A N   1 
ATOM   259  C CA  . LYS A 1 37  ? -1.277  -11.596 -9.530  1.00 24.10  ? 38  LYS A CA  1 
ATOM   260  C C   . LYS A 1 37  ? -1.688  -10.581 -10.594 1.00 22.92  ? 38  LYS A C   1 
ATOM   261  O O   . LYS A 1 37  ? -1.973  -10.956 -11.727 1.00 26.10  ? 38  LYS A O   1 
ATOM   262  C CB  . LYS A 1 37  ? -2.501  -12.005 -8.712  1.00 24.96  ? 38  LYS A CB  1 
ATOM   263  C CG  . LYS A 1 37  ? -2.188  -13.004 -7.603  1.00 27.67  ? 38  LYS A CG  1 
ATOM   264  C CD  . LYS A 1 37  ? -1.449  -14.242 -8.117  1.00 29.41  ? 38  LYS A CD  1 
ATOM   265  C CE  . LYS A 1 37  ? -2.288  -15.023 -9.133  1.00 28.81  ? 38  LYS A CE  1 
ATOM   266  N NZ  . LYS A 1 37  ? -1.637  -16.304 -9.523  1.00 30.08  ? 38  LYS A NZ  1 
ATOM   267  N N   . ASP A 1 38  ? -1.725  -9.301  -10.249 1.00 21.60  ? 39  ASP A N   1 
ATOM   268  C CA  . ASP A 1 38  ? -2.114  -8.299  -11.231 1.00 20.09  ? 39  ASP A CA  1 
ATOM   269  C C   . ASP A 1 38  ? -1.489  -6.925  -10.918 1.00 21.41  ? 39  ASP A C   1 
ATOM   270  O O   . ASP A 1 38  ? -0.671  -6.796  -10.002 1.00 20.86  ? 39  ASP A O   1 
ATOM   271  C CB  . ASP A 1 38  ? -3.648  -8.218  -11.297 1.00 19.18  ? 39  ASP A CB  1 
ATOM   272  C CG  . ASP A 1 38  ? -4.265  -7.660  -10.029 1.00 20.98  ? 39  ASP A CG  1 
ATOM   273  O OD1 . ASP A 1 38  ? -3.615  -7.702  -8.961  1.00 23.28  ? 39  ASP A OD1 1 
ATOM   274  O OD2 . ASP A 1 38  ? -5.414  -7.181  -10.108 1.00 21.99  ? 39  ASP A OD2 1 
ATOM   275  N N   . ALA A 1 39  ? -1.873  -5.902  -11.678 1.00 20.21  ? 40  ALA A N   1 
ATOM   276  C CA  . ALA A 1 39  ? -1.331  -4.557  -11.483 1.00 19.17  ? 40  ALA A CA  1 
ATOM   277  C C   . ALA A 1 39  ? -1.468  -4.078  -10.038 1.00 18.44  ? 40  ALA A C   1 
ATOM   278  O O   . ALA A 1 39  ? -0.491  -3.628  -9.436  1.00 18.06  ? 40  ALA A O   1 
ATOM   279  C CB  . ALA A 1 39  ? -2.008  -3.576  -12.430 1.00 16.14  ? 40  ALA A CB  1 
ATOM   280  N N   . THR A 1 40  ? -2.675  -4.176  -9.482  1.00 17.80  ? 41  THR A N   1 
ATOM   281  C CA  . THR A 1 40  ? -2.913  -3.755  -8.101  1.00 15.38  ? 41  THR A CA  1 
ATOM   282  C C   . THR A 1 40  ? -1.994  -4.526  -7.157  1.00 13.58  ? 41  THR A C   1 
ATOM   283  O O   . THR A 1 40  ? -1.473  -3.978  -6.190  1.00 11.83  ? 41  THR A O   1 
ATOM   284  C CB  . THR A 1 40  ? -4.378  -4.017  -7.661  1.00 14.53  ? 41  THR A CB  1 
ATOM   285  O OG1 . THR A 1 40  ? -5.269  -3.205  -8.433  1.00 13.80  ? 41  THR A OG1 1 
ATOM   286  C CG2 . THR A 1 40  ? -4.563  -3.673  -6.183  1.00 16.42  ? 41  THR A CG2 1 
ATOM   287  N N   . ASP A 1 41  ? -1.800  -5.804  -7.445  1.00 14.52  ? 42  ASP A N   1 
ATOM   288  C CA  . ASP A 1 41  ? -0.960  -6.643  -6.604  1.00 16.32  ? 42  ASP A CA  1 
ATOM   289  C C   . ASP A 1 41  ? 0.510   -6.240  -6.731  1.00 16.04  ? 42  ASP A C   1 
ATOM   290  O O   . ASP A 1 41  ? 1.273   -6.339  -5.768  1.00 13.51  ? 42  ASP A O   1 
ATOM   291  C CB  . ASP A 1 41  ? -1.172  -8.116  -6.973  1.00 15.14  ? 42  ASP A CB  1 
ATOM   292  C CG  . ASP A 1 41  ? -0.866  -9.052  -5.822  1.00 14.17  ? 42  ASP A CG  1 
ATOM   293  O OD1 . ASP A 1 41  ? -0.918  -8.603  -4.658  1.00 13.27  ? 42  ASP A OD1 1 
ATOM   294  O OD2 . ASP A 1 41  ? -0.588  -10.241 -6.077  1.00 16.03  ? 42  ASP A OD2 1 
ATOM   295  N N   . ARG A 1 42  ? 0.903   -5.786  -7.921  1.00 17.81  ? 43  ARG A N   1 
ATOM   296  C CA  . ARG A 1 42  ? 2.273   -5.329  -8.139  1.00 18.83  ? 43  ARG A CA  1 
ATOM   297  C C   . ARG A 1 42  ? 2.458   -4.041  -7.338  1.00 15.68  ? 43  ARG A C   1 
ATOM   298  O O   . ARG A 1 42  ? 3.540   -3.758  -6.830  1.00 15.02  ? 43  ARG A O   1 
ATOM   299  C CB  . ARG A 1 42  ? 2.535   -5.072  -9.631  1.00 22.29  ? 43  ARG A CB  1 
ATOM   300  C CG  . ARG A 1 42  ? 2.831   -6.341  -10.442 1.00 30.71  ? 43  ARG A CG  1 
ATOM   301  C CD  . ARG A 1 42  ? 3.241   -6.024  -11.886 1.00 34.73  ? 43  ARG A CD  1 
ATOM   302  N NE  . ARG A 1 42  ? 2.104   -5.690  -12.748 1.00 38.10  ? 43  ARG A NE  1 
ATOM   303  C CZ  . ARG A 1 42  ? 1.387   -6.577  -13.435 1.00 39.28  ? 43  ARG A CZ  1 
ATOM   304  N NH1 . ARG A 1 42  ? 1.682   -7.873  -13.372 1.00 36.77  ? 43  ARG A NH1 1 
ATOM   305  N NH2 . ARG A 1 42  ? 0.373   -6.167  -14.191 1.00 39.10  ? 43  ARG A NH2 1 
ATOM   306  N N   . CYS A 1 43  ? 1.382   -3.272  -7.228  1.00 13.80  ? 44  CYS A N   1 
ATOM   307  C CA  . CYS A 1 43  ? 1.403   -2.036  -6.469  1.00 13.85  ? 44  CYS A CA  1 
ATOM   308  C C   . CYS A 1 43  ? 1.804   -2.351  -5.034  1.00 14.77  ? 44  CYS A C   1 
ATOM   309  O O   . CYS A 1 43  ? 2.608   -1.639  -4.438  1.00 13.33  ? 44  CYS A O   1 
ATOM   310  C CB  . CYS A 1 43  ? 0.023   -1.383  -6.459  1.00 14.00  ? 44  CYS A CB  1 
ATOM   311  S SG  . CYS A 1 43  ? -0.543  -0.633  -8.020  1.00 17.70  ? 44  CYS A SG  1 
ATOM   312  N N   . CYS A 1 44  ? 1.232   -3.413  -4.473  1.00 13.99  ? 45  CYS A N   1 
ATOM   313  C CA  . CYS A 1 44  ? 1.554   -3.797  -3.106  1.00 14.46  ? 45  CYS A CA  1 
ATOM   314  C C   . CYS A 1 44  ? 2.958   -4.394  -3.018  1.00 16.02  ? 45  CYS A C   1 
ATOM   315  O O   . CYS A 1 44  ? 3.681   -4.148  -2.051  1.00 16.61  ? 45  CYS A O   1 
ATOM   316  C CB  . CYS A 1 44  ? 0.512   -4.785  -2.560  1.00 12.69  ? 45  CYS A CB  1 
ATOM   317  S SG  . CYS A 1 44  ? -1.161  -4.056  -2.438  1.00 17.17  ? 45  CYS A SG  1 
ATOM   318  N N   . PHE A 1 45  ? 3.354   -5.165  -4.028  1.00 16.27  ? 46  PHE A N   1 
ATOM   319  C CA  . PHE A 1 45  ? 4.687   -5.758  -4.022  1.00 15.81  ? 46  PHE A CA  1 
ATOM   320  C C   . PHE A 1 45  ? 5.728   -4.659  -3.916  1.00 15.67  ? 46  PHE A C   1 
ATOM   321  O O   . PHE A 1 45  ? 6.628   -4.724  -3.075  1.00 15.20  ? 46  PHE A O   1 
ATOM   322  C CB  . PHE A 1 45  ? 4.956   -6.557  -5.299  1.00 17.37  ? 46  PHE A CB  1 
ATOM   323  C CG  . PHE A 1 45  ? 6.363   -7.086  -5.389  1.00 19.04  ? 46  PHE A CG  1 
ATOM   324  C CD1 . PHE A 1 45  ? 6.813   -8.058  -4.498  1.00 18.76  ? 46  PHE A CD1 1 
ATOM   325  C CD2 . PHE A 1 45  ? 7.254   -6.583  -6.338  1.00 19.36  ? 46  PHE A CD2 1 
ATOM   326  C CE1 . PHE A 1 45  ? 8.135   -8.528  -4.549  1.00 19.54  ? 46  PHE A CE1 1 
ATOM   327  C CE2 . PHE A 1 45  ? 8.579   -7.046  -6.396  1.00 18.95  ? 46  PHE A CE2 1 
ATOM   328  C CZ  . PHE A 1 45  ? 9.019   -8.019  -5.497  1.00 14.89  ? 46  PHE A CZ  1 
ATOM   329  N N   . VAL A 1 46  ? 5.608   -3.657  -4.782  1.00 13.82  ? 47  VAL A N   1 
ATOM   330  C CA  . VAL A 1 46  ? 6.545   -2.546  -4.786  1.00 13.52  ? 47  VAL A CA  1 
ATOM   331  C C   . VAL A 1 46  ? 6.447   -1.756  -3.493  1.00 15.65  ? 47  VAL A C   1 
ATOM   332  O O   . VAL A 1 46  ? 7.454   -1.249  -2.993  1.00 17.31  ? 47  VAL A O   1 
ATOM   333  C CB  . VAL A 1 46  ? 6.290   -1.595  -5.969  1.00 13.09  ? 47  VAL A CB  1 
ATOM   334  C CG1 . VAL A 1 46  ? 7.119   -0.330  -5.812  1.00 9.00   ? 47  VAL A CG1 1 
ATOM   335  C CG2 . VAL A 1 46  ? 6.645   -2.292  -7.268  1.00 14.79  ? 47  VAL A CG2 1 
ATOM   336  N N   . HIS A 1 47  ? 5.236   -1.659  -2.948  1.00 17.12  ? 48  HIS A N   1 
ATOM   337  C CA  . HIS A 1 47  ? 5.036   -0.928  -1.704  1.00 14.32  ? 48  HIS A CA  1 
ATOM   338  C C   . HIS A 1 47  ? 5.759   -1.671  -0.589  1.00 15.37  ? 48  HIS A C   1 
ATOM   339  O O   . HIS A 1 47  ? 6.490   -1.064  0.192   1.00 16.39  ? 48  HIS A O   1 
ATOM   340  C CB  . HIS A 1 47  ? 3.550   -0.798  -1.381  1.00 12.49  ? 48  HIS A CB  1 
ATOM   341  C CG  . HIS A 1 47  ? 3.276   0.024   -0.172  1.00 13.14  ? 48  HIS A CG  1 
ATOM   342  N ND1 . HIS A 1 47  ? 2.889   -0.526  1.042   1.00 10.35  ? 48  HIS A ND1 1 
ATOM   343  C CD2 . HIS A 1 47  ? 3.345   1.362   0.048   1.00 12.33  ? 48  HIS A CD2 1 
ATOM   344  C CE1 . HIS A 1 47  ? 2.736   0.425   1.931   1.00 12.10  ? 48  HIS A CE1 1 
ATOM   345  N NE2 . HIS A 1 47  ? 3.009   1.593   1.350   1.00 11.59  ? 48  HIS A NE2 1 
ATOM   346  N N   . CYS A 1 48  ? 5.553   -2.982  -0.515  1.00 16.18  ? 49  CYS A N   1 
ATOM   347  C CA  . CYS A 1 48  ? 6.234   -3.785  0.486   1.00 20.34  ? 49  CYS A CA  1 
ATOM   348  C C   . CYS A 1 48  ? 7.755   -3.598  0.307   1.00 19.91  ? 49  CYS A C   1 
ATOM   349  O O   . CYS A 1 48  ? 8.486   -3.398  1.284   1.00 16.62  ? 49  CYS A O   1 
ATOM   350  C CB  . CYS A 1 48  ? 5.761   -5.258  0.389   1.00 27.77  ? 49  CYS A CB  1 
ATOM   351  S SG  . CYS A 1 48  ? 4.127   -5.349  1.220   1.00 43.64  ? 49  CYS A SG  1 
ATOM   352  N N   . CYS A 1 49  ? 8.220   -3.592  -0.940  1.00 19.27  ? 50  CYS A N   1 
ATOM   353  C CA  . CYS A 1 49  ? 9.641   -3.390  -1.228  1.00 19.97  ? 50  CYS A CA  1 
ATOM   354  C C   . CYS A 1 49  ? 10.121  -2.014  -0.800  1.00 19.49  ? 50  CYS A C   1 
ATOM   355  O O   . CYS A 1 49  ? 11.284  -1.839  -0.452  1.00 20.37  ? 50  CYS A O   1 
ATOM   356  C CB  . CYS A 1 49  ? 9.931   -3.518  -2.724  1.00 19.39  ? 50  CYS A CB  1 
ATOM   357  S SG  . CYS A 1 49  ? 9.843   -5.185  -3.435  1.00 19.73  ? 50  CYS A SG  1 
ATOM   358  N N   . CYS A 1 50  ? 9.229   -1.034  -0.866  1.00 17.78  ? 51  CYS A N   1 
ATOM   359  C CA  . CYS A 1 50  ? 9.563   0.332   -0.496  1.00 16.02  ? 51  CYS A CA  1 
ATOM   360  C C   . CYS A 1 50  ? 9.816   0.430   1.003   1.00 17.90  ? 51  CYS A C   1 
ATOM   361  O O   . CYS A 1 50  ? 10.713  1.144   1.444   1.00 20.05  ? 51  CYS A O   1 
ATOM   362  C CB  . CYS A 1 50  ? 8.423   1.255   -0.890  1.00 12.90  ? 51  CYS A CB  1 
ATOM   363  S SG  . CYS A 1 50  ? 8.851   3.011   -1.082  1.00 14.29  ? 51  CYS A SG  1 
ATOM   364  N N   . TYR A 1 51  ? 9.014   -0.277  1.788   1.00 19.21  ? 52  TYR A N   1 
ATOM   365  C CA  . TYR A 1 51  ? 9.196   -0.273  3.234   1.00 20.59  ? 52  TYR A CA  1 
ATOM   366  C C   . TYR A 1 51  ? 10.487  -1.021  3.569   1.00 20.21  ? 52  TYR A C   1 
ATOM   367  O O   . TYR A 1 51  ? 11.134  -0.746  4.578   1.00 18.89  ? 52  TYR A O   1 
ATOM   368  C CB  . TYR A 1 51  ? 8.024   -0.971  3.932   1.00 19.65  ? 52  TYR A CB  1 
ATOM   369  C CG  . TYR A 1 51  ? 6.775   -0.137  4.109   1.00 14.49  ? 52  TYR A CG  1 
ATOM   370  C CD1 . TYR A 1 51  ? 6.748   1.217   3.770   1.00 11.92  ? 52  TYR A CD1 1 
ATOM   371  C CD2 . TYR A 1 51  ? 5.622   -0.704  4.649   1.00 14.71  ? 52  TYR A CD2 1 
ATOM   372  C CE1 . TYR A 1 51  ? 5.599   1.985   3.970   1.00 10.64  ? 52  TYR A CE1 1 
ATOM   373  C CE2 . TYR A 1 51  ? 4.475   0.048   4.853   1.00 12.91  ? 52  TYR A CE2 1 
ATOM   374  C CZ  . TYR A 1 51  ? 4.468   1.387   4.515   1.00 11.91  ? 52  TYR A CZ  1 
ATOM   375  O OH  . TYR A 1 51  ? 3.324   2.120   4.736   1.00 15.64  ? 52  TYR A OH  1 
ATOM   376  N N   . GLY A 1 52  ? 10.841  -1.974  2.708   1.00 20.02  ? 53  GLY A N   1 
ATOM   377  C CA  . GLY A 1 52  ? 12.037  -2.771  2.904   1.00 19.11  ? 53  GLY A CA  1 
ATOM   378  C C   . GLY A 1 52  ? 13.339  -1.996  2.833   1.00 21.08  ? 53  GLY A C   1 
ATOM   379  O O   . GLY A 1 52  ? 14.362  -2.477  3.316   1.00 22.22  ? 53  GLY A O   1 
ATOM   380  N N   . ASN A 1 53  ? 13.309  -0.813  2.221   1.00 23.13  ? 54  ASN A N   1 
ATOM   381  C CA  . ASN A 1 53  ? 14.499  0.028   2.110   1.00 24.76  ? 54  ASN A CA  1 
ATOM   382  C C   . ASN A 1 53  ? 14.654  0.890   3.360   1.00 26.43  ? 54  ASN A C   1 
ATOM   383  O O   . ASN A 1 53  ? 15.601  1.670   3.468   1.00 29.04  ? 54  ASN A O   1 
ATOM   384  C CB  . ASN A 1 53  ? 14.410  0.952   0.890   1.00 26.68  ? 54  ASN A CB  1 
ATOM   385  C CG  . ASN A 1 53  ? 14.541  0.207   -0.432  1.00 32.17  ? 54  ASN A CG  1 
ATOM   386  O OD1 . ASN A 1 53  ? 15.488  -0.559  -0.643  1.00 31.60  ? 54  ASN A OD1 1 
ATOM   387  N ND2 . ASN A 1 53  ? 13.593  0.443   -1.338  1.00 33.05  ? 54  ASN A ND2 1 
ATOM   388  N N   . LEU A 1 54  ? 13.724  0.749   4.302   1.00 26.89  ? 55  LEU A N   1 
ATOM   389  C CA  . LEU A 1 54  ? 13.740  1.527   5.546   1.00 27.11  ? 55  LEU A CA  1 
ATOM   390  C C   . LEU A 1 54  ? 13.724  0.581   6.750   1.00 26.70  ? 55  LEU A C   1 
ATOM   391  O O   . LEU A 1 54  ? 12.731  0.513   7.477   1.00 26.38  ? 55  LEU A O   1 
ATOM   392  C CB  . LEU A 1 54  ? 12.505  2.427   5.591   1.00 23.26  ? 55  LEU A CB  1 
ATOM   393  C CG  . LEU A 1 54  ? 12.129  3.024   4.236   1.00 20.75  ? 55  LEU A CG  1 
ATOM   394  C CD1 . LEU A 1 54  ? 10.825  3.795   4.347   1.00 20.48  ? 55  LEU A CD1 1 
ATOM   395  C CD2 . LEU A 1 54  ? 13.251  3.919   3.751   1.00 18.99  ? 55  LEU A CD2 1 
ATOM   396  N N   . PRO A 1 55  ? 14.832  -0.146  6.984   1.00 27.92  ? 56  PRO A N   1 
ATOM   397  C CA  . PRO A 1 55  ? 14.961  -1.103  8.088   1.00 28.15  ? 56  PRO A CA  1 
ATOM   398  C C   . PRO A 1 55  ? 14.776  -0.547  9.491   1.00 28.94  ? 56  PRO A C   1 
ATOM   399  O O   . PRO A 1 55  ? 14.111  -1.170  10.323  1.00 30.91  ? 56  PRO A O   1 
ATOM   400  C CB  . PRO A 1 55  ? 16.367  -1.674  7.899   1.00 27.27  ? 56  PRO A CB  1 
ATOM   401  C CG  . PRO A 1 55  ? 16.631  -1.476  6.445   1.00 27.97  ? 56  PRO A CG  1 
ATOM   402  C CD  . PRO A 1 55  ? 16.073  -0.107  6.195   1.00 26.79  ? 56  PRO A CD  1 
ATOM   403  N N   . ASP A 1 56  ? 15.362  0.615   9.760   1.00 27.53  ? 59  ASP A N   1 
ATOM   404  C CA  . ASP A 1 56  ? 15.273  1.196   11.091  1.00 28.85  ? 59  ASP A CA  1 
ATOM   405  C C   . ASP A 1 56  ? 14.081  2.117   11.314  1.00 27.18  ? 59  ASP A C   1 
ATOM   406  O O   . ASP A 1 56  ? 14.036  2.854   12.299  1.00 29.11  ? 59  ASP A O   1 
ATOM   407  C CB  . ASP A 1 56  ? 16.580  1.915   11.409  1.00 34.14  ? 59  ASP A CB  1 
ATOM   408  C CG  . ASP A 1 56  ? 17.781  0.986   11.316  1.00 38.53  ? 59  ASP A CG  1 
ATOM   409  O OD1 . ASP A 1 56  ? 18.787  1.372   10.681  1.00 42.61  ? 59  ASP A OD1 1 
ATOM   410  O OD2 . ASP A 1 56  ? 17.718  -0.132  11.875  1.00 37.95  ? 59  ASP A OD2 1 
ATOM   411  N N   . CYS A 1 57  ? 13.114  2.064   10.404  1.00 23.83  ? 61  CYS A N   1 
ATOM   412  C CA  . CYS A 1 57  ? 11.909  2.873   10.525  1.00 20.01  ? 61  CYS A CA  1 
ATOM   413  C C   . CYS A 1 57  ? 10.761  1.951   10.948  1.00 19.84  ? 61  CYS A C   1 
ATOM   414  O O   . CYS A 1 57  ? 10.935  0.738   11.025  1.00 20.65  ? 61  CYS A O   1 
ATOM   415  C CB  . CYS A 1 57  ? 11.568  3.534   9.193   1.00 19.17  ? 61  CYS A CB  1 
ATOM   416  S SG  . CYS A 1 57  ? 12.768  4.747   8.552   1.00 14.83  ? 61  CYS A SG  1 
ATOM   417  N N   . ASN A 1 58  ? 9.595   2.526   11.222  1.00 18.99  ? 67  ASN A N   1 
ATOM   418  C CA  . ASN A 1 58  ? 8.434   1.748   11.637  1.00 19.56  ? 67  ASN A CA  1 
ATOM   419  C C   . ASN A 1 58  ? 7.191   2.291   10.927  1.00 20.93  ? 67  ASN A C   1 
ATOM   420  O O   . ASN A 1 58  ? 6.420   3.064   11.501  1.00 20.20  ? 67  ASN A O   1 
ATOM   421  C CB  . ASN A 1 58  ? 8.269   1.831   13.157  1.00 21.88  ? 67  ASN A CB  1 
ATOM   422  C CG  . ASN A 1 58  ? 9.416   1.170   13.906  1.00 22.16  ? 67  ASN A CG  1 
ATOM   423  O OD1 . ASN A 1 58  ? 9.347   -0.004  14.266  1.00 26.44  ? 67  ASN A OD1 1 
ATOM   424  N ND2 . ASN A 1 58  ? 10.484  1.921   14.129  1.00 22.05  ? 67  ASN A ND2 1 
ATOM   425  N N   . PRO A 1 59  ? 6.983   1.877   9.661   1.00 21.35  ? 68  PRO A N   1 
ATOM   426  C CA  . PRO A 1 59  ? 5.875   2.265   8.779   1.00 19.89  ? 68  PRO A CA  1 
ATOM   427  C C   . PRO A 1 59  ? 4.464   2.093   9.327   1.00 21.39  ? 68  PRO A C   1 
ATOM   428  O O   . PRO A 1 59  ? 3.610   2.955   9.113   1.00 21.18  ? 68  PRO A O   1 
ATOM   429  C CB  . PRO A 1 59  ? 6.100   1.403   7.544   1.00 20.13  ? 68  PRO A CB  1 
ATOM   430  C CG  . PRO A 1 59  ? 7.572   1.182   7.544   1.00 20.12  ? 68  PRO A CG  1 
ATOM   431  C CD  . PRO A 1 59  ? 7.846   0.892   8.987   1.00 19.46  ? 68  PRO A CD  1 
ATOM   432  N N   . LYS A 1 60  ? 4.214   0.986   10.023  1.00 21.63  ? 69  LYS A N   1 
ATOM   433  C CA  . LYS A 1 60  ? 2.885   0.713   10.571  1.00 24.59  ? 69  LYS A CA  1 
ATOM   434  C C   . LYS A 1 60  ? 2.439   1.658   11.684  1.00 22.98  ? 69  LYS A C   1 
ATOM   435  O O   . LYS A 1 60  ? 1.254   1.987   11.787  1.00 22.84  ? 69  LYS A O   1 
ATOM   436  C CB  . LYS A 1 60  ? 2.799   -0.736  11.095  1.00 28.30  ? 69  LYS A CB  1 
ATOM   437  C CG  . LYS A 1 60  ? 2.815   -1.820  10.012  1.00 37.51  ? 69  LYS A CG  1 
ATOM   438  C CD  . LYS A 1 60  ? 2.381   -3.208  10.534  1.00 44.18  ? 69  LYS A CD  1 
ATOM   439  C CE  . LYS A 1 60  ? 3.437   -3.879  11.425  1.00 49.92  ? 69  LYS A CE  1 
ATOM   440  N NZ  . LYS A 1 60  ? 3.077   -5.298  11.780  1.00 50.69  ? 69  LYS A NZ  1 
ATOM   441  N N   . SER A 1 61  ? 3.383   2.110   12.502  1.00 21.66  ? 70  SER A N   1 
ATOM   442  C CA  . SER A 1 61  ? 3.053   2.963   13.643  1.00 18.79  ? 70  SER A CA  1 
ATOM   443  C C   . SER A 1 61  ? 3.533   4.405   13.621  1.00 18.45  ? 70  SER A C   1 
ATOM   444  O O   . SER A 1 61  ? 3.020   5.227   14.375  1.00 19.40  ? 70  SER A O   1 
ATOM   445  C CB  . SER A 1 61  ? 3.577   2.314   14.919  1.00 18.38  ? 70  SER A CB  1 
ATOM   446  O OG  . SER A 1 61  ? 4.981   2.110   14.817  1.00 17.57  ? 70  SER A OG  1 
ATOM   447  N N   . ASP A 1 62  ? 4.517   4.728   12.790  1.00 17.54  ? 71  ASP A N   1 
ATOM   448  C CA  . ASP A 1 62  ? 5.023   6.098   12.738  1.00 14.39  ? 71  ASP A CA  1 
ATOM   449  C C   . ASP A 1 62  ? 4.078   6.983   11.934  1.00 16.13  ? 71  ASP A C   1 
ATOM   450  O O   . ASP A 1 62  ? 3.738   6.682   10.783  1.00 18.92  ? 71  ASP A O   1 
ATOM   451  C CB  . ASP A 1 62  ? 6.419   6.121   12.101  1.00 13.02  ? 71  ASP A CB  1 
ATOM   452  C CG  . ASP A 1 62  ? 7.173   7.424   12.361  1.00 11.99  ? 71  ASP A CG  1 
ATOM   453  O OD1 . ASP A 1 62  ? 6.597   8.369   12.946  1.00 12.16  ? 71  ASP A OD1 1 
ATOM   454  O OD2 . ASP A 1 62  ? 8.355   7.496   11.974  1.00 10.22  ? 71  ASP A OD2 1 
ATOM   455  N N   . ARG A 1 63  ? 3.662   8.088   12.539  1.00 18.33  ? 72  ARG A N   1 
ATOM   456  C CA  . ARG A 1 63  ? 2.760   9.007   11.867  1.00 19.46  ? 72  ARG A CA  1 
ATOM   457  C C   . ARG A 1 63  ? 3.490   10.138  11.175  1.00 19.34  ? 72  ARG A C   1 
ATOM   458  O O   . ARG A 1 63  ? 4.478   10.656  11.679  1.00 21.01  ? 72  ARG A O   1 
ATOM   459  C CB  . ARG A 1 63  ? 1.774   9.621   12.857  1.00 21.90  ? 72  ARG A CB  1 
ATOM   460  C CG  . ARG A 1 63  ? 0.739   8.677   13.426  1.00 25.43  ? 72  ARG A CG  1 
ATOM   461  C CD  . ARG A 1 63  ? -0.486  9.485   13.762  1.00 29.59  ? 72  ARG A CD  1 
ATOM   462  N NE  . ARG A 1 63  ? -1.442  8.778   14.600  1.00 34.83  ? 72  ARG A NE  1 
ATOM   463  C CZ  . ARG A 1 63  ? -2.452  9.386   15.208  1.00 37.97  ? 72  ARG A CZ  1 
ATOM   464  N NH1 . ARG A 1 63  ? -2.615  10.695  15.054  1.00 37.91  ? 72  ARG A NH1 1 
ATOM   465  N NH2 . ARG A 1 63  ? -3.278  8.696   15.985  1.00 41.44  ? 72  ARG A NH2 1 
ATOM   466  N N   . TYR A 1 64  ? 2.990   10.512  10.005  1.00 20.44  ? 73  TYR A N   1 
ATOM   467  C CA  . TYR A 1 64  ? 3.536   11.624  9.240   1.00 17.63  ? 73  TYR A CA  1 
ATOM   468  C C   . TYR A 1 64  ? 2.331   12.472  8.853   1.00 18.75  ? 73  TYR A C   1 
ATOM   469  O O   . TYR A 1 64  ? 1.187   12.022  8.955   1.00 19.89  ? 73  TYR A O   1 
ATOM   470  C CB  . TYR A 1 64  ? 4.263   11.125  7.990   1.00 15.19  ? 73  TYR A CB  1 
ATOM   471  C CG  . TYR A 1 64  ? 3.430   10.253  7.079   1.00 15.53  ? 73  TYR A CG  1 
ATOM   472  C CD1 . TYR A 1 64  ? 2.538   10.810  6.156   1.00 16.94  ? 73  TYR A CD1 1 
ATOM   473  C CD2 . TYR A 1 64  ? 3.539   8.865   7.130   1.00 16.82  ? 73  TYR A CD2 1 
ATOM   474  C CE1 . TYR A 1 64  ? 1.777   10.002  5.307   1.00 12.50  ? 73  TYR A CE1 1 
ATOM   475  C CE2 . TYR A 1 64  ? 2.786   8.046   6.287   1.00 15.91  ? 73  TYR A CE2 1 
ATOM   476  C CZ  . TYR A 1 64  ? 1.911   8.619   5.379   1.00 16.44  ? 73  TYR A CZ  1 
ATOM   477  O OH  . TYR A 1 64  ? 1.171   7.805   4.549   1.00 16.05  ? 73  TYR A OH  1 
ATOM   478  N N   . LYS A 1 65  ? 2.581   13.700  8.429   1.00 20.62  ? 74  LYS A N   1 
ATOM   479  C CA  . LYS A 1 65  ? 1.503   14.588  8.029   1.00 21.60  ? 74  LYS A CA  1 
ATOM   480  C C   . LYS A 1 65  ? 1.628   14.806  6.525   1.00 22.93  ? 74  LYS A C   1 
ATOM   481  O O   . LYS A 1 65  ? 2.736   14.782  5.974   1.00 22.89  ? 74  LYS A O   1 
ATOM   482  C CB  . LYS A 1 65  ? 1.627   15.930  8.756   1.00 24.50  ? 74  LYS A CB  1 
ATOM   483  C CG  . LYS A 1 65  ? 1.688   15.851  10.283  1.00 26.88  ? 74  LYS A CG  1 
ATOM   484  C CD  . LYS A 1 65  ? 0.310   15.836  10.914  1.00 29.82  ? 74  LYS A CD  1 
ATOM   485  C CE  . LYS A 1 65  ? 0.343   16.494  12.291  1.00 33.52  ? 74  LYS A CE  1 
ATOM   486  N NZ  . LYS A 1 65  ? -1.024  16.701  12.851  1.00 37.16  ? 74  LYS A NZ  1 
ATOM   487  N N   . TYR A 1 66  ? 0.499   14.999  5.854   1.00 22.72  ? 75  TYR A N   1 
ATOM   488  C CA  . TYR A 1 66  ? 0.527   15.239  4.418   1.00 24.75  ? 75  TYR A CA  1 
ATOM   489  C C   . TYR A 1 66  ? -0.666  16.094  4.024   1.00 25.24  ? 75  TYR A C   1 
ATOM   490  O O   . TYR A 1 66  ? -1.688  16.100  4.705   1.00 26.62  ? 75  TYR A O   1 
ATOM   491  C CB  . TYR A 1 66  ? 0.528   13.907  3.645   1.00 23.00  ? 75  TYR A CB  1 
ATOM   492  C CG  . TYR A 1 66  ? -0.821  13.250  3.486   1.00 19.10  ? 75  TYR A CG  1 
ATOM   493  C CD1 . TYR A 1 66  ? -1.696  13.648  2.475   1.00 21.53  ? 75  TYR A CD1 1 
ATOM   494  C CD2 . TYR A 1 66  ? -1.225  12.226  4.343   1.00 17.05  ? 75  TYR A CD2 1 
ATOM   495  C CE1 . TYR A 1 66  ? -2.940  13.039  2.317   1.00 16.82  ? 75  TYR A CE1 1 
ATOM   496  C CE2 . TYR A 1 66  ? -2.472  11.612  4.195   1.00 15.34  ? 75  TYR A CE2 1 
ATOM   497  C CZ  . TYR A 1 66  ? -3.320  12.027  3.178   1.00 15.55  ? 75  TYR A CZ  1 
ATOM   498  O OH  . TYR A 1 66  ? -4.550  11.441  3.015   1.00 18.29  ? 75  TYR A OH  1 
ATOM   499  N N   . LYS A 1 67  ? -0.535  16.824  2.928   1.00 25.61  ? 76  LYS A N   1 
ATOM   500  C CA  . LYS A 1 67  ? -1.623  17.677  2.486   1.00 27.80  ? 76  LYS A CA  1 
ATOM   501  C C   . LYS A 1 67  ? -1.972  17.420  1.032   1.00 28.00  ? 76  LYS A C   1 
ATOM   502  O O   . LYS A 1 67  ? -1.266  16.708  0.320   1.00 29.02  ? 76  LYS A O   1 
ATOM   503  C CB  . LYS A 1 67  ? -1.251  19.153  2.672   1.00 28.10  ? 76  LYS A CB  1 
ATOM   504  C CG  . LYS A 1 67  ? -0.003  19.565  1.913   1.00 30.29  ? 76  LYS A CG  1 
ATOM   505  C CD  . LYS A 1 67  ? 0.308   21.031  2.119   1.00 34.25  ? 76  LYS A CD  1 
ATOM   506  C CE  . LYS A 1 67  ? 1.640   21.400  1.476   1.00 35.83  ? 76  LYS A CE  1 
ATOM   507  N NZ  . LYS A 1 67  ? 1.947   22.850  1.620   1.00 36.14  ? 76  LYS A NZ  1 
ATOM   508  N N   . ARG A 1 68  ? -3.083  18.003  0.610   1.00 29.11  ? 77  ARG A N   1 
ATOM   509  C CA  . ARG A 1 68  ? -3.555  17.888  -0.756  1.00 28.42  ? 77  ARG A CA  1 
ATOM   510  C C   . ARG A 1 68  ? -3.439  19.269  -1.384  1.00 30.47  ? 77  ARG A C   1 
ATOM   511  O O   . ARG A 1 68  ? -3.992  20.240  -0.866  1.00 31.77  ? 77  ARG A O   1 
ATOM   512  C CB  . ARG A 1 68  ? -5.021  17.458  -0.772  1.00 27.00  ? 77  ARG A CB  1 
ATOM   513  C CG  . ARG A 1 68  ? -5.268  16.029  -0.362  1.00 24.36  ? 77  ARG A CG  1 
ATOM   514  C CD  . ARG A 1 68  ? -4.989  15.088  -1.512  1.00 22.46  ? 77  ARG A CD  1 
ATOM   515  N NE  . ARG A 1 68  ? -5.317  13.711  -1.163  1.00 20.50  ? 77  ARG A NE  1 
ATOM   516  C CZ  . ARG A 1 68  ? -5.215  12.688  -2.001  1.00 19.31  ? 77  ARG A CZ  1 
ATOM   517  N NH1 . ARG A 1 68  ? -4.794  12.885  -3.240  1.00 18.08  ? 77  ARG A NH1 1 
ATOM   518  N NH2 . ARG A 1 68  ? -5.531  11.469  -1.599  1.00 20.79  ? 77  ARG A NH2 1 
ATOM   519  N N   . VAL A 1 69  ? -2.692  19.367  -2.473  1.00 31.15  ? 78  VAL A N   1 
ATOM   520  C CA  . VAL A 1 69  ? -2.570  20.635  -3.169  1.00 34.36  ? 78  VAL A CA  1 
ATOM   521  C C   . VAL A 1 69  ? -3.257  20.379  -4.503  1.00 37.86  ? 78  VAL A C   1 
ATOM   522  O O   . VAL A 1 69  ? -2.625  19.948  -5.471  1.00 37.78  ? 78  VAL A O   1 
ATOM   523  C CB  . VAL A 1 69  ? -1.094  21.049  -3.384  1.00 32.74  ? 78  VAL A CB  1 
ATOM   524  C CG1 . VAL A 1 69  ? -1.029  22.342  -4.187  1.00 26.78  ? 78  VAL A CG1 1 
ATOM   525  C CG2 . VAL A 1 69  ? -0.407  21.241  -2.033  1.00 30.13  ? 78  VAL A CG2 1 
ATOM   526  N N   . ASN A 1 70  ? -4.568  20.619  -4.525  1.00 42.18  ? 79  ASN A N   1 
ATOM   527  C CA  . ASN A 1 70  ? -5.385  20.406  -5.716  1.00 43.44  ? 79  ASN A CA  1 
ATOM   528  C C   . ASN A 1 70  ? -5.288  18.957  -6.174  1.00 43.26  ? 79  ASN A C   1 
ATOM   529  O O   . ASN A 1 70  ? -4.824  18.672  -7.280  1.00 45.60  ? 79  ASN A O   1 
ATOM   530  C CB  . ASN A 1 70  ? -4.932  21.339  -6.841  1.00 46.87  ? 79  ASN A CB  1 
ATOM   531  C CG  . ASN A 1 70  ? -5.446  22.754  -6.667  1.00 51.03  ? 79  ASN A CG  1 
ATOM   532  O OD1 . ASN A 1 70  ? -5.355  23.338  -5.583  1.00 52.75  ? 79  ASN A OD1 1 
ATOM   533  N ND2 . ASN A 1 70  ? -5.983  23.319  -7.743  1.00 53.83  ? 79  ASN A ND2 1 
ATOM   534  N N   . GLY A 1 71  ? -5.723  18.038  -5.319  1.00 40.48  ? 80  GLY A N   1 
ATOM   535  C CA  . GLY A 1 71  ? -5.658  16.632  -5.676  1.00 37.49  ? 80  GLY A CA  1 
ATOM   536  C C   . GLY A 1 71  ? -4.274  16.014  -5.524  1.00 34.64  ? 80  GLY A C   1 
ATOM   537  O O   . GLY A 1 71  ? -4.148  14.804  -5.340  1.00 35.67  ? 80  GLY A O   1 
ATOM   538  N N   . ALA A 1 72  ? -3.232  16.835  -5.596  1.00 30.52  ? 81  ALA A N   1 
ATOM   539  C CA  . ALA A 1 72  ? -1.868  16.333  -5.465  1.00 27.81  ? 81  ALA A CA  1 
ATOM   540  C C   . ALA A 1 72  ? -1.489  16.044  -4.012  1.00 27.41  ? 81  ALA A C   1 
ATOM   541  O O   . ALA A 1 72  ? -1.777  16.837  -3.114  1.00 28.04  ? 81  ALA A O   1 
ATOM   542  C CB  . ALA A 1 72  ? -0.894  17.330  -6.063  1.00 24.10  ? 81  ALA A CB  1 
ATOM   543  N N   . ILE A 1 73  ? -0.841  14.902  -3.790  1.00 25.38  ? 82  ILE A N   1 
ATOM   544  C CA  . ILE A 1 73  ? -0.403  14.509  -2.453  1.00 23.73  ? 82  ILE A CA  1 
ATOM   545  C C   . ILE A 1 73  ? 0.954   15.137  -2.149  1.00 22.96  ? 82  ILE A C   1 
ATOM   546  O O   . ILE A 1 73  ? 1.905   15.003  -2.924  1.00 22.67  ? 82  ILE A O   1 
ATOM   547  C CB  . ILE A 1 73  ? -0.256  12.977  -2.326  1.00 21.99  ? 82  ILE A CB  1 
ATOM   548  C CG1 . ILE A 1 73  ? -1.578  12.293  -2.668  1.00 21.83  ? 82  ILE A CG1 1 
ATOM   549  C CG2 . ILE A 1 73  ? 0.160   12.614  -0.902  1.00 20.14  ? 82  ILE A CG2 1 
ATOM   550  C CD1 . ILE A 1 73  ? -1.499  10.785  -2.654  1.00 17.46  ? 82  ILE A CD1 1 
ATOM   551  N N   . VAL A 1 74  ? 1.044   15.825  -1.019  1.00 21.05  ? 83  VAL A N   1 
ATOM   552  C CA  . VAL A 1 74  ? 2.293   16.459  -0.636  1.00 20.24  ? 83  VAL A CA  1 
ATOM   553  C C   . VAL A 1 74  ? 2.682   16.074  0.778   1.00 19.86  ? 83  VAL A C   1 
ATOM   554  O O   . VAL A 1 74  ? 1.958   16.345  1.735   1.00 20.18  ? 83  VAL A O   1 
ATOM   555  C CB  . VAL A 1 74  ? 2.196   17.992  -0.733  1.00 19.59  ? 83  VAL A CB  1 
ATOM   556  C CG1 . VAL A 1 74  ? 3.513   18.621  -0.335  1.00 18.74  ? 83  VAL A CG1 1 
ATOM   557  C CG2 . VAL A 1 74  ? 1.825   18.396  -2.151  1.00 21.23  ? 83  VAL A CG2 1 
ATOM   558  N N   . CYS A 1 75  ? 3.828   15.417  0.893   1.00 21.16  ? 84  CYS A N   1 
ATOM   559  C CA  . CYS A 1 75  ? 4.347   14.997  2.179   1.00 19.69  ? 84  CYS A CA  1 
ATOM   560  C C   . CYS A 1 75  ? 4.995   16.197  2.837   1.00 20.35  ? 84  CYS A C   1 
ATOM   561  O O   . CYS A 1 75  ? 5.870   16.837  2.251   1.00 22.39  ? 84  CYS A O   1 
ATOM   562  C CB  . CYS A 1 75  ? 5.389   13.906  1.990   1.00 15.65  ? 84  CYS A CB  1 
ATOM   563  S SG  . CYS A 1 75  ? 4.727   12.387  1.250   1.00 17.64  ? 84  CYS A SG  1 
ATOM   564  N N   . GLU A 1 76  ? 4.564   16.497  4.056   1.00 22.31  ? 85  GLU A N   1 
ATOM   565  C CA  . GLU A 1 76  ? 5.111   17.628  4.787   1.00 25.67  ? 85  GLU A CA  1 
ATOM   566  C C   . GLU A 1 76  ? 6.370   17.232  5.543   1.00 23.81  ? 85  GLU A C   1 
ATOM   567  O O   . GLU A 1 76  ? 6.563   16.070  5.886   1.00 23.69  ? 85  GLU A O   1 
ATOM   568  C CB  . GLU A 1 76  ? 4.046   18.192  5.728   1.00 27.91  ? 85  GLU A CB  1 
ATOM   569  C CG  . GLU A 1 76  ? 2.765   18.511  4.977   1.00 37.22  ? 85  GLU A CG  1 
ATOM   570  C CD  . GLU A 1 76  ? 2.011   19.688  5.547   1.00 43.11  ? 85  GLU A CD  1 
ATOM   571  O OE1 . GLU A 1 76  ? 1.043   19.466  6.311   1.00 47.43  ? 85  GLU A OE1 1 
ATOM   572  O OE2 . GLU A 1 76  ? 2.394   20.838  5.228   1.00 45.07  ? 85  GLU A OE2 1 
ATOM   573  N N   . LYS A 1 77  ? 7.234   18.208  5.781   1.00 25.48  ? 86  LYS A N   1 
ATOM   574  C CA  . LYS A 1 77  ? 8.491   17.977  6.475   1.00 26.03  ? 86  LYS A CA  1 
ATOM   575  C C   . LYS A 1 77  ? 8.286   17.316  7.846   1.00 23.72  ? 86  LYS A C   1 
ATOM   576  O O   . LYS A 1 77  ? 7.465   17.753  8.655   1.00 22.56  ? 86  LYS A O   1 
ATOM   577  C CB  . LYS A 1 77  ? 9.233   19.310  6.623   1.00 30.38  ? 86  LYS A CB  1 
ATOM   578  C CG  . LYS A 1 77  ? 10.739  19.198  6.831   1.00 37.12  ? 86  LYS A CG  1 
ATOM   579  C CD  . LYS A 1 77  ? 11.404  20.569  6.725   1.00 40.46  ? 86  LYS A CD  1 
ATOM   580  C CE  . LYS A 1 77  ? 12.919  20.469  6.860   1.00 45.42  ? 86  LYS A CE  1 
ATOM   581  N NZ  . LYS A 1 77  ? 13.523  19.540  5.853   1.00 48.86  ? 86  LYS A NZ  1 
ATOM   582  N N   . GLY A 1 78  ? 9.031   16.242  8.085   1.00 21.81  ? 88  GLY A N   1 
ATOM   583  C CA  . GLY A 1 78  ? 8.955   15.524  9.347   1.00 17.96  ? 88  GLY A CA  1 
ATOM   584  C C   . GLY A 1 78  ? 10.331  14.938  9.580   1.00 17.83  ? 88  GLY A C   1 
ATOM   585  O O   . GLY A 1 78  ? 11.331  15.573  9.250   1.00 17.99  ? 88  GLY A O   1 
ATOM   586  N N   . THR A 1 79  ? 10.406  13.743  10.152  1.00 16.78  ? 89  THR A N   1 
ATOM   587  C CA  . THR A 1 79  ? 11.705  13.108  10.351  1.00 16.68  ? 89  THR A CA  1 
ATOM   588  C C   . THR A 1 79  ? 12.046  12.418  9.035   1.00 15.51  ? 89  THR A C   1 
ATOM   589  O O   . THR A 1 79  ? 11.214  12.364  8.129   1.00 15.59  ? 89  THR A O   1 
ATOM   590  C CB  . THR A 1 79  ? 11.666  12.049  11.476  1.00 18.09  ? 89  THR A CB  1 
ATOM   591  O OG1 . THR A 1 79  ? 10.614  11.105  11.220  1.00 20.62  ? 89  THR A OG1 1 
ATOM   592  C CG2 . THR A 1 79  ? 11.430  12.714  12.818  1.00 18.13  ? 89  THR A CG2 1 
ATOM   593  N N   . SER A 1 80  ? 13.260  11.896  8.918   1.00 15.91  ? 90  SER A N   1 
ATOM   594  C CA  . SER A 1 80  ? 13.661  11.209  7.698   1.00 16.61  ? 90  SER A CA  1 
ATOM   595  C C   . SER A 1 80  ? 12.777  9.999   7.450   1.00 15.33  ? 90  SER A C   1 
ATOM   596  O O   . SER A 1 80  ? 12.341  9.755   6.327   1.00 14.00  ? 90  SER A O   1 
ATOM   597  C CB  . SER A 1 80  ? 15.114  10.768  7.792   1.00 17.48  ? 90  SER A CB  1 
ATOM   598  O OG  . SER A 1 80  ? 15.958  11.898  7.836   1.00 27.13  ? 90  SER A OG  1 
ATOM   599  N N   . CYS A 1 81  ? 12.521  9.232   8.502   1.00 14.99  ? 91  CYS A N   1 
ATOM   600  C CA  . CYS A 1 81  ? 11.669  8.061   8.371   1.00 16.97  ? 91  CYS A CA  1 
ATOM   601  C C   . CYS A 1 81  ? 10.279  8.478   7.922   1.00 16.61  ? 91  CYS A C   1 
ATOM   602  O O   . CYS A 1 81  ? 9.699   7.877   7.024   1.00 16.08  ? 91  CYS A O   1 
ATOM   603  C CB  . CYS A 1 81  ? 11.572  7.308   9.696   1.00 14.90  ? 91  CYS A CB  1 
ATOM   604  S SG  . CYS A 1 81  ? 12.932  6.142   10.019  1.00 18.25  ? 91  CYS A SG  1 
ATOM   605  N N   . GLU A 1 82  ? 9.744   9.518   8.546   1.00 15.62  ? 92  GLU A N   1 
ATOM   606  C CA  . GLU A 1 82  ? 8.422   9.995   8.186   1.00 15.63  ? 92  GLU A CA  1 
ATOM   607  C C   . GLU A 1 82  ? 8.349   10.490  6.747   1.00 15.41  ? 92  GLU A C   1 
ATOM   608  O O   . GLU A 1 82  ? 7.378   10.211  6.048   1.00 17.29  ? 92  GLU A O   1 
ATOM   609  C CB  . GLU A 1 82  ? 7.987   11.077  9.172   1.00 14.62  ? 92  GLU A CB  1 
ATOM   610  C CG  . GLU A 1 82  ? 7.459   10.484  10.465  1.00 12.39  ? 92  GLU A CG  1 
ATOM   611  C CD  . GLU A 1 82  ? 7.658   11.374  11.677  1.00 13.14  ? 92  GLU A CD  1 
ATOM   612  O OE1 . GLU A 1 82  ? 7.947   12.579  11.508  1.00 17.63  ? 92  GLU A OE1 1 
ATOM   613  O OE2 . GLU A 1 82  ? 7.512   10.855  12.804  1.00 11.69  ? 92  GLU A OE2 1 
ATOM   614  N N   . ASN A 1 83  ? 9.370   11.205  6.289   1.00 15.74  ? 93  ASN A N   1 
ATOM   615  C CA  . ASN A 1 83  ? 9.354   11.688  4.913   1.00 16.82  ? 93  ASN A CA  1 
ATOM   616  C C   . ASN A 1 83  ? 9.362   10.511  3.926   1.00 17.63  ? 93  ASN A C   1 
ATOM   617  O O   . ASN A 1 83  ? 8.549   10.452  3.004   1.00 16.50  ? 93  ASN A O   1 
ATOM   618  C CB  . ASN A 1 83  ? 10.551  12.601  4.644   1.00 16.17  ? 93  ASN A CB  1 
ATOM   619  C CG  . ASN A 1 83  ? 10.573  13.825  5.550   1.00 21.35  ? 93  ASN A CG  1 
ATOM   620  O OD1 . ASN A 1 83  ? 9.573   14.166  6.187   1.00 22.38  ? 93  ASN A OD1 1 
ATOM   621  N ND2 . ASN A 1 83  ? 11.719  14.499  5.603   1.00 25.19  ? 93  ASN A ND2 1 
ATOM   622  N N   . ARG A 1 84  ? 10.271  9.567   4.144   1.00 18.91  ? 94  ARG A N   1 
ATOM   623  C CA  . ARG A 1 84  ? 10.408  8.399   3.277   1.00 19.51  ? 94  ARG A CA  1 
ATOM   624  C C   . ARG A 1 84  ? 9.225   7.429   3.345   1.00 19.35  ? 94  ARG A C   1 
ATOM   625  O O   . ARG A 1 84  ? 8.900   6.763   2.359   1.00 22.11  ? 94  ARG A O   1 
ATOM   626  C CB  . ARG A 1 84  ? 11.721  7.683   3.605   1.00 19.65  ? 94  ARG A CB  1 
ATOM   627  C CG  . ARG A 1 84  ? 12.925  8.616   3.474   1.00 23.39  ? 94  ARG A CG  1 
ATOM   628  C CD  . ARG A 1 84  ? 14.103  8.176   4.337   1.00 28.30  ? 94  ARG A CD  1 
ATOM   629  N NE  . ARG A 1 84  ? 14.891  7.108   3.727   1.00 29.89  ? 94  ARG A NE  1 
ATOM   630  C CZ  . ARG A 1 84  ? 15.752  6.347   4.397   1.00 33.45  ? 94  ARG A CZ  1 
ATOM   631  N NH1 . ARG A 1 84  ? 15.932  6.536   5.701   1.00 33.98  ? 94  ARG A NH1 1 
ATOM   632  N NH2 . ARG A 1 84  ? 16.434  5.399   3.766   1.00 34.95  ? 94  ARG A NH2 1 
ATOM   633  N N   . ILE A 1 85  ? 8.579   7.343   4.501   1.00 18.04  ? 95  ILE A N   1 
ATOM   634  C CA  . ILE A 1 85  ? 7.424   6.468   4.645   1.00 15.27  ? 95  ILE A CA  1 
ATOM   635  C C   . ILE A 1 85  ? 6.273   7.066   3.844   1.00 17.46  ? 95  ILE A C   1 
ATOM   636  O O   . ILE A 1 85  ? 5.562   6.356   3.124   1.00 18.38  ? 95  ILE A O   1 
ATOM   637  C CB  . ILE A 1 85  ? 6.994   6.347   6.115   1.00 13.89  ? 95  ILE A CB  1 
ATOM   638  C CG1 . ILE A 1 85  ? 8.027   5.522   6.886   1.00 16.29  ? 95  ILE A CG1 1 
ATOM   639  C CG2 . ILE A 1 85  ? 5.619   5.695   6.202   1.00 13.74  ? 95  ILE A CG2 1 
ATOM   640  C CD1 . ILE A 1 85  ? 7.798   5.491   8.388   1.00 20.28  ? 95  ILE A CD1 1 
ATOM   641  N N   . CYS A 1 86  ? 6.094   8.376   3.972   1.00 13.93  ? 96  CYS A N   1 
ATOM   642  C CA  . CYS A 1 86  ? 5.040   9.065   3.249   1.00 14.13  ? 96  CYS A CA  1 
ATOM   643  C C   . CYS A 1 86  ? 5.231   8.910   1.743   1.00 15.11  ? 96  CYS A C   1 
ATOM   644  O O   . CYS A 1 86  ? 4.266   8.689   1.009   1.00 17.99  ? 96  CYS A O   1 
ATOM   645  C CB  . CYS A 1 86  ? 5.030   10.546  3.620   1.00 15.02  ? 96  CYS A CB  1 
ATOM   646  S SG  . CYS A 1 86  ? 3.734   11.524  2.794   1.00 14.62  ? 96  CYS A SG  1 
ATOM   647  N N   . GLU A 1 87  ? 6.473   9.022   1.280   1.00 13.66  ? 97  GLU A N   1 
ATOM   648  C CA  . GLU A 1 87  ? 6.756   8.884   -0.145  1.00 14.46  ? 97  GLU A CA  1 
ATOM   649  C C   . GLU A 1 87  ? 6.358   7.505   -0.648  1.00 16.14  ? 97  GLU A C   1 
ATOM   650  O O   . GLU A 1 87  ? 5.846   7.373   -1.760  1.00 15.48  ? 97  GLU A O   1 
ATOM   651  C CB  . GLU A 1 87  ? 8.239   9.115   -0.433  1.00 13.92  ? 97  GLU A CB  1 
ATOM   652  C CG  . GLU A 1 87  ? 8.665   10.576  -0.392  1.00 17.32  ? 97  GLU A CG  1 
ATOM   653  C CD  . GLU A 1 87  ? 7.835   11.451  -1.305  1.00 20.79  ? 97  GLU A CD  1 
ATOM   654  O OE1 . GLU A 1 87  ? 7.465   10.970  -2.399  1.00 23.82  ? 97  GLU A OE1 1 
ATOM   655  O OE2 . GLU A 1 87  ? 7.563   12.617  -0.934  1.00 20.89  ? 97  GLU A OE2 1 
ATOM   656  N N   . CYS A 1 88  ? 6.599   6.482   0.168   1.00 14.45  ? 98  CYS A N   1 
ATOM   657  C CA  . CYS A 1 88  ? 6.251   5.112   -0.198  1.00 14.32  ? 98  CYS A CA  1 
ATOM   658  C C   . CYS A 1 88  ? 4.737   4.937   -0.278  1.00 16.20  ? 98  CYS A C   1 
ATOM   659  O O   . CYS A 1 88  ? 4.219   4.329   -1.216  1.00 17.13  ? 98  CYS A O   1 
ATOM   660  C CB  . CYS A 1 88  ? 6.796   4.122   0.830   1.00 15.66  ? 98  CYS A CB  1 
ATOM   661  S SG  . CYS A 1 88  ? 8.580   3.775   0.774   1.00 15.55  ? 98  CYS A SG  1 
ATOM   662  N N   . ASP A 1 89  ? 4.033   5.457   0.723   1.00 15.19  ? 99  ASP A N   1 
ATOM   663  C CA  . ASP A 1 89  ? 2.580   5.353   0.760   1.00 13.99  ? 99  ASP A CA  1 
ATOM   664  C C   . ASP A 1 89  ? 1.959   6.110   -0.408  1.00 14.47  ? 99  ASP A C   1 
ATOM   665  O O   . ASP A 1 89  ? 1.046   5.613   -1.073  1.00 15.30  ? 99  ASP A O   1 
ATOM   666  C CB  . ASP A 1 89  ? 2.042   5.901   2.086   1.00 11.73  ? 99  ASP A CB  1 
ATOM   667  C CG  . ASP A 1 89  ? 2.298   4.964   3.255   1.00 10.11  ? 99  ASP A CG  1 
ATOM   668  O OD1 . ASP A 1 89  ? 2.831   3.861   3.037   1.00 11.19  ? 99  ASP A OD1 1 
ATOM   669  O OD2 . ASP A 1 89  ? 1.960   5.325   4.397   1.00 14.65  ? 99  ASP A OD2 1 
ATOM   670  N N   . LYS A 1 90  ? 2.465   7.315   -0.652  1.00 14.05  ? 100 LYS A N   1 
ATOM   671  C CA  . LYS A 1 90  ? 1.979   8.160   -1.738  1.00 15.15  ? 100 LYS A CA  1 
ATOM   672  C C   . LYS A 1 90  ? 2.010   7.419   -3.076  1.00 18.46  ? 100 LYS A C   1 
ATOM   673  O O   . LYS A 1 90  ? 1.076   7.525   -3.882  1.00 20.03  ? 100 LYS A O   1 
ATOM   674  C CB  . LYS A 1 90  ? 2.841   9.421   -1.830  1.00 12.82  ? 100 LYS A CB  1 
ATOM   675  C CG  . LYS A 1 90  ? 2.527   10.326  -3.006  1.00 8.71   ? 100 LYS A CG  1 
ATOM   676  C CD  . LYS A 1 90  ? 3.469   11.506  -3.016  1.00 10.48  ? 100 LYS A CD  1 
ATOM   677  C CE  . LYS A 1 90  ? 3.205   12.414  -4.203  1.00 13.64  ? 100 LYS A CE  1 
ATOM   678  N NZ  . LYS A 1 90  ? 4.159   13.555  -4.201  1.00 16.25  ? 100 LYS A NZ  1 
ATOM   679  N N   . ALA A 1 91  ? 3.089   6.673   -3.309  1.00 15.80  ? 101 ALA A N   1 
ATOM   680  C CA  . ALA A 1 91  ? 3.238   5.924   -4.547  1.00 16.43  ? 101 ALA A CA  1 
ATOM   681  C C   . ALA A 1 91  ? 2.155   4.856   -4.681  1.00 16.98  ? 101 ALA A C   1 
ATOM   682  O O   . ALA A 1 91  ? 1.494   4.755   -5.716  1.00 19.97  ? 101 ALA A O   1 
ATOM   683  C CB  . ALA A 1 91  ? 4.619   5.286   -4.608  1.00 16.15  ? 101 ALA A CB  1 
ATOM   684  N N   . ALA A 1 92  ? 1.971   4.064   -3.631  1.00 15.58  ? 102 ALA A N   1 
ATOM   685  C CA  . ALA A 1 92  ? 0.961   3.012   -3.645  1.00 15.27  ? 102 ALA A CA  1 
ATOM   686  C C   . ALA A 1 92  ? -0.436  3.570   -3.956  1.00 14.75  ? 102 ALA A C   1 
ATOM   687  O O   . ALA A 1 92  ? -1.160  3.009   -4.777  1.00 10.74  ? 102 ALA A O   1 
ATOM   688  C CB  . ALA A 1 92  ? 0.953   2.279   -2.299  1.00 13.14  ? 102 ALA A CB  1 
ATOM   689  N N   . ALA A 1 93  ? -0.805  4.676   -3.308  1.00 15.00  ? 103 ALA A N   1 
ATOM   690  C CA  . ALA A 1 93  ? -2.115  5.291   -3.525  1.00 16.82  ? 103 ALA A CA  1 
ATOM   691  C C   . ALA A 1 93  ? -2.307  5.650   -4.991  1.00 17.41  ? 103 ALA A C   1 
ATOM   692  O O   . ALA A 1 93  ? -3.375  5.412   -5.566  1.00 17.40  ? 103 ALA A O   1 
ATOM   693  C CB  . ALA A 1 93  ? -2.272  6.542   -2.659  1.00 16.61  ? 103 ALA A CB  1 
ATOM   694  N N   . ILE A 1 94  ? -1.274  6.230   -5.593  1.00 17.03  ? 104 ILE A N   1 
ATOM   695  C CA  . ILE A 1 94  ? -1.339  6.606   -7.000  1.00 17.19  ? 104 ILE A CA  1 
ATOM   696  C C   . ILE A 1 94  ? -1.381  5.345   -7.853  1.00 16.27  ? 104 ILE A C   1 
ATOM   697  O O   . ILE A 1 94  ? -2.129  5.257   -8.824  1.00 13.62  ? 104 ILE A O   1 
ATOM   698  C CB  . ILE A 1 94  ? -0.125  7.473   -7.393  1.00 17.14  ? 104 ILE A CB  1 
ATOM   699  C CG1 . ILE A 1 94  ? -0.319  8.890   -6.847  1.00 15.39  ? 104 ILE A CG1 1 
ATOM   700  C CG2 . ILE A 1 94  ? 0.049   7.496   -8.909  1.00 12.93  ? 104 ILE A CG2 1 
ATOM   701  C CD1 . ILE A 1 94  ? 0.946   9.744   -6.873  1.00 16.41  ? 104 ILE A CD1 1 
ATOM   702  N N   . CYS A 1 95  ? -0.580  4.361   -7.475  1.00 16.34  ? 105 CYS A N   1 
ATOM   703  C CA  . CYS A 1 95  ? -0.545  3.103   -8.199  1.00 17.29  ? 105 CYS A CA  1 
ATOM   704  C C   . CYS A 1 95  ? -1.946  2.468   -8.175  1.00 18.78  ? 105 CYS A C   1 
ATOM   705  O O   . CYS A 1 95  ? -2.441  2.004   -9.209  1.00 18.31  ? 105 CYS A O   1 
ATOM   706  C CB  . CYS A 1 95  ? 0.477   2.179   -7.546  1.00 14.67  ? 105 CYS A CB  1 
ATOM   707  S SG  . CYS A 1 95  ? 0.923   0.691   -8.482  1.00 15.29  ? 105 CYS A SG  1 
ATOM   708  N N   . PHE A 1 96  ? -2.574  2.454   -6.996  1.00 16.57  ? 106 PHE A N   1 
ATOM   709  C CA  . PHE A 1 96  ? -3.916  1.893   -6.837  1.00 17.77  ? 106 PHE A CA  1 
ATOM   710  C C   . PHE A 1 96  ? -4.928  2.631   -7.700  1.00 18.52  ? 106 PHE A C   1 
ATOM   711  O O   . PHE A 1 96  ? -5.815  2.021   -8.287  1.00 16.28  ? 106 PHE A O   1 
ATOM   712  C CB  . PHE A 1 96  ? -4.396  1.979   -5.388  1.00 16.82  ? 106 PHE A CB  1 
ATOM   713  C CG  . PHE A 1 96  ? -3.715  1.030   -4.461  1.00 16.55  ? 106 PHE A CG  1 
ATOM   714  C CD1 . PHE A 1 96  ? -3.243  -0.193  -4.919  1.00 19.23  ? 106 PHE A CD1 1 
ATOM   715  C CD2 . PHE A 1 96  ? -3.551  1.358   -3.122  1.00 14.32  ? 106 PHE A CD2 1 
ATOM   716  C CE1 . PHE A 1 96  ? -2.618  -1.079  -4.050  1.00 21.53  ? 106 PHE A CE1 1 
ATOM   717  C CE2 . PHE A 1 96  ? -2.934  0.489   -2.250  1.00 17.08  ? 106 PHE A CE2 1 
ATOM   718  C CZ  . PHE A 1 96  ? -2.461  -0.735  -2.711  1.00 20.93  ? 106 PHE A CZ  1 
ATOM   719  N N   . ARG A 1 97  ? -4.807  3.951   -7.737  1.00 21.35  ? 107 ARG A N   1 
ATOM   720  C CA  . ARG A 1 97  ? -5.702  4.760   -8.534  1.00 22.54  ? 107 ARG A CA  1 
ATOM   721  C C   . ARG A 1 97  ? -5.501  4.439   -10.006 1.00 24.18  ? 107 ARG A C   1 
ATOM   722  O O   . ARG A 1 97  ? -6.429  4.483   -10.789 1.00 27.82  ? 107 ARG A O   1 
ATOM   723  C CB  . ARG A 1 97  ? -5.428  6.253   -8.310  1.00 19.72  ? 107 ARG A CB  1 
ATOM   724  C CG  . ARG A 1 97  ? -6.250  7.144   -9.217  1.00 20.98  ? 107 ARG A CG  1 
ATOM   725  C CD  . ARG A 1 97  ? -7.729  7.055   -8.868  1.00 22.53  ? 107 ARG A CD  1 
ATOM   726  N NE  . ARG A 1 97  ? -8.578  7.783   -9.810  1.00 26.39  ? 107 ARG A NE  1 
ATOM   727  C CZ  . ARG A 1 97  ? -9.042  7.284   -10.953 1.00 28.82  ? 107 ARG A CZ  1 
ATOM   728  N NH1 . ARG A 1 97  ? -8.742  6.042   -11.310 1.00 30.25  ? 107 ARG A NH1 1 
ATOM   729  N NH2 . ARG A 1 97  ? -9.812  8.026   -11.737 1.00 30.53  ? 107 ARG A NH2 1 
ATOM   730  N N   . GLN A 1 98  ? -4.274  4.108   -10.372 1.00 25.06  ? 108 GLN A N   1 
ATOM   731  C CA  . GLN A 1 98  ? -3.925  3.837   -11.757 1.00 26.79  ? 108 GLN A CA  1 
ATOM   732  C C   . GLN A 1 98  ? -4.382  2.478   -12.246 1.00 27.13  ? 108 GLN A C   1 
ATOM   733  O O   . GLN A 1 98  ? -4.447  2.262   -13.449 1.00 26.34  ? 108 GLN A O   1 
ATOM   734  C CB  . GLN A 1 98  ? -2.418  3.908   -11.906 1.00 31.27  ? 108 GLN A CB  1 
ATOM   735  C CG  . GLN A 1 98  ? -1.949  4.274   -13.310 1.00 35.27  ? 108 GLN A CG  1 
ATOM   736  C CD  . GLN A 1 98  ? -0.530  4.801   -13.317 1.00 35.52  ? 108 GLN A CD  1 
ATOM   737  O OE1 . GLN A 1 98  ? 0.006   5.169   -14.381 1.00 38.20  ? 108 GLN A OE1 1 
ATOM   738  N NE2 . GLN A 1 98  ? 0.093   4.858   -12.123 1.00 32.04  ? 108 GLN A NE2 1 
ATOM   739  N N   . ASN A 1 99  ? -4.680  1.566   -11.328 1.00 28.41  ? 109 ASN A N   1 
ATOM   740  C CA  . ASN A 1 99  ? -5.092  0.246   -11.722 1.00 26.13  ? 109 ASN A CA  1 
ATOM   741  C C   . ASN A 1 99  ? -6.459  -0.125  -11.190 1.00 25.91  ? 109 ASN A C   1 
ATOM   742  O O   . ASN A 1 99  ? -6.740  -1.303  -10.967 1.00 25.41  ? 109 ASN A O   1 
ATOM   743  C CB  . ASN A 1 99  ? -4.024  -0.762  -11.278 1.00 25.03  ? 109 ASN A CB  1 
ATOM   744  C CG  . ASN A 1 99  ? -2.690  -0.484  -11.902 1.00 23.91  ? 109 ASN A CG  1 
ATOM   745  O OD1 . ASN A 1 99  ? -2.535  -0.578  -13.110 1.00 25.18  ? 109 ASN A OD1 1 
ATOM   746  N ND2 . ASN A 1 99  ? -1.712  -0.131  -11.079 1.00 27.75  ? 109 ASN A ND2 1 
ATOM   747  N N   . LEU A 1 100 ? -7.325  0.867   -11.007 1.00 26.61  ? 110 LEU A N   1 
ATOM   748  C CA  . LEU A 1 100 ? -8.682  0.594   -10.509 1.00 28.11  ? 110 LEU A CA  1 
ATOM   749  C C   . LEU A 1 100 ? -9.469  -0.169  -11.549 1.00 31.01  ? 110 LEU A C   1 
ATOM   750  O O   . LEU A 1 100 ? -10.291 -1.018  -11.216 1.00 34.31  ? 110 LEU A O   1 
ATOM   751  C CB  . LEU A 1 100 ? -9.442  1.887   -10.227 1.00 25.82  ? 110 LEU A CB  1 
ATOM   752  C CG  . LEU A 1 100 ? -9.454  2.360   -8.771  1.00 25.48  ? 110 LEU A CG  1 
ATOM   753  C CD1 . LEU A 1 100 ? -10.484 3.469   -8.637  1.00 22.88  ? 110 LEU A CD1 1 
ATOM   754  C CD2 . LEU A 1 100 ? -9.815  1.194   -7.833  1.00 26.67  ? 110 LEU A CD2 1 
ATOM   755  N N   . ASN A 1 101 ? -9.214  0.174   -12.807 1.00 33.06  ? 111 ASN A N   1 
ATOM   756  C CA  . ASN A 1 101 ? -9.876  -0.436  -13.947 1.00 33.33  ? 111 ASN A CA  1 
ATOM   757  C C   . ASN A 1 101 ? -9.736  -1.940  -14.016 1.00 31.79  ? 111 ASN A C   1 
ATOM   758  O O   . ASN A 1 101 ? -10.633 -2.617  -14.503 1.00 34.39  ? 111 ASN A O   1 
ATOM   759  C CB  . ASN A 1 101 ? -9.350  0.189   -15.240 1.00 37.71  ? 111 ASN A CB  1 
ATOM   760  C CG  . ASN A 1 101 ? -7.885  0.596   -15.144 1.00 43.19  ? 111 ASN A CG  1 
ATOM   761  O OD1 . ASN A 1 101 ? -7.004  -0.029  -15.746 1.00 42.62  ? 111 ASN A OD1 1 
ATOM   762  N ND2 . ASN A 1 101 ? -7.621  1.659   -14.383 1.00 41.94  ? 111 ASN A ND2 1 
ATOM   763  N N   . THR A 1 102 ? -8.622  -2.464  -13.516 1.00 31.08  ? 112 THR A N   1 
ATOM   764  C CA  . THR A 1 102 ? -8.388  -3.907  -13.553 1.00 28.94  ? 112 THR A CA  1 
ATOM   765  C C   . THR A 1 102 ? -8.461  -4.595  -12.189 1.00 29.97  ? 112 THR A C   1 
ATOM   766  O O   . THR A 1 102 ? -8.020  -5.739  -12.045 1.00 30.70  ? 112 THR A O   1 
ATOM   767  C CB  . THR A 1 102 ? -7.026  -4.231  -14.157 1.00 26.49  ? 112 THR A CB  1 
ATOM   768  O OG1 . THR A 1 102 ? -5.995  -3.649  -13.355 1.00 25.32  ? 112 THR A OG1 1 
ATOM   769  C CG2 . THR A 1 102 ? -6.942  -3.702  -15.574 1.00 25.46  ? 112 THR A CG2 1 
ATOM   770  N N   . TYR A 1 103 ? -8.978  -3.882  -11.190 1.00 29.68  ? 113 TYR A N   1 
ATOM   771  C CA  . TYR A 1 103 ? -9.132  -4.438  -9.858  1.00 29.43  ? 113 TYR A CA  1 
ATOM   772  C C   . TYR A 1 103 ? -10.189 -5.527  -9.978  1.00 30.70  ? 113 TYR A C   1 
ATOM   773  O O   . TYR A 1 103 ? -11.279 -5.289  -10.504 1.00 32.51  ? 113 TYR A O   1 
ATOM   774  C CB  . TYR A 1 103 ? -9.598  -3.355  -8.881  1.00 29.91  ? 113 TYR A CB  1 
ATOM   775  C CG  . TYR A 1 103 ? -9.890  -3.850  -7.475  1.00 30.15  ? 113 TYR A CG  1 
ATOM   776  C CD1 . TYR A 1 103 ? -10.994 -4.665  -7.209  1.00 29.91  ? 113 TYR A CD1 1 
ATOM   777  C CD2 . TYR A 1 103 ? -9.044  -3.528  -6.416  1.00 30.67  ? 113 TYR A CD2 1 
ATOM   778  C CE1 . TYR A 1 103 ? -11.246 -5.146  -5.924  1.00 30.86  ? 113 TYR A CE1 1 
ATOM   779  C CE2 . TYR A 1 103 ? -9.285  -4.004  -5.125  1.00 31.27  ? 113 TYR A CE2 1 
ATOM   780  C CZ  . TYR A 1 103 ? -10.387 -4.814  -4.888  1.00 32.96  ? 113 TYR A CZ  1 
ATOM   781  O OH  . TYR A 1 103 ? -10.634 -5.296  -3.618  1.00 33.51  ? 113 TYR A OH  1 
ATOM   782  N N   . SER A 1 104 ? -9.886  -6.715  -9.470  1.00 31.59  ? 114 SER A N   1 
ATOM   783  C CA  . SER A 1 104 ? -10.827 -7.821  -9.567  1.00 33.37  ? 114 SER A CA  1 
ATOM   784  C C   . SER A 1 104 ? -11.211 -8.412  -8.214  1.00 33.07  ? 114 SER A C   1 
ATOM   785  O O   . SER A 1 104 ? -10.340 -8.779  -7.432  1.00 33.15  ? 114 SER A O   1 
ATOM   786  C CB  . SER A 1 104 ? -10.226 -8.912  -10.446 1.00 34.07  ? 114 SER A CB  1 
ATOM   787  O OG  . SER A 1 104 ? -11.198 -9.888  -10.768 1.00 42.24  ? 114 SER A OG  1 
ATOM   788  N N   . LYS A 1 105 ? -12.512 -8.502  -7.943  1.00 33.31  ? 115 LYS A N   1 
ATOM   789  C CA  . LYS A 1 105 ? -12.992 -9.076  -6.687  1.00 35.79  ? 115 LYS A CA  1 
ATOM   790  C C   . LYS A 1 105 ? -12.525 -10.534 -6.619  1.00 34.82  ? 115 LYS A C   1 
ATOM   791  O O   . LYS A 1 105 ? -12.451 -11.132 -5.547  1.00 32.38  ? 115 LYS A O   1 
ATOM   792  C CB  . LYS A 1 105 ? -14.528 -8.992  -6.613  1.00 40.40  ? 115 LYS A CB  1 
ATOM   793  C CG  . LYS A 1 105 ? -15.062 -7.577  -6.316  1.00 46.03  ? 115 LYS A CG  1 
ATOM   794  C CD  . LYS A 1 105 ? -16.393 -7.287  -7.025  1.00 49.19  ? 115 LYS A CD  1 
ATOM   795  C CE  . LYS A 1 105 ? -17.611 -7.843  -6.292  1.00 51.73  ? 115 LYS A CE  1 
ATOM   796  N NZ  . LYS A 1 105 ? -18.251 -6.830  -5.394  1.00 53.50  ? 115 LYS A NZ  1 
ATOM   797  N N   . LYS A 1 106 ? -12.198 -11.090 -7.778  1.00 34.04  ? 116 LYS A N   1 
ATOM   798  C CA  . LYS A 1 106 ? -11.713 -12.461 -7.876  1.00 36.00  ? 116 LYS A CA  1 
ATOM   799  C C   . LYS A 1 106 ? -10.452 -12.681 -7.022  1.00 36.77  ? 116 LYS A C   1 
ATOM   800  O O   . LYS A 1 106 ? -10.105 -13.821 -6.682  1.00 34.90  ? 116 LYS A O   1 
ATOM   801  C CB  . LYS A 1 106 ? -11.416 -12.787 -9.348  1.00 35.64  ? 116 LYS A CB  1 
ATOM   802  C CG  . LYS A 1 106 ? -10.535 -14.006 -9.575  1.00 39.11  ? 116 LYS A CG  1 
ATOM   803  C CD  . LYS A 1 106 ? -10.327 -14.285 -11.068 1.00 45.34  ? 116 LYS A CD  1 
ATOM   804  C CE  . LYS A 1 106 ? -9.611  -13.136 -11.782 1.00 48.48  ? 116 LYS A CE  1 
ATOM   805  N NZ  . LYS A 1 106 ? -9.383  -13.429 -13.230 1.00 50.11  ? 116 LYS A NZ  1 
ATOM   806  N N   . TYR A 1 107 ? -9.780  -11.585 -6.665  1.00 35.65  ? 117 TYR A N   1 
ATOM   807  C CA  . TYR A 1 107 ? -8.548  -11.657 -5.883  1.00 33.17  ? 117 TYR A CA  1 
ATOM   808  C C   . TYR A 1 107 ? -8.666  -11.326 -4.396  1.00 31.74  ? 117 TYR A C   1 
ATOM   809  O O   . TYR A 1 107 ? -7.680  -11.406 -3.662  1.00 30.24  ? 117 TYR A O   1 
ATOM   810  C CB  . TYR A 1 107 ? -7.475  -10.780 -6.537  1.00 32.67  ? 117 TYR A CB  1 
ATOM   811  C CG  . TYR A 1 107 ? -7.013  -11.324 -7.870  1.00 35.77  ? 117 TYR A CG  1 
ATOM   812  C CD1 . TYR A 1 107 ? -6.419  -12.585 -7.955  1.00 36.22  ? 117 TYR A CD1 1 
ATOM   813  C CD2 . TYR A 1 107 ? -7.203  -10.602 -9.053  1.00 36.34  ? 117 TYR A CD2 1 
ATOM   814  C CE1 . TYR A 1 107 ? -6.030  -13.117 -9.185  1.00 37.50  ? 117 TYR A CE1 1 
ATOM   815  C CE2 . TYR A 1 107 ? -6.817  -11.127 -10.292 1.00 33.97  ? 117 TYR A CE2 1 
ATOM   816  C CZ  . TYR A 1 107 ? -6.233  -12.386 -10.347 1.00 36.51  ? 117 TYR A CZ  1 
ATOM   817  O OH  . TYR A 1 107 ? -5.865  -12.931 -11.557 1.00 37.69  ? 117 TYR A OH  1 
ATOM   818  N N   . MET A 1 108 ? -9.862  -10.953 -3.948  1.00 31.56  ? 118 MET A N   1 
ATOM   819  C CA  . MET A 1 108 ? -10.083 -10.657 -2.533  1.00 31.27  ? 118 MET A CA  1 
ATOM   820  C C   . MET A 1 108 ? -9.965  -11.965 -1.745  1.00 30.08  ? 118 MET A C   1 
ATOM   821  O O   . MET A 1 108 ? -10.362 -13.026 -2.236  1.00 29.56  ? 118 MET A O   1 
ATOM   822  C CB  . MET A 1 108 ? -11.476 -10.045 -2.325  1.00 34.54  ? 118 MET A CB  1 
ATOM   823  C CG  . MET A 1 108 ? -11.545 -8.535  -2.533  1.00 40.21  ? 118 MET A CG  1 
ATOM   824  S SD  . MET A 1 108 ? -13.227 -7.859  -2.429  1.00 41.99  ? 118 MET A SD  1 
ATOM   825  C CE  . MET A 1 108 ? -13.590 -8.116  -0.698  1.00 40.58  ? 118 MET A CE  1 
ATOM   826  N N   . LEU A 1 109 ? -9.416  -11.892 -0.533  1.00 28.57  ? 119 LEU A N   1 
ATOM   827  C CA  . LEU A 1 109 ? -9.242  -13.076 0.319   1.00 27.98  ? 119 LEU A CA  1 
ATOM   828  C C   . LEU A 1 109 ? -8.515  -14.200 -0.421  1.00 27.07  ? 119 LEU A C   1 
ATOM   829  O O   . LEU A 1 109 ? -8.828  -15.377 -0.238  1.00 28.79  ? 119 LEU A O   1 
ATOM   830  C CB  . LEU A 1 109 ? -10.603 -13.598 0.802   1.00 26.42  ? 119 LEU A CB  1 
ATOM   831  C CG  . LEU A 1 109 ? -11.510 -12.686 1.636   1.00 25.82  ? 119 LEU A CG  1 
ATOM   832  C CD1 . LEU A 1 109 ? -12.854 -13.373 1.849   1.00 22.49  ? 119 LEU A CD1 1 
ATOM   833  C CD2 . LEU A 1 109 ? -10.852 -12.368 2.976   1.00 24.90  ? 119 LEU A CD2 1 
ATOM   834  N N   . TYR A 1 110 ? -7.541  -13.841 -1.246  1.00 27.27  ? 120 TYR A N   1 
ATOM   835  C CA  . TYR A 1 110 ? -6.800  -14.829 -2.023  1.00 28.50  ? 120 TYR A CA  1 
ATOM   836  C C   . TYR A 1 110 ? -6.078  -15.839 -1.126  1.00 28.78  ? 120 TYR A C   1 
ATOM   837  O O   . TYR A 1 110 ? -5.373  -15.462 -0.195  1.00 31.07  ? 120 TYR A O   1 
ATOM   838  C CB  . TYR A 1 110 ? -5.795  -14.121 -2.933  1.00 27.29  ? 120 TYR A CB  1 
ATOM   839  C CG  . TYR A 1 110 ? -5.379  -14.934 -4.137  1.00 28.99  ? 120 TYR A CG  1 
ATOM   840  C CD1 . TYR A 1 110 ? -6.305  -15.277 -5.124  1.00 29.34  ? 120 TYR A CD1 1 
ATOM   841  C CD2 . TYR A 1 110 ? -4.061  -15.364 -4.291  1.00 27.87  ? 120 TYR A CD2 1 
ATOM   842  C CE1 . TYR A 1 110 ? -5.928  -16.029 -6.234  1.00 28.98  ? 120 TYR A CE1 1 
ATOM   843  C CE2 . TYR A 1 110 ? -3.675  -16.115 -5.394  1.00 27.62  ? 120 TYR A CE2 1 
ATOM   844  C CZ  . TYR A 1 110 ? -4.611  -16.444 -6.359  1.00 29.10  ? 120 TYR A CZ  1 
ATOM   845  O OH  . TYR A 1 110 ? -4.224  -17.192 -7.444  1.00 34.18  ? 120 TYR A OH  1 
ATOM   846  N N   . PRO A 1 111 ? -6.247  -17.141 -1.403  1.00 29.67  ? 121 PRO A N   1 
ATOM   847  C CA  . PRO A 1 111 ? -5.610  -18.206 -0.616  1.00 29.02  ? 121 PRO A CA  1 
ATOM   848  C C   . PRO A 1 111 ? -4.085  -18.225 -0.713  1.00 27.99  ? 121 PRO A C   1 
ATOM   849  O O   . PRO A 1 111 ? -3.514  -17.943 -1.762  1.00 29.25  ? 121 PRO A O   1 
ATOM   850  C CB  . PRO A 1 111 ? -6.254  -19.476 -1.172  1.00 28.58  ? 121 PRO A CB  1 
ATOM   851  C CG  . PRO A 1 111 ? -6.497  -19.122 -2.603  1.00 27.77  ? 121 PRO A CG  1 
ATOM   852  C CD  . PRO A 1 111 ? -7.051  -17.713 -2.498  1.00 29.80  ? 121 PRO A CD  1 
ATOM   853  N N   . ASP A 1 112 ? -3.440  -18.583 0.392   1.00 26.74  ? 122 ASP A N   1 
ATOM   854  C CA  . ASP A 1 112 ? -1.987  -18.632 0.481   1.00 24.09  ? 122 ASP A CA  1 
ATOM   855  C C   . ASP A 1 112 ? -1.286  -19.588 -0.489  1.00 26.67  ? 122 ASP A C   1 
ATOM   856  O O   . ASP A 1 112 ? -0.428  -19.161 -1.267  1.00 27.35  ? 122 ASP A O   1 
ATOM   857  C CB  . ASP A 1 112 ? -1.586  -18.969 1.922   1.00 23.23  ? 122 ASP A CB  1 
ATOM   858  C CG  . ASP A 1 112 ? -0.078  -19.090 2.106   1.00 25.84  ? 122 ASP A CG  1 
ATOM   859  O OD1 . ASP A 1 112 ? 0.507   -20.071 1.588   1.00 21.19  ? 122 ASP A OD1 1 
ATOM   860  O OD2 . ASP A 1 112 ? 0.516   -18.204 2.772   1.00 23.36  ? 122 ASP A OD2 1 
ATOM   861  N N   . PHE A 1 113 ? -1.647  -20.869 -0.455  1.00 27.50  ? 124 PHE A N   1 
ATOM   862  C CA  . PHE A 1 113 ? -0.998  -21.858 -1.313  1.00 28.00  ? 124 PHE A CA  1 
ATOM   863  C C   . PHE A 1 113 ? -0.922  -21.484 -2.794  1.00 29.43  ? 124 PHE A C   1 
ATOM   864  O O   . PHE A 1 113 ? -0.159  -22.085 -3.546  1.00 29.87  ? 124 PHE A O   1 
ATOM   865  C CB  . PHE A 1 113 ? -1.674  -23.224 -1.174  1.00 26.54  ? 124 PHE A CB  1 
ATOM   866  C CG  . PHE A 1 113 ? -2.945  -23.356 -1.960  1.00 27.22  ? 124 PHE A CG  1 
ATOM   867  C CD1 . PHE A 1 113 ? -4.071  -22.611 -1.619  1.00 26.48  ? 124 PHE A CD1 1 
ATOM   868  C CD2 . PHE A 1 113 ? -3.022  -24.236 -3.040  1.00 26.89  ? 124 PHE A CD2 1 
ATOM   869  C CE1 . PHE A 1 113 ? -5.260  -22.745 -2.339  1.00 23.59  ? 124 PHE A CE1 1 
ATOM   870  C CE2 . PHE A 1 113 ? -4.204  -24.376 -3.766  1.00 21.72  ? 124 PHE A CE2 1 
ATOM   871  C CZ  . PHE A 1 113 ? -5.325  -23.628 -3.413  1.00 23.79  ? 124 PHE A CZ  1 
ATOM   872  N N   . LEU A 1 114 ? -1.704  -20.502 -3.225  1.00 30.88  ? 125 LEU A N   1 
ATOM   873  C CA  . LEU A 1 114 ? -1.662  -20.102 -4.626  1.00 33.12  ? 125 LEU A CA  1 
ATOM   874  C C   . LEU A 1 114 ? -0.594  -19.055 -4.936  1.00 34.00  ? 125 LEU A C   1 
ATOM   875  O O   . LEU A 1 114 ? -0.577  -18.487 -6.027  1.00 35.30  ? 125 LEU A O   1 
ATOM   876  C CB  . LEU A 1 114 ? -3.028  -19.584 -5.085  1.00 32.03  ? 125 LEU A CB  1 
ATOM   877  C CG  . LEU A 1 114 ? -4.085  -20.658 -5.352  1.00 33.97  ? 125 LEU A CG  1 
ATOM   878  C CD1 . LEU A 1 114 ? -5.361  -20.001 -5.847  1.00 33.00  ? 125 LEU A CD1 1 
ATOM   879  C CD2 . LEU A 1 114 ? -3.561  -21.659 -6.379  1.00 32.57  ? 125 LEU A CD2 1 
ATOM   880  N N   . CYS A 1 115 ? 0.304   -18.801 -3.989  1.00 35.48  ? 126 CYS A N   1 
ATOM   881  C CA  . CYS A 1 115 ? 1.358   -17.819 -4.218  1.00 38.18  ? 126 CYS A CA  1 
ATOM   882  C C   . CYS A 1 115 ? 2.734   -18.454 -4.437  1.00 43.68  ? 126 CYS A C   1 
ATOM   883  O O   . CYS A 1 115 ? 3.359   -18.972 -3.509  1.00 43.50  ? 126 CYS A O   1 
ATOM   884  C CB  . CYS A 1 115 ? 1.380   -16.821 -3.066  1.00 33.16  ? 126 CYS A CB  1 
ATOM   885  S SG  . CYS A 1 115 ? -0.201  -15.917 -2.939  1.00 23.87  ? 126 CYS A SG  1 
ATOM   886  N N   . LYS A 1 116 ? 3.184   -18.386 -5.692  1.00 49.17  ? 127 LYS A N   1 
ATOM   887  C CA  . LYS A 1 116 ? 4.455   -18.944 -6.175  1.00 54.33  ? 127 LYS A CA  1 
ATOM   888  C C   . LYS A 1 116 ? 5.722   -18.161 -5.782  1.00 56.90  ? 127 LYS A C   1 
ATOM   889  O O   . LYS A 1 116 ? 6.506   -17.747 -6.638  1.00 56.64  ? 127 LYS A O   1 
ATOM   890  C CB  . LYS A 1 116 ? 4.355   -19.057 -7.698  1.00 55.62  ? 127 LYS A CB  1 
ATOM   891  C CG  . LYS A 1 116 ? 3.049   -19.712 -8.164  1.00 56.03  ? 127 LYS A CG  1 
ATOM   892  C CD  . LYS A 1 116 ? 2.507   -19.075 -9.446  1.00 57.04  ? 127 LYS A CD  1 
ATOM   893  C CE  . LYS A 1 116 ? 1.196   -19.732 -9.904  1.00 57.90  ? 127 LYS A CE  1 
ATOM   894  N NZ  . LYS A 1 116 ? 0.075   -19.633 -8.911  1.00 56.36  ? 127 LYS A NZ  1 
ATOM   895  N N   . GLY A 1 117 ? 5.949   -17.984 -4.491  1.00 60.72  ? 128 GLY A N   1 
ATOM   896  C CA  . GLY A 1 117 ? 7.045   -17.194 -3.876  1.00 64.47  ? 128 GLY A CA  1 
ATOM   897  C C   . GLY A 1 117 ? 8.451   -17.021 -4.508  1.00 65.26  ? 128 GLY A C   1 
ATOM   898  O O   . GLY A 1 117 ? 9.334   -17.839 -4.255  1.00 67.29  ? 128 GLY A O   1 
ATOM   899  N N   . GLU A 1 118 ? 8.676   -15.943 -5.310  1.00 65.39  ? 129 GLU A N   1 
ATOM   900  C CA  . GLU A 1 118 ? 9.999   -15.704 -5.898  1.00 64.38  ? 129 GLU A CA  1 
ATOM   901  C C   . GLU A 1 118 ? 10.317  -14.312 -6.399  1.00 62.18  ? 129 GLU A C   1 
ATOM   902  O O   . GLU A 1 118 ? 11.313  -14.179 -7.103  1.00 62.30  ? 129 GLU A O   1 
ATOM   903  C CB  . GLU A 1 118 ? 10.303  -16.653 -7.090  1.00 65.50  ? 129 GLU A CB  1 
ATOM   904  C CG  . GLU A 1 118 ? 11.681  -17.356 -7.006  1.00 68.33  ? 129 GLU A CG  1 
ATOM   905  C CD  . GLU A 1 118 ? 12.625  -17.161 -8.228  1.00 69.99  ? 129 GLU A CD  1 
ATOM   906  O OE1 . GLU A 1 118 ? 12.292  -17.652 -9.327  1.00 71.57  ? 129 GLU A OE1 1 
ATOM   907  O OE2 . GLU A 1 118 ? 13.680  -16.525 -8.055  1.00 69.86  ? 129 GLU A OE2 1 
ATOM   908  N N   . LEU A 1 119 ? 9.582   -13.252 -6.096  1.00 57.77  ? 130 LEU A N   1 
ATOM   909  C CA  . LEU A 1 119 ? 10.092  -12.023 -6.720  1.00 53.10  ? 130 LEU A CA  1 
ATOM   910  C C   . LEU A 1 119 ? 11.060  -11.273 -5.781  1.00 50.15  ? 130 LEU A C   1 
ATOM   911  O O   . LEU A 1 119 ? 10.664  -10.772 -4.720  1.00 49.30  ? 130 LEU A O   1 
ATOM   912  C CB  . LEU A 1 119 ? 8.961   -11.125 -7.184  1.00 53.38  ? 130 LEU A CB  1 
ATOM   913  C CG  . LEU A 1 119 ? 8.576   -11.269 -8.648  1.00 53.88  ? 130 LEU A CG  1 
ATOM   914  C CD1 . LEU A 1 119 ? 7.437   -10.322 -8.982  1.00 53.78  ? 130 LEU A CD1 1 
ATOM   915  C CD2 . LEU A 1 119 ? 9.767   -11.011 -9.545  1.00 53.38  ? 130 LEU A CD2 1 
ATOM   916  N N   . LYS A 1 120 ? 12.367  -11.186 -6.183  1.00 46.84  ? 131 LYS A N   1 
ATOM   917  C CA  . LYS A 1 120 ? 13.334  -10.428 -5.386  1.00 42.50  ? 131 LYS A CA  1 
ATOM   918  C C   . LYS A 1 120 ? 13.128  -8.959  -5.723  1.00 38.07  ? 131 LYS A C   1 
ATOM   919  O O   . LYS A 1 120 ? 12.944  -8.641  -6.894  1.00 37.67  ? 131 LYS A O   1 
ATOM   920  C CB  . LYS A 1 120 ? 14.788  -10.846 -5.651  1.00 44.10  ? 131 LYS A CB  1 
ATOM   921  C CG  . LYS A 1 120 ? 15.761  -10.345 -4.586  1.00 49.43  ? 131 LYS A CG  1 
ATOM   922  C CD  . LYS A 1 120 ? 17.198  -10.559 -5.009  1.00 51.08  ? 131 LYS A CD  1 
ATOM   923  C CE  . LYS A 1 120 ? 18.165  -10.064 -3.939  1.00 53.56  ? 131 LYS A CE  1 
ATOM   924  N NZ  . LYS A 1 120 ? 19.512  -9.756  -4.490  1.00 55.38  ? 131 LYS A NZ  1 
ATOM   925  N N   . CYS A 1 121 ? 13.143  -8.059  -4.736  1.00 32.45  ? 133 CYS A N   1 
ATOM   926  C CA  . CYS A 1 121 ? 12.920  -6.632  -5.001  1.00 25.23  ? 133 CYS A CA  1 
ATOM   927  C C   . CYS A 1 121 ? 13.996  -5.967  -5.845  1.00 24.97  ? 133 CYS A C   1 
ATOM   928  O O   . CYS A 1 121 ? 15.158  -6.440  -5.828  1.00 24.06  ? 133 CYS A O   1 
ATOM   929  C CB  . CYS A 1 121 ? 12.810  -5.826  -3.703  1.00 23.30  ? 133 CYS A CB  1 
ATOM   930  S SG  . CYS A 1 121 ? 11.410  -6.171  -2.600  1.00 22.83  ? 133 CYS A SG  1 
ATOM   931  O OXT . CYS A 1 121 ? 13.666  -4.941  -6.488  1.00 23.41  ? 133 CYS A OXT 1 
ATOM   932  N N   . ALA B 2 1   ? -12.065 -1.799  11.693  0.50 50.40  ? 1   ALA P N   1 
ATOM   933  C CA  . ALA B 2 1   ? -11.126 -2.166  10.632  0.50 50.37  ? 1   ALA P CA  1 
ATOM   934  C C   . ALA B 2 1   ? -10.248 -0.958  10.248  0.50 50.61  ? 1   ALA P C   1 
ATOM   935  O O   . ALA B 2 1   ? -9.066  -0.874  10.562  0.50 50.60  ? 1   ALA P O   1 
ATOM   936  C CB  . ALA B 2 1   ? -11.882 -2.690  9.414   0.50 49.95  ? 1   ALA P CB  1 
ATOM   937  N N   . LEU B 2 2   ? -10.931 -0.050  9.560   0.50 50.37  ? 2   LEU P N   1 
ATOM   938  C CA  . LEU B 2 2   ? -10.480 1.194   8.935   0.50 50.10  ? 2   LEU P CA  1 
ATOM   939  C C   . LEU B 2 2   ? -9.116  1.725   9.311   0.50 50.91  ? 2   LEU P C   1 
ATOM   940  O O   . LEU B 2 2   ? -8.376  2.169   8.448   0.50 51.38  ? 2   LEU P O   1 
ATOM   941  C CB  . LEU B 2 2   ? -11.566 2.245   9.082   0.50 49.33  ? 2   LEU P CB  1 
ATOM   942  C CG  . LEU B 2 2   ? -12.392 2.407   7.815   0.50 49.16  ? 2   LEU P CG  1 
ATOM   943  C CD1 . LEU B 2 2   ? -11.540 2.985   6.696   0.50 48.97  ? 2   LEU P CD1 1 
ATOM   944  C CD2 . LEU B 2 2   ? -13.009 1.077   7.399   0.50 48.40  ? 2   LEU P CD2 1 
ATOM   945  N N   . ALA B 2 3   ? -8.769  1.696   10.611  0.50 51.32  ? 3   ALA P N   1 
ATOM   946  C CA  . ALA B 2 3   ? -7.504  2.236   11.073  0.50 51.58  ? 3   ALA P CA  1 
ATOM   947  C C   . ALA B 2 3   ? -6.324  1.270   10.933  0.50 51.84  ? 3   ALA P C   1 
ATOM   948  O O   . ALA B 2 3   ? -5.281  1.498   11.548  0.50 51.90  ? 3   ALA P O   1 
ATOM   949  C CB  . ALA B 2 3   ? -7.646  2.671   12.521  0.50 51.88  ? 3   ALA P CB  1 
ATOM   950  N N   . SER B 2 4   ? -6.462  0.180   10.106  0.50 52.51  ? 4   SER P N   1 
ATOM   951  C CA  . SER B 2 4   ? -5.294  -0.736  10.065  0.50 52.42  ? 4   SER P CA  1 
ATOM   952  C C   . SER B 2 4   ? -4.794  -1.459  8.712   0.50 53.34  ? 4   SER P C   1 
ATOM   953  O O   . SER B 2 4   ? -5.102  -1.006  7.609   0.50 52.52  ? 4   SER P O   1 
ATOM   954  C CB  . SER B 2 4   ? -5.441  -1.815  11.152  0.50 51.80  ? 4   SER P CB  1 
ATOM   955  O OG  . SER B 2 4   ? -6.771  -2.294  11.223  0.50 51.02  ? 4   SER P OG  1 
ATOM   956  N N   . LYS B 2 5   ? -4.020  -2.538  8.908   0.50 54.79  ? 5   LYS P N   1 
ATOM   957  C CA  . LYS B 2 5   ? -3.418  -3.307  7.829   0.50 55.60  ? 5   LYS P CA  1 
ATOM   958  C C   . LYS B 2 5   ? -4.393  -3.495  6.680   0.50 55.40  ? 5   LYS P C   1 
ATOM   959  O O   . LYS B 2 5   ? -5.137  -4.481  6.644   0.50 56.70  ? 5   LYS P O   1 
ATOM   960  C CB  . LYS B 2 5   ? -2.958  -4.665  8.346   0.50 54.34  ? 5   LYS P CB  1 
ATOM   961  C CG  . LYS B 2 5   ? -2.144  -5.477  7.356   0.50 52.08  ? 5   LYS P CG  1 
ATOM   962  C CD  . LYS B 2 5   ? -0.665  -5.465  7.718   0.50 50.23  ? 5   LYS P CD  1 
ATOM   963  C CE  . LYS B 2 5   ? 0.219   -5.427  6.485   0.50 49.70  ? 5   LYS P CE  1 
ATOM   964  N NZ  . LYS B 2 5   ? 1.043   -6.661  6.346   0.50 48.29  ? 5   LYS P NZ  1 
HETATM 965  S S   . SO4 C 3 .   ? -16.445 -2.131  -3.791  1.00 100.74 ? 201 SO4 A S   1 
HETATM 966  O O1  . SO4 C 3 .   ? -17.971 -1.977  -3.263  1.00 100.74 ? 201 SO4 A O1  1 
HETATM 967  O O2  . SO4 C 3 .   ? -16.169 -3.553  -3.719  1.00 100.74 ? 201 SO4 A O2  1 
HETATM 968  O O3  . SO4 C 3 .   ? -16.340 -1.652  -5.000  1.00 100.74 ? 201 SO4 A O3  1 
HETATM 969  O O4  . SO4 C 3 .   ? -15.686 -1.445  -2.779  1.00 100.70 ? 201 SO4 A O4  1 
HETATM 970  O O   . HOH D 4 .   ? 11.848  4.385   13.740  1.00 8.03   ? 202 HOH A O   1 
HETATM 971  O O   . HOH D 4 .   ? 2.430   4.420   7.119   1.00 15.66  ? 203 HOH A O   1 
HETATM 972  O O   . HOH D 4 .   ? -5.451  -4.447  -10.699 1.00 16.58  ? 204 HOH A O   1 
HETATM 973  O O   . HOH D 4 .   ? -2.703  -10.650 0.624   1.00 22.96  ? 205 HOH A O   1 
HETATM 974  O O   . HOH D 4 .   ? -0.274  -22.729 1.577   1.00 24.66  ? 206 HOH A O   1 
HETATM 975  O O   . HOH D 4 .   ? -4.598  -1.710  -14.815 1.00 15.53  ? 207 HOH A O   1 
HETATM 976  O O   . HOH D 4 .   ? 15.449  -2.985  -7.629  1.00 13.51  ? 208 HOH A O   1 
HETATM 977  O O   . HOH D 4 .   ? 3.540   1.022   -4.881  1.00 11.85  ? 209 HOH A O   1 
HETATM 978  O O   . HOH D 4 .   ? 9.189   10.261  15.416  1.00 23.40  ? 210 HOH A O   1 
HETATM 979  O O   . HOH D 4 .   ? 5.325   15.085  -1.659  1.00 31.50  ? 211 HOH A O   1 
HETATM 980  O O   . HOH D 4 .   ? 10.729  6.826   0.423   1.00 21.26  ? 212 HOH A O   1 
HETATM 981  O O   . HOH D 4 .   ? -20.522 -2.098  -3.743  1.00 54.80  ? 213 HOH A O   1 
HETATM 982  O O   . HOH D 4 .   ? -6.543  -0.672  -7.621  1.00 14.66  ? 214 HOH A O   1 
HETATM 983  O O   . HOH D 4 .   ? 5.324   2.409   -3.106  1.00 15.37  ? 215 HOH A O   1 
HETATM 984  O O   . HOH D 4 .   ? -9.579  3.289   4.169   1.00 34.78  ? 216 HOH A O   1 
HETATM 985  O O   . HOH D 4 .   ? 16.259  2.543   7.167   1.00 34.62  ? 217 HOH A O   1 
HETATM 986  O O   . HOH D 4 .   ? 4.046   9.161   15.204  1.00 28.84  ? 218 HOH A O   1 
HETATM 987  O O   . HOH D 4 .   ? 1.264   -2.034  -11.009 1.00 45.12  ? 219 HOH A O   1 
HETATM 988  O O   . HOH D 4 .   ? -11.004 5.862   -13.283 1.00 26.84  ? 220 HOH A O   1 
HETATM 989  O O   . HOH D 4 .   ? 14.987  12.410  11.173  1.00 24.64  ? 221 HOH A O   1 
HETATM 990  O O   . HOH D 4 .   ? 10.017  5.307   11.896  1.00 15.06  ? 222 HOH A O   1 
HETATM 991  O O   . HOH D 4 .   ? 12.579  7.194   13.931  1.00 21.83  ? 223 HOH A O   1 
HETATM 992  O O   . HOH D 4 .   ? 16.186  5.005   11.986  1.00 30.39  ? 224 HOH A O   1 
HETATM 993  O O   . HOH D 4 .   ? 14.512  9.128   10.963  1.00 21.94  ? 225 HOH A O   1 
HETATM 994  O O   . HOH D 4 .   ? 6.851   -9.063  1.052   1.00 38.39  ? 226 HOH A O   1 
HETATM 995  O O   . HOH D 4 .   ? -3.491  -5.828  -14.452 1.00 31.09  ? 227 HOH A O   1 
HETATM 996  O O   . HOH D 4 .   ? 6.173   9.011   -4.173  1.00 27.60  ? 228 HOH A O   1 
HETATM 997  O O   . HOH D 4 .   ? -0.833  12.595  10.960  1.00 57.99  ? 229 HOH A O   1 
HETATM 998  O O   . HOH D 4 .   ? -13.125 -3.866  -3.201  1.00 37.93  ? 230 HOH A O   1 
HETATM 999  O O   . HOH D 4 .   ? -7.189  24.858  -9.341  1.00 40.13  ? 231 HOH A O   1 
HETATM 1000 O O   . HOH D 4 .   ? 18.067  0.858   0.657   1.00 37.97  ? 232 HOH A O   1 
HETATM 1001 O O   . HOH D 4 .   ? 16.367  14.617  9.302   1.00 31.07  ? 233 HOH A O   1 
HETATM 1002 O O   . HOH D 4 .   ? -0.199  13.585  -6.144  1.00 25.77  ? 234 HOH A O   1 
HETATM 1003 O O   . HOH D 4 .   ? 9.130   15.906  3.440   1.00 53.10  ? 235 HOH A O   1 
HETATM 1004 O O   . HOH D 4 .   ? 1.214   0.678   -12.290 1.00 28.32  ? 236 HOH A O   1 
HETATM 1005 O O   . HOH D 4 .   ? -4.242  15.412  5.128   1.00 40.64  ? 237 HOH A O   1 
HETATM 1006 O O   . HOH D 4 .   ? 9.143   -12.719 -2.359  1.00 44.15  ? 238 HOH A O   1 
HETATM 1007 O O   . HOH D 4 .   ? -7.020  -8.425  -12.703 1.00 36.96  ? 239 HOH A O   1 
HETATM 1008 O O   . HOH D 4 .   ? 13.677  -3.252  -0.893  1.00 39.15  ? 240 HOH A O   1 
HETATM 1009 O O   . HOH D 4 .   ? 18.910  11.635  8.562   1.00 50.94  ? 241 HOH A O   1 
HETATM 1010 O O   . HOH D 4 .   ? 1.622   -24.832 -2.340  1.00 45.02  ? 242 HOH A O   1 
HETATM 1011 O O   . HOH D 4 .   ? 14.127  17.727  3.875   1.00 53.90  ? 243 HOH A O   1 
HETATM 1012 O O   . HOH D 4 .   ? 0.869   -14.276 0.500   1.00 52.34  ? 244 HOH A O   1 
HETATM 1013 O O   . HOH D 4 .   ? -14.499 -0.518  0.013   1.00 43.87  ? 245 HOH A O   1 
HETATM 1014 O O   . HOH D 4 .   ? -5.058  18.669  2.445   1.00 55.92  ? 246 HOH A O   1 
HETATM 1015 O O   . HOH D 4 .   ? -4.277  15.270  -8.717  1.00 54.00  ? 247 HOH A O   1 
HETATM 1016 O O   . HOH D 4 .   ? 3.293   16.151  -5.107  1.00 54.97  ? 248 HOH A O   1 
HETATM 1017 O O   . HOH D 4 .   ? -6.222  -17.900 -9.313  1.00 45.25  ? 249 HOH A O   1 
HETATM 1018 O O   . HOH D 4 .   ? -5.758  26.883  -7.072  1.00 50.78  ? 250 HOH A O   1 
HETATM 1019 O O   . HOH D 4 .   ? 14.341  13.950  5.916   1.00 59.62  ? 251 HOH A O   1 
HETATM 1020 O O   . HOH D 4 .   ? -7.140  20.221  -3.190  1.00 59.12  ? 252 HOH A O   1 
HETATM 1021 O O   . HOH D 4 .   ? -4.945  11.576  17.327  1.00 37.54  ? 253 HOH A O   1 
HETATM 1022 O O   . HOH D 4 .   ? -4.611  25.202  -9.505  1.00 49.53  ? 254 HOH A O   1 
HETATM 1023 O O   . HOH D 4 .   ? -13.625 -6.559  -12.605 1.00 66.71  ? 255 HOH A O   1 
HETATM 1024 O O   . HOH D 4 .   ? -14.635 -5.992  -9.311  1.00 48.85  ? 256 HOH A O   1 
HETATM 1025 O O   . HOH D 4 .   ? -3.366  -15.727 -12.335 1.00 72.40  ? 257 HOH A O   1 
HETATM 1026 O O   . HOH D 4 .   ? 2.698   3.173   -15.015 1.00 56.16  ? 258 HOH A O   1 
HETATM 1027 O O   . HOH D 4 .   ? 1.318   -13.442 -12.782 1.00 68.08  ? 259 HOH A O   1 
HETATM 1028 O O   . HOH D 4 .   ? 4.684   18.839  9.389   1.00 42.24  ? 260 HOH A O   1 
HETATM 1029 O O   . HOH D 4 .   ? 12.190  -4.000  10.943  1.00 73.66  ? 261 HOH A O   1 
HETATM 1030 O O   . HOH D 4 .   ? -14.647 -8.518  -11.085 1.00 52.46  ? 262 HOH A O   1 
HETATM 1031 O O   . HOH D 4 .   ? -15.957 1.682   -3.956  1.00 71.17  ? 263 HOH A O   1 
HETATM 1032 O O   . HOH D 4 .   ? -8.701  3.718   -13.323 1.00 39.80  ? 264 HOH A O   1 
HETATM 1033 O O   . HOH D 4 .   ? 6.129   13.438  5.933   1.00 48.37  ? 265 HOH A O   1 
HETATM 1034 O O   . HOH D 4 .   ? -8.053  15.852  5.795   1.00 69.66  ? 266 HOH A O   1 
HETATM 1035 O O   . HOH D 4 .   ? -4.476  11.009  10.202  1.00 39.15  ? 267 HOH A O   1 
HETATM 1036 O O   . HOH D 4 .   ? -1.886  5.569   13.386  1.00 54.08  ? 268 HOH A O   1 
HETATM 1037 O O   . HOH D 4 .   ? -0.578  -7.528  -16.434 1.00 40.48  ? 269 HOH A O   1 
HETATM 1038 O O   . HOH D 4 .   ? -6.001  15.281  3.550   1.00 31.36  ? 270 HOH A O   1 
HETATM 1039 O O   . HOH D 4 .   ? -16.489 -8.262  -2.787  1.00 76.66  ? 271 HOH A O   1 
HETATM 1040 O O   . HOH D 4 .   ? -3.861  18.091  11.429  1.00 76.78  ? 272 HOH A O   1 
HETATM 1041 O O   . HOH D 4 .   ? 9.727   -9.575  2.021   1.00 40.77  ? 273 HOH A O   1 
HETATM 1042 O O   . HOH D 4 .   ? 8.351   -7.926  -1.532  1.00 33.12  ? 274 HOH A O   1 
HETATM 1043 O O   . HOH D 4 .   ? 0.869   -15.256 -11.148 1.00 52.29  ? 275 HOH A O   1 
HETATM 1044 O O   . HOH D 4 .   ? -3.754  -8.349  -14.647 1.00 68.29  ? 276 HOH A O   1 
HETATM 1045 O O   . HOH D 4 .   ? 2.462   -3.160  -13.164 1.00 39.67  ? 277 HOH A O   1 
HETATM 1046 O O   . HOH D 4 .   ? 16.425  4.068   9.095   1.00 44.02  ? 278 HOH A O   1 
HETATM 1047 O O   . HOH D 4 .   ? -13.345 -13.356 -2.828  1.00 41.67  ? 279 HOH A O   1 
HETATM 1048 O O   . HOH D 4 .   ? 7.064   17.358  -0.761  1.00 49.37  ? 280 HOH A O   1 
HETATM 1049 O O   . HOH D 4 .   ? -4.359  16.517  13.708  1.00 42.54  ? 281 HOH A O   1 
HETATM 1050 O O   . HOH D 4 .   ? 7.921   5.870   -3.679  1.00 22.51  ? 282 HOH A O   1 
HETATM 1051 O O   . HOH D 4 .   ? 15.751  14.603  3.956   1.00 74.33  ? 283 HOH A O   1 
HETATM 1052 O O   . HOH D 4 .   ? -3.550  -8.300  6.626   1.00 42.05  ? 284 HOH A O   1 
HETATM 1053 O O   . HOH D 4 .   ? 0.968   -3.012  0.809   1.00 45.85  ? 285 HOH A O   1 
HETATM 1054 O O   . HOH D 4 .   ? 1.678   2.944   -10.916 1.00 29.77  ? 286 HOH A O   1 
HETATM 1055 O O   . HOH D 4 .   ? -16.444 0.597   -1.396  1.00 68.33  ? 287 HOH A O   1 
HETATM 1056 O O   . HOH D 4 .   ? 1.450   -16.370 -7.725  1.00 30.90  ? 288 HOH A O   1 
HETATM 1057 O O   . HOH D 4 .   ? -10.238 0.385   6.390   1.00 48.15  ? 289 HOH A O   1 
HETATM 1058 O O   . HOH D 4 .   ? -4.544  13.890  14.635  1.00 63.75  ? 290 HOH A O   1 
HETATM 1059 O O   . HOH D 4 .   ? -7.437  16.844  10.059  1.00 54.36  ? 291 HOH A O   1 
HETATM 1060 O O   . HOH D 4 .   ? -7.825  13.601  8.976   1.00 49.85  ? 292 HOH A O   1 
HETATM 1061 O O   . HOH D 4 .   ? -2.832  14.839  12.356  1.00 66.53  ? 293 HOH A O   1 
HETATM 1062 O O   . HOH D 4 .   ? 6.627   20.884  6.741   1.00 51.07  ? 294 HOH A O   1 
HETATM 1063 O O   . HOH D 4 .   ? -7.163  14.172  11.528  1.00 69.01  ? 295 HOH A O   1 
HETATM 1064 O O   . HOH D 4 .   ? 5.472   14.485  8.501   1.00 47.78  ? 296 HOH A O   1 
HETATM 1065 O O   . HOH D 4 .   ? -7.334  10.490  11.420  1.00 69.70  ? 297 HOH A O   1 
HETATM 1066 O O   . HOH D 4 .   ? -1.457  16.917  15.379  1.00 68.22  ? 298 HOH A O   1 
HETATM 1067 O O   . HOH E 4 .   ? -4.343  -0.284  4.622   1.00 44.37  ? 59  HOH P O   1 
HETATM 1068 O O   . HOH E 4 .   ? -13.531 0.486   11.598  1.00 58.92  ? 65  HOH P O   1 
# 
